data_7WJO
#
_entry.id   7WJO
#
_cell.length_a   1.00
_cell.length_b   1.00
_cell.length_c   1.00
_cell.angle_alpha   90.00
_cell.angle_beta   90.00
_cell.angle_gamma   90.00
#
_symmetry.space_group_name_H-M   'P 1'
#
loop_
_entity.id
_entity.type
_entity.pdbx_description
1 polymer 'Chitin synthase'
2 non-polymer '(2S)-{[(2S,3S,4S)-2-amino-4-hydroxy-4-(5-hydroxypyridin-2-yl)-3-methylbutanoyl]amino}[(2R,3S,4R,5R)-5-(2,4-dioxo-3,4-dihydropyrimidin-1(2H)-yl)-3,4-dihydroxyoxolan-2-yl]acetic acid (non-preferred name)'
#
_entity_poly.entity_id   1
_entity_poly.type   'polypeptide(L)'
_entity_poly.pdbx_seq_one_letter_code
;MSGAPPPSSGFAPRSYGQQPLSHAPRSSMMSVEYDGIPLPPPSIRSCGSQQYVTSYIPTGAAFPPSSVQDMISSMKSYAS
ATDLVRTYSEIPSVEEALSTLDRAAAALNARRYRDALKLYLEGGYAMANVAERQANPKICNLLTSKGFETLNWCARLCDW
IEGRIKEKHPRPGVHKVGIPVSNWDEDWVGPFMDEEEARRMWYTPVYCPHPIDFSNLGYRLRCVETGRRPRLMICITMYN
EGPQQLKATLKKLANNLAYLKEQMPGDEKSLTGAFAGDDVWQNVLVCIVADGREQVHPKTLDYLEAIGLYDEDLLTINSA
GIGAQCHLFEHTLQLSVNGKCLLPIQTVFALKENKASKLDSHHWYFNAFAEQIQPEYTAVMDVGTMLTKSALYHLLFAFE
RNHQIGGACGQLTVDNPFENLSNWVISAQHFEYKISNILDKSLESCFGFISVLPGAFSAYRYEAIRGAPLDAYFQTLNIE
LDVLGPFIGNMYLAEDRILSFEVVARKNCNWTMHYVKDAVARTDVPHDLVGLISQRKRWLNGAFFATLFSIWNWGRIYSE
SKHTFVRKMAFLVFYVYHLLYTAFGFFLPANLYLALFFIVFQGFQQNRLEFIDTSEYSQTVLDCAVYIYNFSYLFGLLML
IIIGLGNNPKHMKLTYYFVGAVFGLMMMLSSLVGAGIFFSTPATVHSIVVSILTVGVYFIASALHGEVHHIFMTFTHYTA
LIPSFVNIFTIYSFCNLQDLSWGTKGLHDDPLLAASLDETEKGDFKDVIAKRRALEELRREEKERVENRKKNFEAFRTNV
LLTWAFSNLIFALFVVYFASSSTYMPVLYIFVASLNTCRLLGSIGHWVYIHTEGLRGRVIDKSECGNGTGRYPQNSYVQL
EEHYAALAEDQRTYASGRTNASVRTVNDVSSAA
;
_entity_poly.pdbx_strand_id   A,B
#
loop_
_chem_comp.id
_chem_comp.type
_chem_comp.name
_chem_comp.formula
BGI non-polymer '(2S)-{[(2S,3S,4S)-2-amino-4-hydroxy-4-(5-hydroxypyridin-2-yl)-3-methylbutanoyl]amino}[(2R,3S,4R,5R)-5-(2,4-dioxo-3,4-dihydropyrimidin-1(2H)-yl)-3,4-dihydroxyoxolan-2-yl]acetic acid (non-preferred name)' 'C20 H25 N5 O10'
#
# COMPACT_ATOMS: atom_id res chain seq x y z
N PRO A 40 -48.20 13.77 -21.26
CA PRO A 40 -48.67 14.97 -20.56
C PRO A 40 -47.75 15.37 -19.40
N PRO A 41 -47.19 16.55 -19.45
CA PRO A 41 -46.27 17.00 -18.40
C PRO A 41 -47.02 17.28 -17.10
N PRO A 42 -46.48 16.85 -15.97
CA PRO A 42 -47.10 17.16 -14.68
C PRO A 42 -46.72 18.58 -14.23
N SER A 43 -47.14 18.93 -13.02
CA SER A 43 -46.83 20.23 -12.44
C SER A 43 -45.42 20.17 -11.85
N ILE A 44 -44.44 20.35 -12.72
CA ILE A 44 -43.03 20.35 -12.34
C ILE A 44 -42.37 21.70 -12.60
N ARG A 45 -43.15 22.78 -12.63
CA ARG A 45 -42.58 24.10 -12.86
C ARG A 45 -41.65 24.49 -11.71
N SER A 46 -42.01 24.15 -10.48
CA SER A 46 -41.21 24.43 -9.30
C SER A 46 -40.79 23.09 -8.69
N CYS A 47 -39.67 22.55 -9.17
CA CYS A 47 -39.14 21.30 -8.67
C CYS A 47 -37.72 21.42 -8.14
N GLY A 48 -36.85 22.16 -8.83
CA GLY A 48 -35.50 22.35 -8.32
C GLY A 48 -35.41 23.40 -7.24
N SER A 49 -36.31 24.39 -7.24
CA SER A 49 -36.28 25.42 -6.23
C SER A 49 -36.79 24.92 -4.89
N GLN A 50 -37.87 24.15 -4.90
CA GLN A 50 -38.43 23.63 -3.65
C GLN A 50 -37.50 22.60 -3.03
N GLN A 51 -37.57 22.50 -1.71
CA GLN A 51 -36.69 21.58 -0.98
C GLN A 51 -36.95 20.14 -1.36
N TYR A 52 -38.21 19.75 -1.50
CA TYR A 52 -38.58 18.36 -1.80
C TYR A 52 -39.80 18.35 -2.70
N VAL A 53 -39.67 17.68 -3.85
CA VAL A 53 -40.76 17.54 -4.81
C VAL A 53 -40.81 16.08 -5.26
N THR A 54 -42.00 15.50 -5.30
CA THR A 54 -42.21 14.15 -5.80
C THR A 54 -42.96 14.23 -7.11
N SER A 55 -42.44 13.56 -8.13
CA SER A 55 -43.06 13.57 -9.45
C SER A 55 -43.06 12.16 -10.03
N TYR A 56 -44.04 11.90 -10.88
CA TYR A 56 -44.14 10.63 -11.61
C TYR A 56 -43.94 10.90 -13.09
N ILE A 57 -42.95 10.26 -13.68
CA ILE A 57 -42.63 10.47 -15.08
C ILE A 57 -43.06 9.24 -15.85
N PRO A 58 -44.20 9.29 -16.55
CA PRO A 58 -44.70 8.10 -17.26
C PRO A 58 -43.89 7.84 -18.52
N THR A 59 -43.59 6.56 -18.78
CA THR A 59 -43.06 6.18 -20.08
C THR A 59 -44.20 5.69 -20.95
N GLY A 60 -44.65 6.55 -21.85
CA GLY A 60 -45.79 6.27 -22.69
C GLY A 60 -45.37 6.18 -24.14
N ALA A 61 -45.69 7.21 -24.91
CA ALA A 61 -45.24 7.39 -26.28
C ALA A 61 -44.58 8.77 -26.43
N ALA A 62 -43.74 9.11 -25.46
CA ALA A 62 -43.03 10.39 -25.38
C ALA A 62 -43.99 11.55 -25.14
N PHE A 63 -43.45 12.66 -24.64
CA PHE A 63 -44.28 13.84 -24.37
C PHE A 63 -44.87 14.38 -25.67
N PRO A 64 -46.13 14.80 -25.66
CA PRO A 64 -46.71 15.36 -26.87
C PRO A 64 -46.02 16.67 -27.23
N PRO A 65 -45.90 16.99 -28.52
CA PRO A 65 -45.29 18.25 -28.92
C PRO A 65 -46.20 19.44 -28.62
N SER A 66 -45.65 20.64 -28.82
CA SER A 66 -46.30 21.93 -28.63
C SER A 66 -46.62 22.23 -27.17
N SER A 67 -46.29 21.32 -26.24
CA SER A 67 -46.48 21.58 -24.82
C SER A 67 -45.18 22.01 -24.13
N VAL A 68 -44.05 21.44 -24.54
CA VAL A 68 -42.76 21.85 -23.98
C VAL A 68 -42.45 23.29 -24.35
N GLN A 69 -42.84 23.71 -25.55
CA GLN A 69 -42.57 25.09 -25.98
C GLN A 69 -43.26 26.10 -25.06
N ASP A 70 -44.51 25.83 -24.68
CA ASP A 70 -45.21 26.73 -23.76
C ASP A 70 -44.53 26.78 -22.41
N MET A 71 -44.10 25.61 -21.89
CA MET A 71 -43.45 25.58 -20.58
C MET A 71 -42.13 26.34 -20.60
N ILE A 72 -41.36 26.19 -21.69
CA ILE A 72 -40.09 26.91 -21.79
C ILE A 72 -40.33 28.40 -21.93
N SER A 73 -41.31 28.81 -22.75
CA SER A 73 -41.55 30.21 -23.02
C SER A 73 -42.29 30.92 -21.89
N SER A 74 -42.86 30.18 -20.95
CA SER A 74 -43.61 30.78 -19.85
C SER A 74 -42.73 31.18 -18.67
N MET A 75 -41.43 30.93 -18.74
CA MET A 75 -40.50 31.23 -17.66
C MET A 75 -39.64 32.41 -18.03
N LYS A 76 -39.61 33.42 -17.15
CA LYS A 76 -38.82 34.62 -17.36
C LYS A 76 -37.56 34.67 -16.50
N SER A 77 -37.46 33.84 -15.47
CA SER A 77 -36.25 33.81 -14.65
C SER A 77 -35.04 33.36 -15.45
N TYR A 78 -35.27 32.57 -16.52
CA TYR A 78 -34.16 32.13 -17.36
C TYR A 78 -33.48 33.31 -18.03
N ALA A 79 -34.25 34.33 -18.40
CA ALA A 79 -33.66 35.53 -18.99
C ALA A 79 -32.75 36.24 -18.02
N SER A 80 -33.18 36.37 -16.76
CA SER A 80 -32.33 37.01 -15.75
C SER A 80 -31.08 36.19 -15.48
N ALA A 81 -31.22 34.86 -15.41
CA ALA A 81 -30.05 34.01 -15.21
C ALA A 81 -29.07 34.14 -16.37
N THR A 82 -29.58 34.17 -17.61
CA THR A 82 -28.72 34.33 -18.76
C THR A 82 -28.03 35.69 -18.77
N ASP A 83 -28.74 36.74 -18.37
CA ASP A 83 -28.14 38.06 -18.29
C ASP A 83 -27.00 38.06 -17.27
N LEU A 84 -27.23 37.47 -16.09
CA LEU A 84 -26.20 37.42 -15.08
C LEU A 84 -24.99 36.61 -15.55
N VAL A 85 -25.23 35.48 -16.21
CA VAL A 85 -24.14 34.66 -16.70
C VAL A 85 -23.33 35.40 -17.77
N ARG A 86 -24.02 36.10 -18.67
CA ARG A 86 -23.33 36.87 -19.69
C ARG A 86 -22.50 37.99 -19.08
N THR A 87 -23.06 38.68 -18.08
CA THR A 87 -22.30 39.73 -17.41
C THR A 87 -21.06 39.18 -16.72
N TYR A 88 -21.20 38.04 -16.04
CA TYR A 88 -20.05 37.45 -15.34
C TYR A 88 -19.00 36.94 -16.32
N SER A 89 -19.44 36.39 -17.46
CA SER A 89 -18.54 35.75 -18.42
C SER A 89 -17.90 36.73 -19.37
N GLU A 90 -18.26 38.02 -19.31
CA GLU A 90 -17.65 39.00 -20.20
C GLU A 90 -16.16 39.13 -19.95
N ILE A 91 -15.76 39.18 -18.69
CA ILE A 91 -14.36 39.39 -18.31
C ILE A 91 -13.72 38.03 -18.08
N PRO A 92 -12.66 37.69 -18.81
CA PRO A 92 -11.99 36.39 -18.57
C PRO A 92 -10.97 36.48 -17.45
N SER A 93 -10.34 35.37 -17.11
CA SER A 93 -9.33 35.32 -16.06
C SER A 93 -8.21 34.40 -16.48
N VAL A 94 -7.04 34.61 -15.89
CA VAL A 94 -5.86 33.80 -16.21
C VAL A 94 -6.10 32.34 -15.82
N GLU A 95 -6.66 32.12 -14.63
CA GLU A 95 -6.86 30.76 -14.15
C GLU A 95 -7.81 29.99 -15.05
N GLU A 96 -8.88 30.63 -15.51
CA GLU A 96 -9.81 29.97 -16.42
C GLU A 96 -9.14 29.59 -17.72
N ALA A 97 -8.31 30.48 -18.27
CA ALA A 97 -7.60 30.17 -19.50
C ALA A 97 -6.66 28.99 -19.32
N LEU A 98 -5.91 28.97 -18.21
CA LEU A 98 -5.00 27.86 -17.96
C LEU A 98 -5.75 26.55 -17.78
N SER A 99 -6.88 26.60 -17.07
CA SER A 99 -7.67 25.38 -16.87
C SER A 99 -8.24 24.87 -18.20
N THR A 100 -8.72 25.78 -19.04
CA THR A 100 -9.24 25.36 -20.34
C THR A 100 -8.14 24.75 -21.20
N LEU A 101 -6.94 25.34 -21.17
CA LEU A 101 -5.83 24.76 -21.93
C LEU A 101 -5.44 23.40 -21.41
N ASP A 102 -5.45 23.22 -20.07
CA ASP A 102 -5.15 21.91 -19.51
C ASP A 102 -6.18 20.87 -19.94
N ARG A 103 -7.46 21.25 -19.94
CA ARG A 103 -8.50 20.36 -20.42
C ARG A 103 -8.32 20.03 -21.89
N ALA A 104 -7.89 21.02 -22.68
CA ALA A 104 -7.63 20.79 -24.09
C ALA A 104 -6.51 19.78 -24.28
N ALA A 105 -5.44 19.91 -23.50
CA ALA A 105 -4.33 18.95 -23.58
C ALA A 105 -4.80 17.56 -23.19
N ALA A 106 -5.61 17.46 -22.13
CA ALA A 106 -6.13 16.16 -21.71
C ALA A 106 -6.99 15.53 -22.80
N ALA A 107 -7.82 16.34 -23.46
CA ALA A 107 -8.63 15.83 -24.56
C ALA A 107 -7.78 15.38 -25.73
N LEU A 108 -6.73 16.15 -26.05
CA LEU A 108 -5.85 15.78 -27.14
C LEU A 108 -5.14 14.46 -26.87
N ASN A 109 -4.70 14.25 -25.63
CA ASN A 109 -4.08 12.98 -25.27
C ASN A 109 -5.05 11.81 -25.40
N ALA A 110 -6.35 12.07 -25.36
CA ALA A 110 -7.37 11.03 -25.52
C ALA A 110 -7.77 10.84 -26.97
N ARG A 111 -7.09 11.52 -27.91
CA ARG A 111 -7.31 11.39 -29.34
C ARG A 111 -8.68 11.88 -29.80
N ARG A 112 -9.30 12.77 -29.03
CA ARG A 112 -10.52 13.46 -29.44
C ARG A 112 -10.12 14.86 -29.91
N TYR A 113 -10.32 15.13 -31.20
CA TYR A 113 -9.71 16.29 -31.83
C TYR A 113 -10.62 17.50 -31.93
N ARG A 114 -11.93 17.31 -32.13
CA ARG A 114 -12.82 18.47 -32.25
C ARG A 114 -12.95 19.20 -30.92
N ASP A 115 -13.14 18.46 -29.83
CA ASP A 115 -13.20 19.09 -28.52
C ASP A 115 -11.88 19.76 -28.17
N ALA A 116 -10.76 19.12 -28.53
CA ALA A 116 -9.46 19.73 -28.31
C ALA A 116 -9.33 21.04 -29.09
N LEU A 117 -9.79 21.07 -30.34
CA LEU A 117 -9.73 22.29 -31.13
C LEU A 117 -10.57 23.39 -30.51
N LYS A 118 -11.79 23.06 -30.08
CA LYS A 118 -12.65 24.06 -29.47
C LYS A 118 -12.04 24.64 -28.20
N LEU A 119 -11.54 23.76 -27.32
CA LEU A 119 -10.95 24.21 -26.08
C LEU A 119 -9.68 25.03 -26.33
N TYR A 120 -8.87 24.62 -27.30
CA TYR A 120 -7.66 25.36 -27.64
C TYR A 120 -8.00 26.75 -28.16
N LEU A 121 -9.01 26.87 -29.01
CA LEU A 121 -9.42 28.19 -29.49
C LEU A 121 -9.92 29.06 -28.34
N GLU A 122 -10.73 28.49 -27.46
CA GLU A 122 -11.24 29.26 -26.32
C GLU A 122 -10.07 29.75 -25.45
N GLY A 123 -9.13 28.87 -25.15
CA GLY A 123 -7.99 29.26 -24.32
C GLY A 123 -7.12 30.31 -24.98
N GLY A 124 -6.88 30.16 -26.28
CA GLY A 124 -6.07 31.14 -26.98
C GLY A 124 -6.70 32.51 -26.99
N TYR A 125 -8.00 32.58 -27.30
CA TYR A 125 -8.68 33.87 -27.27
C TYR A 125 -8.70 34.47 -25.87
N ALA A 126 -8.92 33.62 -24.86
CA ALA A 126 -8.95 34.12 -23.48
C ALA A 126 -7.60 34.71 -23.09
N MET A 127 -6.51 34.01 -23.41
CA MET A 127 -5.18 34.51 -23.07
C MET A 127 -4.86 35.79 -23.83
N ALA A 128 -5.24 35.85 -25.11
CA ALA A 128 -5.00 37.07 -25.88
C ALA A 128 -5.74 38.25 -25.29
N ASN A 129 -6.98 38.04 -24.85
CA ASN A 129 -7.73 39.12 -24.21
C ASN A 129 -7.10 39.52 -22.87
N VAL A 130 -6.68 38.53 -22.08
CA VAL A 130 -6.15 38.81 -20.75
C VAL A 130 -4.84 39.56 -20.82
N ALA A 131 -4.01 39.26 -21.83
CA ALA A 131 -2.65 39.78 -21.89
C ALA A 131 -2.60 41.30 -21.75
N GLU A 132 -3.60 41.99 -22.32
CA GLU A 132 -3.58 43.45 -22.27
C GLU A 132 -3.83 43.97 -20.85
N ARG A 133 -4.66 43.27 -20.08
CA ARG A 133 -5.04 43.77 -18.75
C ARG A 133 -3.88 43.72 -17.77
N GLN A 134 -3.02 42.71 -17.89
CA GLN A 134 -1.94 42.53 -16.92
C GLN A 134 -0.94 43.68 -16.99
N ALA A 135 -0.43 44.08 -15.82
CA ALA A 135 0.50 45.21 -15.73
C ALA A 135 1.96 44.79 -15.73
N ASN A 136 2.28 43.57 -15.33
CA ASN A 136 3.66 43.11 -15.33
C ASN A 136 4.14 42.91 -16.76
N PRO A 137 5.23 43.57 -17.18
CA PRO A 137 5.67 43.42 -18.57
C PRO A 137 6.01 41.99 -18.97
N LYS A 138 6.71 41.24 -18.10
CA LYS A 138 7.06 39.87 -18.45
C LYS A 138 5.81 39.01 -18.61
N ILE A 139 4.85 39.15 -17.69
CA ILE A 139 3.62 38.37 -17.79
C ILE A 139 2.86 38.74 -19.05
N CYS A 140 2.78 40.02 -19.37
CA CYS A 140 2.08 40.45 -20.58
C CYS A 140 2.72 39.86 -21.83
N ASN A 141 4.05 39.92 -21.92
CA ASN A 141 4.74 39.38 -23.09
C ASN A 141 4.54 37.88 -23.20
N LEU A 142 4.67 37.16 -22.09
CA LEU A 142 4.50 35.71 -22.12
C LEU A 142 3.07 35.34 -22.51
N LEU A 143 2.08 36.03 -21.97
CA LEU A 143 0.69 35.75 -22.31
C LEU A 143 0.42 36.01 -23.78
N THR A 144 0.93 37.13 -24.31
CA THR A 144 0.73 37.43 -25.72
C THR A 144 1.35 36.37 -26.62
N SER A 145 2.60 36.00 -26.32
CA SER A 145 3.27 34.98 -27.13
C SER A 145 2.55 33.65 -27.06
N LYS A 146 2.10 33.24 -25.86
CA LYS A 146 1.40 31.98 -25.72
C LYS A 146 0.07 32.01 -26.47
N GLY A 147 -0.64 33.13 -26.43
CA GLY A 147 -1.88 33.23 -27.17
C GLY A 147 -1.68 33.09 -28.67
N PHE A 148 -0.67 33.78 -29.20
CA PHE A 148 -0.38 33.66 -30.63
C PHE A 148 0.01 32.24 -31.00
N GLU A 149 0.85 31.60 -30.18
CA GLU A 149 1.25 30.22 -30.47
C GLU A 149 0.06 29.29 -30.45
N THR A 150 -0.83 29.45 -29.46
CA THR A 150 -2.00 28.59 -29.38
C THR A 150 -2.91 28.79 -30.58
N LEU A 151 -3.09 30.03 -31.03
CA LEU A 151 -3.93 30.27 -32.21
C LEU A 151 -3.31 29.66 -33.45
N ASN A 152 -1.99 29.77 -33.61
CA ASN A 152 -1.34 29.14 -34.77
C ASN A 152 -1.50 27.62 -34.73
N TRP A 153 -1.36 27.03 -33.54
CA TRP A 153 -1.59 25.59 -33.42
C TRP A 153 -3.03 25.22 -33.73
N CYS A 154 -3.99 26.07 -33.33
CA CYS A 154 -5.38 25.82 -33.69
C CYS A 154 -5.56 25.81 -35.20
N ALA A 155 -4.94 26.77 -35.89
CA ALA A 155 -5.03 26.80 -37.35
C ALA A 155 -4.44 25.54 -37.96
N ARG A 156 -3.27 25.11 -37.47
CA ARG A 156 -2.65 23.91 -38.01
C ARG A 156 -3.50 22.68 -37.76
N LEU A 157 -4.08 22.57 -36.57
CA LEU A 157 -4.95 21.43 -36.25
C LEU A 157 -6.20 21.43 -37.11
N CYS A 158 -6.78 22.61 -37.36
CA CYS A 158 -7.93 22.69 -38.24
C CYS A 158 -7.57 22.23 -39.65
N ASP A 159 -6.42 22.66 -40.15
CA ASP A 159 -5.98 22.21 -41.47
C ASP A 159 -5.77 20.70 -41.50
N TRP A 160 -5.20 20.14 -40.43
CA TRP A 160 -5.00 18.70 -40.37
C TRP A 160 -6.33 17.96 -40.38
N ILE A 161 -7.31 18.47 -39.63
CA ILE A 161 -8.63 17.84 -39.60
C ILE A 161 -9.27 17.88 -40.98
N GLU A 162 -9.17 19.02 -41.67
CA GLU A 162 -9.73 19.13 -43.01
C GLU A 162 -9.03 18.20 -44.00
N GLY A 163 -7.82 17.73 -43.67
CA GLY A 163 -7.10 16.83 -44.54
C GLY A 163 -6.00 17.47 -45.36
N ARG A 164 -5.77 18.78 -45.20
CA ARG A 164 -4.74 19.45 -45.99
C ARG A 164 -3.34 18.99 -45.60
N ILE A 165 -3.13 18.72 -44.31
CA ILE A 165 -1.83 18.30 -43.79
C ILE A 165 -1.92 16.83 -43.39
N LYS A 166 -1.00 16.02 -43.91
CA LYS A 166 -0.98 14.59 -43.65
C LYS A 166 0.17 14.28 -42.72
N GLU A 167 -0.14 14.00 -41.45
CA GLU A 167 0.85 13.72 -40.43
C GLU A 167 0.29 12.70 -39.46
N LYS A 168 1.17 12.13 -38.65
CA LYS A 168 0.79 11.14 -37.64
C LYS A 168 1.02 11.71 -36.25
N HIS A 169 0.01 11.59 -35.39
CA HIS A 169 0.07 12.06 -34.02
C HIS A 169 0.49 13.53 -33.92
N PRO A 170 -0.24 14.44 -34.56
CA PRO A 170 0.15 15.85 -34.49
C PRO A 170 0.09 16.38 -33.07
N ARG A 171 1.05 17.23 -32.72
CA ARG A 171 1.17 17.82 -31.41
C ARG A 171 1.52 19.29 -31.59
N PRO A 172 1.31 20.11 -30.56
CA PRO A 172 1.72 21.51 -30.66
C PRO A 172 3.21 21.62 -30.97
N GLY A 173 3.54 22.57 -31.84
CA GLY A 173 4.91 22.70 -32.30
C GLY A 173 5.86 23.05 -31.17
N VAL A 174 7.09 22.55 -31.28
CA VAL A 174 8.11 22.83 -30.28
C VAL A 174 8.51 24.30 -30.37
N HIS A 175 8.51 24.97 -29.21
CA HIS A 175 8.82 26.40 -29.17
C HIS A 175 9.54 26.68 -27.86
N LYS A 176 10.84 26.93 -27.94
CA LYS A 176 11.64 27.25 -26.76
C LYS A 176 11.76 28.76 -26.64
N VAL A 177 11.75 29.25 -25.41
CA VAL A 177 11.73 30.68 -25.12
C VAL A 177 12.96 31.03 -24.31
N GLY A 178 13.69 32.07 -24.73
CA GLY A 178 14.82 32.58 -23.99
C GLY A 178 14.45 33.90 -23.34
N ILE A 179 14.75 34.01 -22.04
CA ILE A 179 14.43 35.23 -21.30
C ILE A 179 15.67 35.69 -20.54
N PRO A 180 15.80 36.99 -20.24
CA PRO A 180 16.91 37.45 -19.42
C PRO A 180 16.86 36.86 -18.03
N VAL A 181 18.03 36.61 -17.46
CA VAL A 181 18.13 36.10 -16.10
C VAL A 181 17.93 37.23 -15.12
N SER A 182 17.19 36.96 -14.03
CA SER A 182 16.86 38.02 -13.08
C SER A 182 18.11 38.58 -12.41
N ASN A 183 19.02 37.71 -11.99
CA ASN A 183 20.25 38.12 -11.30
C ASN A 183 21.43 37.90 -12.24
N TRP A 184 22.16 38.97 -12.54
CA TRP A 184 23.35 38.90 -13.37
C TRP A 184 24.49 39.60 -12.64
N ASP A 185 25.62 38.90 -12.49
CA ASP A 185 26.75 39.43 -11.74
C ASP A 185 27.58 40.33 -12.64
N GLU A 186 27.50 41.64 -12.39
CA GLU A 186 28.37 42.57 -13.12
C GLU A 186 29.83 42.34 -12.78
N ASP A 187 30.13 42.10 -11.50
CA ASP A 187 31.51 41.86 -11.04
C ASP A 187 31.81 40.38 -11.16
N TRP A 188 32.04 39.94 -12.39
CA TRP A 188 32.41 38.55 -12.66
C TRP A 188 33.32 38.52 -13.86
N VAL A 189 34.53 37.99 -13.67
CA VAL A 189 35.54 37.94 -14.72
C VAL A 189 35.62 36.51 -15.23
N GLY A 190 35.46 36.34 -16.54
CA GLY A 190 35.52 35.04 -17.15
C GLY A 190 36.38 35.05 -18.40
N PRO A 191 36.58 33.88 -19.00
CA PRO A 191 37.42 33.83 -20.21
C PRO A 191 36.85 34.65 -21.36
N PHE A 192 35.67 34.28 -21.84
CA PHE A 192 34.95 35.08 -22.82
C PHE A 192 33.51 34.60 -22.90
N MET A 193 32.55 35.50 -22.71
CA MET A 193 31.14 35.15 -22.74
C MET A 193 30.40 36.09 -23.68
N ASP A 194 29.69 35.51 -24.63
CA ASP A 194 28.80 36.29 -25.48
C ASP A 194 27.60 36.77 -24.64
N GLU A 195 27.13 37.98 -24.96
CA GLU A 195 26.05 38.57 -24.19
C GLU A 195 24.80 37.70 -24.24
N GLU A 196 24.49 37.16 -25.42
CA GLU A 196 23.34 36.27 -25.55
C GLU A 196 23.49 35.03 -24.67
N GLU A 197 24.68 34.43 -24.68
CA GLU A 197 24.90 33.26 -23.83
C GLU A 197 24.98 33.63 -22.36
N ALA A 198 25.53 34.80 -22.04
CA ALA A 198 25.76 35.17 -20.65
C ALA A 198 24.49 35.62 -19.94
N ARG A 199 23.55 36.26 -20.64
CA ARG A 199 22.43 36.89 -19.98
C ARG A 199 21.09 36.22 -20.21
N ARG A 200 20.99 35.26 -21.13
CA ARG A 200 19.73 34.66 -21.51
C ARG A 200 19.67 33.20 -21.08
N MET A 201 18.61 32.83 -20.38
CA MET A 201 18.33 31.45 -20.03
C MET A 201 17.20 30.93 -20.91
N TRP A 202 17.34 29.69 -21.40
CA TRP A 202 16.39 29.13 -22.35
C TRP A 202 15.55 28.05 -21.70
N TYR A 203 14.29 27.95 -22.12
CA TYR A 203 13.38 26.97 -21.55
C TYR A 203 12.58 26.30 -22.66
N THR A 204 12.33 25.00 -22.51
CA THR A 204 11.36 24.35 -23.37
C THR A 204 10.70 23.17 -22.67
N PRO A 205 9.40 22.97 -22.87
CA PRO A 205 8.74 21.76 -22.38
C PRO A 205 8.78 20.64 -23.41
N VAL A 206 9.08 19.42 -22.98
CA VAL A 206 9.18 18.27 -23.87
C VAL A 206 8.09 17.27 -23.51
N TYR A 207 7.39 16.79 -24.53
CA TYR A 207 6.32 15.80 -24.38
C TYR A 207 6.79 14.38 -24.69
N CYS A 208 8.02 14.23 -25.21
CA CYS A 208 8.52 12.96 -25.72
C CYS A 208 8.25 11.80 -24.76
N PRO A 209 7.32 10.90 -25.11
CA PRO A 209 7.01 9.79 -24.19
C PRO A 209 8.09 8.72 -24.16
N HIS A 210 8.66 8.38 -25.31
CA HIS A 210 9.78 7.45 -25.38
C HIS A 210 11.05 8.25 -25.62
N PRO A 211 11.97 8.31 -24.67
CA PRO A 211 13.13 9.20 -24.82
C PRO A 211 14.00 8.91 -26.04
N ILE A 212 13.84 7.73 -26.66
CA ILE A 212 14.60 7.43 -27.87
C ILE A 212 14.22 8.38 -29.00
N ASP A 213 13.00 8.90 -28.97
CA ASP A 213 12.47 9.74 -30.04
C ASP A 213 12.70 11.23 -29.78
N PHE A 214 13.61 11.58 -28.87
CA PHE A 214 13.84 12.98 -28.53
C PHE A 214 14.32 13.77 -29.74
N SER A 215 15.24 13.20 -30.52
CA SER A 215 15.79 13.92 -31.67
C SER A 215 14.82 13.93 -32.84
N ASN A 216 13.96 12.92 -32.95
CA ASN A 216 13.02 12.86 -34.07
C ASN A 216 11.92 13.91 -33.94
N LEU A 217 11.46 14.16 -32.71
CA LEU A 217 10.37 15.12 -32.51
C LEU A 217 10.78 16.55 -32.76
N GLY A 218 12.07 16.83 -32.90
CA GLY A 218 12.54 18.15 -33.24
C GLY A 218 13.13 18.96 -32.11
N TYR A 219 13.26 18.37 -30.91
CA TYR A 219 13.87 19.10 -29.81
C TYR A 219 15.38 19.22 -30.01
N ARG A 220 15.92 20.38 -29.64
CA ARG A 220 17.35 20.64 -29.76
C ARG A 220 17.84 21.31 -28.49
N LEU A 221 19.14 21.15 -28.23
CA LEU A 221 19.81 21.78 -27.10
C LEU A 221 20.62 22.98 -27.58
N ARG A 222 20.90 23.89 -26.64
CA ARG A 222 21.63 25.11 -26.99
C ARG A 222 23.03 24.79 -27.50
N CYS A 223 23.68 23.77 -26.95
CA CYS A 223 25.03 23.42 -27.39
C CYS A 223 25.05 23.05 -28.86
N VAL A 224 24.07 22.25 -29.31
CA VAL A 224 24.02 21.86 -30.71
C VAL A 224 23.73 23.06 -31.59
N GLU A 225 22.81 23.94 -31.17
CA GLU A 225 22.48 25.11 -31.97
C GLU A 225 23.69 26.04 -32.11
N THR A 226 24.41 26.27 -31.02
CA THR A 226 25.56 27.16 -31.05
C THR A 226 26.75 26.56 -31.80
N GLY A 227 26.70 25.28 -32.15
CA GLY A 227 27.79 24.63 -32.84
C GLY A 227 28.81 23.96 -31.96
N ARG A 228 28.73 24.14 -30.65
CA ARG A 228 29.63 23.46 -29.74
C ARG A 228 29.33 21.97 -29.71
N ARG A 229 30.38 21.16 -29.59
CA ARG A 229 30.26 19.71 -29.56
C ARG A 229 30.98 19.20 -28.32
N PRO A 230 30.31 19.15 -27.17
CA PRO A 230 30.97 18.69 -25.95
C PRO A 230 31.42 17.25 -26.07
N ARG A 231 32.56 16.95 -25.44
CA ARG A 231 33.14 15.62 -25.46
C ARG A 231 32.95 14.85 -24.16
N LEU A 232 32.58 15.53 -23.08
CA LEU A 232 32.36 14.90 -21.79
C LEU A 232 31.03 15.37 -21.23
N MET A 233 30.25 14.42 -20.70
CA MET A 233 28.95 14.73 -20.11
C MET A 233 28.89 14.18 -18.70
N ILE A 234 28.35 14.97 -17.78
CA ILE A 234 28.24 14.59 -16.38
C ILE A 234 26.77 14.71 -15.98
N CYS A 235 26.23 13.65 -15.38
CA CYS A 235 24.85 13.61 -14.92
C CYS A 235 24.81 13.67 -13.41
N ILE A 236 23.95 14.53 -12.86
CA ILE A 236 23.82 14.71 -11.42
C ILE A 236 22.37 14.46 -11.07
N THR A 237 22.06 13.22 -10.69
CA THR A 237 20.70 12.89 -10.28
C THR A 237 20.38 13.56 -8.96
N MET A 238 19.15 14.07 -8.84
CA MET A 238 18.72 14.82 -7.67
C MET A 238 17.30 14.42 -7.30
N TYR A 239 17.04 14.34 -6.00
CA TYR A 239 15.69 14.09 -5.50
C TYR A 239 15.66 14.44 -4.02
N ASN A 240 14.87 15.46 -3.65
CA ASN A 240 14.65 15.83 -2.26
C ASN A 240 15.98 16.12 -1.55
N GLU A 241 16.68 17.14 -2.04
CA GLU A 241 17.98 17.50 -1.54
C GLU A 241 18.02 18.98 -1.17
N GLY A 242 18.85 19.32 -0.19
CA GLY A 242 19.03 20.68 0.24
C GLY A 242 19.91 21.47 -0.72
N PRO A 243 19.85 22.80 -0.64
CA PRO A 243 20.71 23.63 -1.50
C PRO A 243 22.19 23.44 -1.27
N GLN A 244 22.61 23.16 -0.03
CA GLN A 244 24.02 23.10 0.28
C GLN A 244 24.73 21.99 -0.48
N GLN A 245 24.10 20.81 -0.59
CA GLN A 245 24.72 19.70 -1.30
C GLN A 245 24.94 20.03 -2.77
N LEU A 246 23.93 20.61 -3.41
CA LEU A 246 24.07 20.98 -4.82
C LEU A 246 25.13 22.06 -4.99
N LYS A 247 25.16 23.04 -4.09
CA LYS A 247 26.17 24.08 -4.17
C LYS A 247 27.58 23.50 -4.05
N ALA A 248 27.77 22.57 -3.11
CA ALA A 248 29.08 21.95 -2.94
C ALA A 248 29.47 21.14 -4.16
N THR A 249 28.53 20.39 -4.73
CA THR A 249 28.83 19.59 -5.92
C THR A 249 29.24 20.48 -7.09
N LEU A 250 28.50 21.57 -7.31
CA LEU A 250 28.84 22.48 -8.40
C LEU A 250 30.18 23.15 -8.17
N LYS A 251 30.47 23.55 -6.93
CA LYS A 251 31.78 24.14 -6.63
C LYS A 251 32.90 23.17 -6.90
N LYS A 252 32.73 21.90 -6.52
CA LYS A 252 33.76 20.91 -6.76
C LYS A 252 33.97 20.67 -8.25
N LEU A 253 32.89 20.62 -9.02
CA LEU A 253 33.03 20.47 -10.47
C LEU A 253 33.76 21.66 -11.08
N ALA A 254 33.45 22.87 -10.63
CA ALA A 254 34.14 24.04 -11.13
C ALA A 254 35.62 23.99 -10.79
N ASN A 255 35.96 23.52 -9.59
CA ASN A 255 37.37 23.38 -9.21
C ASN A 255 38.08 22.35 -10.10
N ASN A 256 37.40 21.25 -10.43
CA ASN A 256 38.00 20.27 -11.33
C ASN A 256 38.25 20.87 -12.70
N LEU A 257 37.30 21.64 -13.22
CA LEU A 257 37.50 22.30 -14.50
C LEU A 257 38.65 23.28 -14.44
N ALA A 258 38.77 24.03 -13.33
CA ALA A 258 39.87 24.96 -13.17
C ALA A 258 41.21 24.23 -13.16
N TYR A 259 41.27 23.10 -12.47
CA TYR A 259 42.51 22.32 -12.45
C TYR A 259 42.85 21.81 -13.84
N LEU A 260 41.86 21.36 -14.60
CA LEU A 260 42.11 20.93 -15.98
C LEU A 260 42.62 22.08 -16.84
N LYS A 261 42.08 23.29 -16.63
CA LYS A 261 42.50 24.44 -17.42
C LYS A 261 43.97 24.77 -17.18
N GLU A 262 44.41 24.72 -15.93
CA GLU A 262 45.78 25.12 -15.58
C GLU A 262 46.81 24.03 -15.86
N GLN A 263 46.43 22.98 -16.57
CA GLN A 263 47.36 21.90 -16.88
C GLN A 263 48.54 22.41 -17.68
N MET A 264 49.75 22.03 -17.27
CA MET A 264 50.95 22.50 -17.95
C MET A 264 51.07 21.83 -19.31
N PRO A 265 51.44 22.57 -20.35
CA PRO A 265 51.62 21.96 -21.67
C PRO A 265 53.02 21.41 -21.86
N GLY A 266 53.15 20.53 -22.85
CA GLY A 266 54.44 19.94 -23.19
C GLY A 266 55.01 18.99 -22.15
N ASP A 267 54.15 18.20 -21.51
CA ASP A 267 54.57 17.20 -20.55
C ASP A 267 54.06 15.83 -20.96
N GLU A 268 54.73 14.78 -20.46
CA GLU A 268 54.29 13.43 -20.74
C GLU A 268 52.97 13.11 -20.06
N LYS A 269 52.74 13.65 -18.88
CA LYS A 269 51.54 13.35 -18.09
C LYS A 269 50.39 14.31 -18.36
N SER A 270 50.54 15.23 -19.30
CA SER A 270 49.51 16.22 -19.58
C SER A 270 48.56 15.73 -20.66
N LEU A 271 47.27 15.94 -20.45
CA LEU A 271 46.28 15.61 -21.47
C LEU A 271 46.41 16.56 -22.65
N THR A 272 46.17 16.03 -23.85
CA THR A 272 46.25 16.82 -25.07
C THR A 272 45.00 16.59 -25.91
N GLY A 273 44.59 17.63 -26.62
CA GLY A 273 43.44 17.55 -27.50
C GLY A 273 42.24 18.32 -26.99
N ALA A 274 41.09 17.64 -26.91
CA ALA A 274 39.86 18.30 -26.51
C ALA A 274 39.85 18.71 -25.05
N PHE A 275 40.81 18.25 -24.25
CA PHE A 275 40.85 18.54 -22.82
C PHE A 275 42.07 19.38 -22.46
N ALA A 276 42.46 20.28 -23.37
CA ALA A 276 43.58 21.17 -23.14
C ALA A 276 43.13 22.34 -22.25
N GLY A 277 43.96 23.38 -22.17
CA GLY A 277 43.65 24.50 -21.32
C GLY A 277 42.91 25.63 -22.02
N ASP A 278 42.24 26.45 -21.21
CA ASP A 278 41.61 27.69 -21.65
C ASP A 278 40.41 27.46 -22.56
N ASP A 279 40.14 26.19 -22.90
CA ASP A 279 38.98 25.87 -23.72
C ASP A 279 38.31 24.57 -23.27
N VAL A 280 38.65 24.04 -22.10
CA VAL A 280 38.05 22.80 -21.63
C VAL A 280 36.58 23.01 -21.30
N TRP A 281 36.23 24.19 -20.78
CA TRP A 281 34.86 24.43 -20.32
C TRP A 281 33.84 24.36 -21.45
N GLN A 282 34.28 24.54 -22.70
CA GLN A 282 33.36 24.42 -23.83
C GLN A 282 33.12 22.98 -24.25
N ASN A 283 33.91 22.04 -23.77
CA ASN A 283 33.77 20.63 -24.13
C ASN A 283 33.13 19.81 -23.02
N VAL A 284 32.57 20.45 -22.00
CA VAL A 284 31.98 19.76 -20.86
C VAL A 284 30.55 20.26 -20.68
N LEU A 285 29.61 19.33 -20.51
CA LEU A 285 28.21 19.64 -20.28
C LEU A 285 27.75 18.93 -19.01
N VAL A 286 27.00 19.63 -18.18
CA VAL A 286 26.49 19.07 -16.92
C VAL A 286 24.98 19.02 -17.00
N CYS A 287 24.42 17.81 -16.85
CA CYS A 287 22.98 17.59 -16.91
C CYS A 287 22.49 17.27 -15.51
N ILE A 288 21.68 18.16 -14.95
CA ILE A 288 21.10 17.98 -13.62
C ILE A 288 19.66 17.51 -13.81
N VAL A 289 19.39 16.26 -13.46
CA VAL A 289 18.07 15.66 -13.65
C VAL A 289 17.40 15.54 -12.30
N ALA A 290 16.22 16.15 -12.18
CA ALA A 290 15.41 16.04 -10.97
C ALA A 290 14.32 15.00 -11.15
N ASP A 291 13.75 14.55 -10.03
CA ASP A 291 12.85 13.41 -10.02
C ASP A 291 11.39 13.79 -9.86
N GLY A 292 11.07 15.07 -9.76
CA GLY A 292 9.67 15.46 -9.66
C GLY A 292 9.46 16.77 -8.92
N ARG A 293 8.56 17.62 -9.44
CA ARG A 293 8.33 18.92 -8.82
C ARG A 293 7.73 18.79 -7.43
N GLU A 294 6.93 17.75 -7.20
CA GLU A 294 6.23 17.63 -5.92
C GLU A 294 7.20 17.42 -4.77
N GLN A 295 8.23 16.60 -4.96
CA GLN A 295 9.13 16.20 -3.90
C GLN A 295 10.40 17.06 -3.81
N VAL A 296 10.60 17.99 -4.74
CA VAL A 296 11.80 18.82 -4.70
C VAL A 296 11.70 19.81 -3.56
N HIS A 297 12.76 19.92 -2.78
CA HIS A 297 12.80 20.86 -1.67
C HIS A 297 12.66 22.29 -2.19
N PRO A 298 11.74 23.09 -1.64
CA PRO A 298 11.54 24.45 -2.17
C PRO A 298 12.78 25.32 -2.13
N LYS A 299 13.62 25.17 -1.10
CA LYS A 299 14.84 25.97 -1.05
C LYS A 299 15.79 25.62 -2.19
N THR A 300 15.76 24.37 -2.65
CA THR A 300 16.55 24.01 -3.82
C THR A 300 16.06 24.77 -5.04
N LEU A 301 14.75 24.89 -5.22
CA LEU A 301 14.20 25.66 -6.34
C LEU A 301 14.57 27.14 -6.21
N ASP A 302 14.53 27.67 -4.99
CA ASP A 302 14.93 29.07 -4.79
C ASP A 302 16.40 29.28 -5.17
N TYR A 303 17.27 28.35 -4.75
CA TYR A 303 18.69 28.48 -5.11
C TYR A 303 18.89 28.35 -6.61
N LEU A 304 18.18 27.43 -7.26
CA LEU A 304 18.30 27.28 -8.71
C LEU A 304 17.84 28.53 -9.43
N GLU A 305 16.75 29.14 -8.96
CA GLU A 305 16.31 30.41 -9.53
C GLU A 305 17.33 31.51 -9.29
N ALA A 306 18.04 31.45 -8.17
CA ALA A 306 19.06 32.46 -7.89
C ALA A 306 20.18 32.43 -8.90
N ILE A 307 20.62 31.23 -9.30
CA ILE A 307 21.74 31.10 -10.23
C ILE A 307 21.22 31.12 -11.67
N GLY A 308 19.93 31.41 -11.85
CA GLY A 308 19.36 31.52 -13.17
C GLY A 308 19.22 30.19 -13.88
N LEU A 309 18.49 29.26 -13.27
CA LEU A 309 18.26 27.96 -13.88
C LEU A 309 16.82 27.48 -13.69
N TYR A 310 15.94 28.32 -13.13
CA TYR A 310 14.55 27.93 -12.91
C TYR A 310 13.71 29.19 -12.77
N ASP A 311 12.51 29.16 -13.34
CA ASP A 311 11.57 30.28 -13.24
C ASP A 311 10.17 29.72 -13.27
N GLU A 312 9.39 30.00 -12.22
CA GLU A 312 8.08 29.37 -12.08
C GLU A 312 7.04 29.98 -13.01
N ASP A 313 7.11 31.29 -13.26
CA ASP A 313 6.13 31.94 -14.11
C ASP A 313 6.21 31.43 -15.55
N LEU A 314 7.42 31.31 -16.07
CA LEU A 314 7.61 30.81 -17.43
C LEU A 314 7.14 29.36 -17.53
N LEU A 315 7.44 28.54 -16.51
CA LEU A 315 6.99 27.16 -16.51
C LEU A 315 5.47 27.07 -16.49
N THR A 316 4.82 27.91 -15.69
CA THR A 316 3.37 27.88 -15.61
C THR A 316 2.73 28.32 -16.90
N ILE A 317 3.27 29.35 -17.54
CA ILE A 317 2.61 29.91 -18.72
C ILE A 317 2.88 29.07 -19.95
N ASN A 318 4.15 28.78 -20.26
CA ASN A 318 4.49 28.14 -21.52
C ASN A 318 4.17 26.66 -21.55
N SER A 319 3.89 26.03 -20.41
CA SER A 319 3.54 24.62 -20.38
C SER A 319 2.04 24.39 -20.19
N ALA A 320 1.22 25.38 -20.54
CA ALA A 320 -0.20 25.31 -20.24
C ALA A 320 -0.89 24.22 -21.07
N GLY A 321 -0.68 24.21 -22.38
CA GLY A 321 -1.43 23.32 -23.23
C GLY A 321 -0.63 22.15 -23.80
N ILE A 322 0.68 22.16 -23.58
CA ILE A 322 1.53 21.12 -24.17
C ILE A 322 1.29 19.78 -23.48
N GLY A 323 1.12 19.79 -22.17
CA GLY A 323 1.04 18.54 -21.43
C GLY A 323 2.37 17.81 -21.44
N ALA A 324 3.44 18.56 -21.19
CA ALA A 324 4.79 18.04 -21.33
C ALA A 324 5.10 17.01 -20.26
N GLN A 325 5.90 16.01 -20.65
CA GLN A 325 6.42 15.05 -19.69
C GLN A 325 7.56 15.63 -18.87
N CYS A 326 8.33 16.55 -19.42
CA CYS A 326 9.48 17.11 -18.73
C CYS A 326 9.64 18.58 -19.13
N HIS A 327 10.35 19.33 -18.30
CA HIS A 327 10.68 20.72 -18.59
C HIS A 327 12.18 20.89 -18.49
N LEU A 328 12.82 21.41 -19.54
CA LEU A 328 14.27 21.55 -19.52
C LEU A 328 14.66 23.00 -19.69
N PHE A 329 15.51 23.47 -18.77
CA PHE A 329 16.11 24.79 -18.80
C PHE A 329 17.58 24.66 -19.16
N GLU A 330 18.10 25.63 -19.89
CA GLU A 330 19.48 25.61 -20.35
C GLU A 330 20.14 26.94 -20.05
N HIS A 331 21.37 26.88 -19.55
CA HIS A 331 22.12 28.09 -19.22
C HIS A 331 23.61 27.75 -19.22
N THR A 332 24.43 28.80 -19.19
CA THR A 332 25.87 28.66 -18.98
C THR A 332 26.16 29.40 -17.68
N LEU A 333 26.00 28.68 -16.56
CA LEU A 333 25.99 29.34 -15.26
C LEU A 333 27.38 29.76 -14.84
N GLN A 334 27.43 30.88 -14.12
CA GLN A 334 28.66 31.47 -13.62
C GLN A 334 28.55 31.54 -12.10
N LEU A 335 29.50 30.93 -11.40
CA LEU A 335 29.46 30.81 -9.95
C LEU A 335 30.61 31.59 -9.34
N SER A 336 30.32 32.28 -8.24
CA SER A 336 31.32 33.04 -7.50
C SER A 336 31.31 32.58 -6.05
N VAL A 337 32.48 32.18 -5.54
CA VAL A 337 32.64 31.73 -4.17
C VAL A 337 33.67 32.63 -3.50
N ASN A 338 33.27 33.33 -2.45
CA ASN A 338 34.14 34.25 -1.70
C ASN A 338 34.66 35.28 -2.70
N GLY A 339 35.96 35.58 -2.72
CA GLY A 339 36.53 36.50 -3.67
C GLY A 339 37.05 35.88 -4.94
N LYS A 340 36.82 34.59 -5.15
CA LYS A 340 37.31 33.87 -6.32
C LYS A 340 36.15 33.55 -7.25
N CYS A 341 36.31 33.88 -8.53
CA CYS A 341 35.30 33.61 -9.54
C CYS A 341 35.64 32.32 -10.27
N LEU A 342 34.69 31.39 -10.32
CA LEU A 342 34.92 30.08 -10.91
C LEU A 342 34.76 30.16 -12.42
N LEU A 343 34.86 29.01 -13.08
CA LEU A 343 34.70 28.94 -14.51
C LEU A 343 33.23 28.70 -14.88
N PRO A 344 32.81 29.14 -16.07
CA PRO A 344 31.43 28.87 -16.50
C PRO A 344 31.19 27.39 -16.70
N ILE A 345 29.96 26.97 -16.41
CA ILE A 345 29.56 25.57 -16.54
C ILE A 345 28.32 25.52 -17.42
N GLN A 346 28.39 24.77 -18.51
CA GLN A 346 27.26 24.62 -19.43
C GLN A 346 26.28 23.63 -18.83
N THR A 347 25.19 24.14 -18.27
CA THR A 347 24.27 23.34 -17.48
C THR A 347 22.92 23.21 -18.16
N VAL A 348 22.37 21.99 -18.13
CA VAL A 348 21.02 21.70 -18.58
C VAL A 348 20.28 21.06 -17.42
N PHE A 349 19.25 21.74 -16.93
CA PHE A 349 18.46 21.27 -15.79
C PHE A 349 17.15 20.70 -16.33
N ALA A 350 16.97 19.39 -16.19
CA ALA A 350 15.78 18.69 -16.67
C ALA A 350 14.96 18.27 -15.46
N LEU A 351 13.74 18.80 -15.36
CA LEU A 351 12.84 18.52 -14.26
C LEU A 351 11.65 17.74 -14.77
N LYS A 352 11.44 16.55 -14.23
CA LYS A 352 10.35 15.69 -14.65
C LYS A 352 9.07 16.05 -13.91
N GLU A 353 7.95 16.02 -14.63
CA GLU A 353 6.68 16.42 -14.04
C GLU A 353 6.25 15.45 -12.94
N ASN A 354 6.25 14.16 -13.23
CA ASN A 354 5.88 13.13 -12.28
C ASN A 354 7.13 12.57 -11.60
N LYS A 355 6.93 11.55 -10.77
CA LYS A 355 8.01 10.90 -10.06
C LYS A 355 8.19 9.48 -10.57
N ALA A 356 9.44 9.10 -10.79
CA ALA A 356 9.81 7.74 -11.16
C ALA A 356 11.11 7.40 -10.44
N SER A 357 11.73 6.30 -10.85
CA SER A 357 12.96 5.86 -10.22
C SER A 357 14.16 6.62 -10.79
N LYS A 358 15.32 6.42 -10.14
CA LYS A 358 16.56 6.97 -10.66
C LYS A 358 16.91 6.36 -12.02
N LEU A 359 16.49 5.12 -12.25
CA LEU A 359 16.69 4.49 -13.54
C LEU A 359 15.98 5.26 -14.65
N ASP A 360 14.85 5.89 -14.34
CA ASP A 360 14.17 6.73 -15.33
C ASP A 360 15.00 7.97 -15.65
N SER A 361 15.63 8.57 -14.64
CA SER A 361 16.50 9.71 -14.88
C SER A 361 17.67 9.31 -15.77
N HIS A 362 18.26 8.15 -15.51
CA HIS A 362 19.33 7.66 -16.37
C HIS A 362 18.81 7.38 -17.78
N HIS A 363 17.58 6.89 -17.88
CA HIS A 363 16.98 6.64 -19.19
C HIS A 363 16.91 7.92 -20.00
N TRP A 364 16.34 8.96 -19.41
CA TRP A 364 16.24 10.24 -20.11
C TRP A 364 17.63 10.74 -20.49
N TYR A 365 18.54 10.81 -19.51
CA TYR A 365 19.87 11.35 -19.76
C TYR A 365 20.57 10.59 -20.87
N PHE A 366 20.81 9.29 -20.67
CA PHE A 366 21.52 8.50 -21.67
C PHE A 366 20.82 8.60 -23.02
N ASN A 367 19.59 8.09 -23.13
CA ASN A 367 18.98 8.00 -24.44
C ASN A 367 18.92 9.36 -25.12
N ALA A 368 18.17 10.31 -24.56
CA ALA A 368 17.97 11.57 -25.26
C ALA A 368 19.29 12.31 -25.48
N PHE A 369 19.96 12.69 -24.39
CA PHE A 369 21.07 13.61 -24.53
C PHE A 369 22.27 12.95 -25.19
N ALA A 370 22.60 11.71 -24.83
CA ALA A 370 23.71 11.04 -25.47
C ALA A 370 23.44 10.78 -26.94
N GLU A 371 22.27 10.22 -27.28
CA GLU A 371 22.00 9.94 -28.69
C GLU A 371 21.96 11.20 -29.53
N GLN A 372 21.65 12.36 -28.94
CA GLN A 372 21.70 13.58 -29.73
C GLN A 372 23.11 14.14 -29.82
N ILE A 373 23.74 14.39 -28.68
CA ILE A 373 25.06 15.03 -28.67
C ILE A 373 26.14 14.10 -29.20
N GLN A 374 26.05 12.81 -28.88
CA GLN A 374 27.03 11.81 -29.25
C GLN A 374 28.39 12.16 -28.68
N PRO A 375 28.58 12.10 -27.35
CA PRO A 375 29.86 12.46 -26.76
C PRO A 375 30.86 11.31 -26.82
N GLU A 376 32.02 11.49 -26.21
CA GLU A 376 33.01 10.43 -26.10
C GLU A 376 32.91 9.69 -24.77
N TYR A 377 32.96 10.41 -23.65
CA TYR A 377 32.85 9.84 -22.32
C TYR A 377 31.50 10.23 -21.70
N THR A 378 31.16 9.56 -20.60
CA THR A 378 29.89 9.78 -19.94
C THR A 378 30.07 9.47 -18.46
N ALA A 379 30.06 10.50 -17.63
CA ALA A 379 30.26 10.34 -16.20
C ALA A 379 28.94 10.45 -15.45
N VAL A 380 28.75 9.57 -14.47
CA VAL A 380 27.53 9.54 -13.66
C VAL A 380 27.92 9.75 -12.21
N MET A 381 27.23 10.67 -11.54
CA MET A 381 27.46 10.91 -10.12
C MET A 381 26.15 11.36 -9.49
N ASP A 382 26.11 11.27 -8.16
CA ASP A 382 24.95 11.70 -7.40
C ASP A 382 25.18 13.11 -6.87
N VAL A 383 24.16 13.66 -6.22
CA VAL A 383 24.25 14.99 -5.63
C VAL A 383 24.85 14.87 -4.23
N GLY A 384 25.84 15.71 -3.94
CA GLY A 384 26.56 15.63 -2.69
C GLY A 384 27.93 14.98 -2.80
N THR A 385 28.22 14.30 -3.90
CA THR A 385 29.52 13.68 -4.12
C THR A 385 30.54 14.78 -4.41
N MET A 386 31.34 15.12 -3.41
CA MET A 386 32.35 16.15 -3.55
C MET A 386 33.65 15.52 -4.04
N LEU A 387 34.17 16.04 -5.15
CA LEU A 387 35.35 15.49 -5.80
C LEU A 387 36.59 16.28 -5.42
N THR A 388 37.74 15.62 -5.46
CA THR A 388 39.00 16.31 -5.31
C THR A 388 39.36 17.00 -6.62
N LYS A 389 40.43 17.80 -6.59
CA LYS A 389 40.81 18.58 -7.75
C LYS A 389 41.26 17.72 -8.92
N SER A 390 41.80 16.53 -8.65
CA SER A 390 42.44 15.72 -9.67
C SER A 390 41.60 14.52 -10.11
N ALA A 391 40.34 14.43 -9.68
CA ALA A 391 39.53 13.26 -10.01
C ALA A 391 39.29 13.14 -11.50
N LEU A 392 38.80 14.21 -12.13
CA LEU A 392 38.53 14.18 -13.56
C LEU A 392 39.80 13.98 -14.36
N TYR A 393 40.89 14.63 -13.93
CA TYR A 393 42.16 14.46 -14.63
C TYR A 393 42.60 13.01 -14.62
N HIS A 394 42.49 12.34 -13.48
CA HIS A 394 42.92 10.95 -13.40
C HIS A 394 42.02 10.04 -14.23
N LEU A 395 40.70 10.25 -14.16
CA LEU A 395 39.80 9.43 -14.97
C LEU A 395 40.09 9.59 -16.46
N LEU A 396 40.22 10.83 -16.92
CA LEU A 396 40.48 11.08 -18.33
C LEU A 396 41.84 10.55 -18.74
N PHE A 397 42.84 10.69 -17.88
CA PHE A 397 44.17 10.17 -18.19
C PHE A 397 44.14 8.67 -18.38
N ALA A 398 43.47 7.96 -17.46
CA ALA A 398 43.36 6.51 -17.60
C ALA A 398 42.65 6.15 -18.90
N PHE A 399 41.52 6.82 -19.17
CA PHE A 399 40.75 6.49 -20.37
C PHE A 399 41.57 6.72 -21.64
N GLU A 400 42.32 7.83 -21.70
CA GLU A 400 43.04 8.17 -22.92
C GLU A 400 44.26 7.28 -23.11
N ARG A 401 45.01 7.03 -22.04
CA ARG A 401 46.26 6.27 -22.18
C ARG A 401 45.97 4.79 -22.40
N ASN A 402 45.04 4.20 -21.65
CA ASN A 402 44.87 2.76 -21.69
C ASN A 402 44.09 2.31 -22.92
N HIS A 403 42.92 2.91 -23.13
CA HIS A 403 42.14 2.74 -24.36
C HIS A 403 41.48 1.37 -24.48
N GLN A 404 41.72 0.44 -23.55
CA GLN A 404 40.98 -0.81 -23.58
C GLN A 404 39.87 -0.80 -22.52
N ILE A 405 39.61 0.35 -21.94
CA ILE A 405 38.73 0.47 -20.78
C ILE A 405 37.35 0.94 -21.22
N GLY A 406 36.33 0.16 -20.91
CA GLY A 406 34.96 0.53 -21.15
C GLY A 406 34.25 1.15 -19.97
N GLY A 407 34.90 1.20 -18.81
CA GLY A 407 34.31 1.82 -17.65
C GLY A 407 35.32 1.92 -16.53
N ALA A 408 35.11 2.90 -15.67
CA ALA A 408 36.05 3.17 -14.59
C ALA A 408 35.30 3.71 -13.38
N CYS A 409 35.91 3.56 -12.22
CA CYS A 409 35.34 4.07 -10.98
C CYS A 409 36.46 4.55 -10.08
N GLY A 410 36.21 5.64 -9.37
CA GLY A 410 37.18 6.18 -8.44
C GLY A 410 36.97 5.67 -7.03
N GLN A 411 37.86 6.09 -6.14
CA GLN A 411 37.76 5.73 -4.74
C GLN A 411 36.70 6.58 -4.05
N LEU A 412 35.92 5.96 -3.19
CA LEU A 412 34.84 6.62 -2.47
C LEU A 412 35.16 6.64 -0.98
N THR A 413 35.13 7.83 -0.39
CA THR A 413 35.56 8.04 0.98
C THR A 413 34.43 8.70 1.77
N VAL A 414 34.58 8.69 3.10
CA VAL A 414 33.65 9.34 4.00
C VAL A 414 34.21 10.72 4.35
N ASP A 415 33.38 11.74 4.20
CA ASP A 415 33.82 13.10 4.48
C ASP A 415 34.05 13.29 5.97
N ASN A 416 35.18 13.90 6.31
CA ASN A 416 35.56 14.18 7.69
C ASN A 416 35.52 12.93 8.57
N PRO A 417 36.33 11.91 8.28
CA PRO A 417 36.29 10.70 9.12
C PRO A 417 36.87 10.92 10.49
N PHE A 418 38.02 11.61 10.59
CA PHE A 418 38.64 11.83 11.89
C PHE A 418 37.79 12.71 12.79
N GLU A 419 37.18 13.75 12.22
CA GLU A 419 36.31 14.62 13.00
C GLU A 419 35.12 13.83 13.52
N ASN A 420 34.72 14.13 14.77
CA ASN A 420 33.65 13.41 15.46
C ASN A 420 33.96 11.92 15.51
N LEU A 421 35.17 11.59 15.98
CA LEU A 421 35.61 10.21 16.05
C LEU A 421 34.84 9.42 17.11
N SER A 422 34.15 10.10 18.04
CA SER A 422 33.41 9.39 19.07
C SER A 422 32.24 8.60 18.50
N ASN A 423 31.76 8.96 17.30
CA ASN A 423 30.68 8.21 16.68
C ASN A 423 31.22 6.89 16.12
N TRP A 424 30.56 5.79 16.49
CA TRP A 424 31.03 4.47 16.10
C TRP A 424 30.57 4.06 14.71
N VAL A 425 29.36 4.45 14.31
CA VAL A 425 28.85 4.07 13.00
C VAL A 425 29.69 4.70 11.89
N ILE A 426 30.04 5.98 12.03
CA ILE A 426 30.83 6.65 11.00
C ILE A 426 32.20 6.00 10.86
N SER A 427 32.85 5.70 11.98
CA SER A 427 34.17 5.07 11.91
C SER A 427 34.08 3.67 11.32
N ALA A 428 33.04 2.92 11.69
CA ALA A 428 32.86 1.59 11.10
C ALA A 428 32.67 1.68 9.59
N GLN A 429 31.87 2.64 9.13
CA GLN A 429 31.67 2.81 7.70
C GLN A 429 32.96 3.22 7.00
N HIS A 430 33.75 4.08 7.64
CA HIS A 430 35.03 4.48 7.04
C HIS A 430 35.96 3.29 6.88
N PHE A 431 36.06 2.46 7.92
CA PHE A 431 36.89 1.26 7.83
C PHE A 431 36.39 0.34 6.74
N GLU A 432 35.07 0.13 6.68
CA GLU A 432 34.51 -0.77 5.67
C GLU A 432 34.80 -0.25 4.27
N TYR A 433 34.62 1.05 4.04
CA TYR A 433 34.89 1.61 2.72
C TYR A 433 36.35 1.42 2.34
N LYS A 434 37.28 1.76 3.25
CA LYS A 434 38.69 1.66 2.93
C LYS A 434 39.09 0.22 2.61
N ILE A 435 38.67 -0.73 3.46
CA ILE A 435 39.07 -2.11 3.26
C ILE A 435 38.45 -2.69 1.99
N SER A 436 37.15 -2.43 1.80
CA SER A 436 36.49 -2.93 0.60
C SER A 436 37.17 -2.39 -0.65
N ASN A 437 37.36 -1.07 -0.72
CA ASN A 437 38.07 -0.48 -1.84
C ASN A 437 39.38 -1.21 -2.08
N ILE A 438 40.30 -1.13 -1.12
CA ILE A 438 41.65 -1.68 -1.32
C ILE A 438 41.55 -3.13 -1.78
N LEU A 439 41.09 -4.01 -0.91
CA LEU A 439 41.20 -5.44 -1.19
C LEU A 439 40.35 -5.84 -2.39
N ASP A 440 39.03 -5.61 -2.33
CA ASP A 440 38.16 -6.16 -3.36
C ASP A 440 38.34 -5.45 -4.68
N LYS A 441 38.41 -4.11 -4.68
CA LYS A 441 38.56 -3.39 -5.94
C LYS A 441 39.89 -3.72 -6.59
N SER A 442 40.99 -3.80 -5.81
CA SER A 442 42.26 -4.15 -6.42
C SER A 442 42.24 -5.56 -6.98
N LEU A 443 41.69 -6.52 -6.24
CA LEU A 443 41.66 -7.89 -6.72
C LEU A 443 40.84 -8.00 -8.01
N GLU A 444 39.69 -7.35 -8.07
CA GLU A 444 38.85 -7.44 -9.26
C GLU A 444 39.41 -6.62 -10.42
N SER A 445 40.15 -5.54 -10.14
CA SER A 445 40.76 -4.75 -11.19
C SER A 445 42.00 -5.40 -11.76
N CYS A 446 42.63 -6.32 -11.04
CA CYS A 446 43.73 -7.08 -11.63
C CYS A 446 43.24 -7.92 -12.81
N PHE A 447 42.07 -8.53 -12.68
CA PHE A 447 41.50 -9.33 -13.75
C PHE A 447 40.72 -8.50 -14.77
N GLY A 448 40.59 -7.20 -14.54
CA GLY A 448 39.82 -6.36 -15.44
C GLY A 448 38.33 -6.65 -15.45
N PHE A 449 37.74 -6.83 -14.27
CA PHE A 449 36.29 -7.00 -14.17
C PHE A 449 35.87 -6.56 -12.76
N ILE A 450 35.33 -5.36 -12.66
CA ILE A 450 34.85 -4.84 -11.38
C ILE A 450 33.38 -5.23 -11.22
N SER A 451 33.06 -5.85 -10.09
CA SER A 451 31.73 -6.43 -9.91
C SER A 451 30.65 -5.34 -9.94
N VAL A 452 30.85 -4.26 -9.20
CA VAL A 452 29.86 -3.19 -9.13
C VAL A 452 30.58 -1.85 -9.26
N LEU A 453 30.17 -1.05 -10.23
CA LEU A 453 30.57 0.35 -10.21
C LEU A 453 29.64 1.12 -9.28
N PRO A 454 30.17 2.04 -8.47
CA PRO A 454 29.37 2.61 -7.38
C PRO A 454 28.09 3.28 -7.85
N GLY A 455 28.07 3.88 -9.03
CA GLY A 455 26.95 4.67 -9.47
C GLY A 455 27.00 6.12 -9.01
N ALA A 456 27.79 6.42 -7.99
CA ALA A 456 28.17 7.77 -7.63
C ALA A 456 29.64 7.94 -7.98
N PHE A 457 29.91 8.85 -8.93
CA PHE A 457 31.25 9.08 -9.46
C PHE A 457 31.81 7.79 -10.09
N SER A 458 31.14 7.38 -11.17
CA SER A 458 31.67 6.39 -12.09
C SER A 458 31.66 6.99 -13.48
N ALA A 459 32.33 6.32 -14.42
CA ALA A 459 32.40 6.84 -15.78
C ALA A 459 32.44 5.69 -16.77
N TYR A 460 31.91 5.95 -17.96
CA TYR A 460 31.97 5.03 -19.08
C TYR A 460 32.41 5.80 -20.32
N ARG A 461 32.62 5.09 -21.40
CA ARG A 461 32.82 5.70 -22.70
C ARG A 461 31.65 5.34 -23.60
N TYR A 462 31.12 6.33 -24.32
CA TYR A 462 29.90 6.12 -25.08
C TYR A 462 30.21 5.45 -26.42
N GLU A 463 30.92 4.32 -26.36
CA GLU A 463 31.16 3.51 -27.54
C GLU A 463 30.92 2.05 -27.19
N ALA A 464 31.19 1.70 -25.93
CA ALA A 464 31.05 0.34 -25.44
C ALA A 464 29.68 0.07 -24.83
N ILE A 465 28.85 1.10 -24.65
CA ILE A 465 27.55 0.95 -24.03
C ILE A 465 26.41 1.40 -24.93
N ARG A 466 26.70 1.82 -26.16
CA ARG A 466 25.67 2.43 -27.00
C ARG A 466 24.56 1.43 -27.34
N GLY A 467 24.92 0.19 -27.64
CA GLY A 467 23.96 -0.76 -28.15
C GLY A 467 23.31 -1.66 -27.12
N ALA A 468 23.67 -2.95 -27.16
CA ALA A 468 23.05 -3.92 -26.27
C ALA A 468 23.21 -3.62 -24.78
N PRO A 469 24.37 -3.17 -24.28
CA PRO A 469 24.47 -2.93 -22.83
C PRO A 469 23.42 -1.97 -22.28
N LEU A 470 23.12 -0.88 -22.99
CA LEU A 470 22.10 0.03 -22.51
C LEU A 470 20.70 -0.55 -22.70
N ASP A 471 20.49 -1.37 -23.74
CA ASP A 471 19.20 -2.00 -23.93
C ASP A 471 18.89 -2.95 -22.77
N ALA A 472 19.88 -3.73 -22.33
CA ALA A 472 19.68 -4.57 -21.16
C ALA A 472 19.70 -3.76 -19.87
N TYR A 473 20.30 -2.57 -19.88
CA TYR A 473 20.28 -1.70 -18.71
C TYR A 473 18.87 -1.26 -18.39
N PHE A 474 18.09 -0.87 -19.39
CA PHE A 474 16.73 -0.36 -19.22
C PHE A 474 15.68 -1.38 -19.59
N GLN A 475 15.93 -2.67 -19.30
CA GLN A 475 14.96 -3.69 -19.66
C GLN A 475 13.69 -3.57 -18.83
N THR A 476 13.81 -3.17 -17.57
CA THR A 476 12.65 -3.02 -16.71
C THR A 476 11.74 -1.89 -17.20
N LEU A 477 12.33 -0.78 -17.66
CA LEU A 477 11.54 0.37 -18.06
C LEU A 477 10.81 0.15 -19.38
N ASN A 478 11.21 -0.84 -20.17
CA ASN A 478 10.60 -1.08 -21.47
C ASN A 478 9.65 -2.28 -21.48
N ILE A 479 9.80 -3.20 -20.54
CA ILE A 479 8.98 -4.41 -20.47
C ILE A 479 8.34 -4.48 -19.10
N GLU A 480 7.04 -4.76 -19.07
CA GLU A 480 6.33 -4.87 -17.80
C GLU A 480 6.87 -6.04 -16.99
N LEU A 481 6.85 -5.88 -15.66
CA LEU A 481 7.43 -6.88 -14.77
C LEU A 481 6.70 -8.20 -14.84
N ASP A 482 5.48 -8.24 -15.38
CA ASP A 482 4.76 -9.49 -15.51
C ASP A 482 5.50 -10.45 -16.43
N VAL A 483 5.99 -9.97 -17.57
CA VAL A 483 6.66 -10.83 -18.53
C VAL A 483 8.02 -11.28 -18.01
N LEU A 484 8.77 -10.37 -17.38
CA LEU A 484 10.12 -10.69 -16.95
C LEU A 484 10.14 -11.81 -15.92
N GLY A 485 9.28 -11.70 -14.90
CA GLY A 485 9.25 -12.67 -13.84
C GLY A 485 9.72 -12.10 -12.53
N PRO A 486 9.69 -12.90 -11.47
CA PRO A 486 10.11 -12.37 -10.16
C PRO A 486 11.62 -12.25 -10.02
N PHE A 487 12.39 -13.14 -10.64
CA PHE A 487 13.84 -13.10 -10.49
C PHE A 487 14.42 -11.80 -11.04
N ILE A 488 14.02 -11.43 -12.25
CA ILE A 488 14.54 -10.22 -12.87
C ILE A 488 14.01 -8.98 -12.16
N GLY A 489 12.74 -9.02 -11.76
CA GLY A 489 12.16 -7.86 -11.09
C GLY A 489 12.81 -7.58 -9.74
N ASN A 490 13.08 -8.64 -8.96
CA ASN A 490 13.71 -8.48 -7.67
C ASN A 490 15.16 -8.02 -7.77
N MET A 491 15.73 -8.02 -8.97
CA MET A 491 17.03 -7.42 -9.22
C MET A 491 16.87 -5.90 -9.32
N TYR A 492 16.29 -5.34 -8.27
CA TYR A 492 15.85 -3.94 -8.22
C TYR A 492 16.90 -3.13 -7.49
N LEU A 493 17.35 -2.05 -8.13
CA LEU A 493 18.46 -1.21 -7.68
C LEU A 493 19.80 -1.92 -7.83
N ALA A 494 19.86 -2.95 -8.67
CA ALA A 494 21.09 -3.66 -9.00
C ALA A 494 21.58 -3.31 -10.40
N GLU A 495 21.16 -2.16 -10.92
CA GLU A 495 21.38 -1.84 -12.33
C GLU A 495 22.86 -1.65 -12.65
N ASP A 496 23.62 -1.12 -11.68
CA ASP A 496 25.05 -0.89 -11.89
C ASP A 496 25.76 -2.18 -12.28
N ARG A 497 25.48 -3.27 -11.56
CA ARG A 497 26.14 -4.54 -11.84
C ARG A 497 25.74 -5.06 -13.21
N ILE A 498 24.48 -4.85 -13.59
CA ILE A 498 24.01 -5.29 -14.90
C ILE A 498 24.79 -4.58 -16.00
N LEU A 499 24.93 -3.26 -15.89
CA LEU A 499 25.68 -2.54 -16.93
C LEU A 499 27.14 -2.96 -16.93
N SER A 500 27.73 -3.13 -15.75
CA SER A 500 29.15 -3.50 -15.66
C SER A 500 29.39 -4.86 -16.32
N PHE A 501 28.52 -5.84 -16.07
CA PHE A 501 28.71 -7.15 -16.69
C PHE A 501 28.43 -7.11 -18.18
N GLU A 502 27.41 -6.35 -18.60
CA GLU A 502 27.09 -6.31 -20.02
C GLU A 502 28.18 -5.64 -20.84
N VAL A 503 28.94 -4.72 -20.24
CA VAL A 503 30.05 -4.10 -20.97
C VAL A 503 31.12 -5.14 -21.28
N VAL A 504 31.48 -5.95 -20.29
CA VAL A 504 32.60 -6.87 -20.44
C VAL A 504 32.28 -7.97 -21.45
N ALA A 505 31.09 -8.57 -21.34
CA ALA A 505 30.72 -9.71 -22.16
C ALA A 505 30.06 -9.31 -23.47
N ARG A 506 30.33 -8.11 -23.98
CA ARG A 506 29.68 -7.67 -25.20
C ARG A 506 30.19 -8.45 -26.40
N LYS A 507 29.29 -8.81 -27.30
CA LYS A 507 29.64 -9.62 -28.46
C LYS A 507 30.55 -8.84 -29.41
N ASN A 508 31.55 -9.54 -29.95
CA ASN A 508 32.48 -8.99 -30.94
C ASN A 508 33.29 -7.82 -30.42
N CYS A 509 33.43 -7.70 -29.10
CA CYS A 509 34.22 -6.63 -28.50
C CYS A 509 34.93 -7.16 -27.26
N ASN A 510 36.03 -6.51 -26.90
CA ASN A 510 36.79 -6.86 -25.70
C ASN A 510 36.99 -5.59 -24.87
N TRP A 511 36.00 -5.29 -24.03
CA TRP A 511 36.06 -4.14 -23.13
C TRP A 511 36.29 -4.63 -21.71
N THR A 512 37.25 -4.02 -21.02
CA THR A 512 37.56 -4.36 -19.64
C THR A 512 37.41 -3.13 -18.76
N MET A 513 37.06 -3.37 -17.50
CA MET A 513 36.87 -2.27 -16.56
C MET A 513 38.16 -2.03 -15.77
N HIS A 514 38.22 -0.88 -15.11
CA HIS A 514 39.42 -0.48 -14.41
C HIS A 514 39.05 0.31 -13.17
N TYR A 515 39.94 0.29 -12.18
CA TYR A 515 39.77 1.01 -10.94
C TYR A 515 40.92 2.00 -10.76
N VAL A 516 40.59 3.26 -10.57
CA VAL A 516 41.58 4.32 -10.41
C VAL A 516 41.63 4.70 -8.94
N LYS A 517 42.80 4.57 -8.33
CA LYS A 517 42.95 4.83 -6.91
C LYS A 517 42.96 6.31 -6.59
N ASP A 518 43.53 7.14 -7.46
CA ASP A 518 43.76 8.54 -7.16
C ASP A 518 42.53 9.41 -7.36
N ALA A 519 41.45 8.88 -7.95
CA ALA A 519 40.22 9.65 -8.14
C ALA A 519 39.39 9.50 -6.87
N VAL A 520 39.55 10.44 -5.95
CA VAL A 520 38.93 10.37 -4.64
C VAL A 520 37.68 11.25 -4.63
N ALA A 521 36.56 10.67 -4.22
CA ALA A 521 35.31 11.41 -4.07
C ALA A 521 34.75 11.15 -2.68
N ARG A 522 34.40 12.22 -1.97
CA ARG A 522 33.95 12.14 -0.60
C ARG A 522 32.44 12.27 -0.54
N THR A 523 31.77 11.30 0.09
CA THR A 523 30.33 11.31 0.23
C THR A 523 29.96 11.61 1.68
N ASP A 524 28.65 11.57 1.95
CA ASP A 524 28.12 11.78 3.28
C ASP A 524 27.37 10.53 3.71
N VAL A 525 27.63 10.08 4.93
CA VAL A 525 27.09 8.81 5.41
C VAL A 525 26.13 9.06 6.57
N PRO A 526 25.15 8.18 6.80
CA PRO A 526 24.26 8.36 7.95
C PRO A 526 25.00 8.25 9.26
N HIS A 527 24.54 9.02 10.24
CA HIS A 527 25.16 9.08 11.56
C HIS A 527 24.51 8.17 12.58
N ASP A 528 23.44 7.47 12.21
CA ASP A 528 22.68 6.64 13.13
C ASP A 528 22.55 5.23 12.57
N LEU A 529 22.28 4.28 13.47
CA LEU A 529 22.13 2.89 13.07
C LEU A 529 20.92 2.69 12.16
N VAL A 530 19.81 3.38 12.46
CA VAL A 530 18.59 3.20 11.68
C VAL A 530 18.79 3.66 10.24
N GLY A 531 19.51 4.77 10.05
CA GLY A 531 19.79 5.21 8.70
C GLY A 531 20.61 4.21 7.92
N LEU A 532 21.63 3.63 8.57
CA LEU A 532 22.45 2.61 7.91
C LEU A 532 21.63 1.37 7.57
N ILE A 533 20.75 0.96 8.48
CA ILE A 533 19.90 -0.20 8.22
C ILE A 533 18.98 0.06 7.03
N SER A 534 18.39 1.26 6.98
CA SER A 534 17.53 1.61 5.85
C SER A 534 18.33 1.63 4.55
N GLN A 535 19.55 2.16 4.59
CA GLN A 535 20.34 2.31 3.38
C GLN A 535 20.80 0.96 2.83
N ARG A 536 21.21 0.05 3.70
CA ARG A 536 21.89 -1.17 3.23
C ARG A 536 20.96 -2.17 2.54
N LYS A 537 19.65 -2.01 2.69
CA LYS A 537 18.71 -2.98 2.14
C LYS A 537 18.81 -3.05 0.62
N ARG A 538 18.80 -1.89 -0.04
CA ARG A 538 18.90 -1.85 -1.50
C ARG A 538 20.22 -2.46 -1.96
N TRP A 539 21.32 -2.10 -1.29
CA TRP A 539 22.63 -2.61 -1.65
C TRP A 539 22.64 -4.13 -1.59
N LEU A 540 22.12 -4.70 -0.50
CA LEU A 540 22.23 -6.13 -0.32
C LEU A 540 21.32 -6.90 -1.29
N ASN A 541 20.08 -6.43 -1.48
CA ASN A 541 19.20 -7.08 -2.45
C ASN A 541 19.83 -7.09 -3.83
N GLY A 542 20.28 -5.91 -4.28
CA GLY A 542 20.89 -5.83 -5.59
C GLY A 542 22.13 -6.69 -5.71
N ALA A 543 22.98 -6.66 -4.68
CA ALA A 543 24.23 -7.43 -4.73
C ALA A 543 23.92 -8.92 -4.87
N PHE A 544 23.01 -9.44 -4.04
CA PHE A 544 22.72 -10.87 -4.08
C PHE A 544 22.18 -11.28 -5.44
N PHE A 545 21.17 -10.56 -5.94
CA PHE A 545 20.54 -11.04 -7.16
C PHE A 545 21.41 -10.79 -8.39
N ALA A 546 22.15 -9.68 -8.43
CA ALA A 546 23.06 -9.46 -9.54
C ALA A 546 24.21 -10.47 -9.52
N THR A 547 24.67 -10.85 -8.33
CA THR A 547 25.70 -11.89 -8.24
C THR A 547 25.17 -13.21 -8.78
N LEU A 548 23.93 -13.56 -8.42
CA LEU A 548 23.35 -14.78 -8.98
C LEU A 548 23.26 -14.70 -10.50
N PHE A 549 22.84 -13.54 -11.03
CA PHE A 549 22.74 -13.39 -12.48
C PHE A 549 24.10 -13.54 -13.16
N SER A 550 25.13 -12.92 -12.58
CA SER A 550 26.47 -13.01 -13.16
C SER A 550 26.98 -14.45 -13.14
N ILE A 551 26.78 -15.15 -12.02
CA ILE A 551 27.19 -16.54 -11.94
C ILE A 551 26.45 -17.38 -12.97
N TRP A 552 25.16 -17.08 -13.18
CA TRP A 552 24.37 -17.83 -14.14
C TRP A 552 24.88 -17.61 -15.57
N ASN A 553 25.20 -16.36 -15.93
CA ASN A 553 25.47 -16.00 -17.31
C ASN A 553 26.96 -15.80 -17.60
N TRP A 554 27.85 -16.25 -16.71
CA TRP A 554 29.28 -16.10 -16.95
C TRP A 554 29.75 -16.77 -18.24
N GLY A 555 29.02 -17.76 -18.75
CA GLY A 555 29.45 -18.44 -19.96
C GLY A 555 29.41 -17.58 -21.20
N ARG A 556 28.69 -16.46 -21.16
CA ARG A 556 28.58 -15.59 -22.31
C ARG A 556 29.94 -15.00 -22.71
N ILE A 557 30.85 -14.87 -21.75
CA ILE A 557 32.17 -14.32 -22.05
C ILE A 557 32.92 -15.22 -23.03
N TYR A 558 32.84 -16.54 -22.80
CA TYR A 558 33.54 -17.48 -23.69
C TYR A 558 32.73 -17.78 -24.94
N SER A 559 31.40 -17.85 -24.81
CA SER A 559 30.58 -18.25 -25.95
C SER A 559 30.47 -17.14 -26.99
N GLU A 560 30.31 -15.89 -26.55
CA GLU A 560 29.97 -14.79 -27.46
C GLU A 560 31.08 -13.77 -27.63
N SER A 561 31.72 -13.35 -26.54
CA SER A 561 32.68 -12.27 -26.61
C SER A 561 33.92 -12.69 -27.41
N LYS A 562 34.81 -11.71 -27.62
CA LYS A 562 36.05 -11.92 -28.36
C LYS A 562 37.20 -11.38 -27.52
N HIS A 563 37.71 -12.22 -26.63
CA HIS A 563 38.84 -11.87 -25.76
C HIS A 563 40.05 -12.71 -26.13
N THR A 564 41.18 -12.35 -25.53
CA THR A 564 42.37 -13.18 -25.65
C THR A 564 42.21 -14.44 -24.81
N PHE A 565 42.96 -15.48 -25.18
CA PHE A 565 42.91 -16.73 -24.43
C PHE A 565 43.37 -16.54 -22.99
N VAL A 566 44.40 -15.72 -22.79
CA VAL A 566 44.90 -15.45 -21.44
C VAL A 566 43.81 -14.77 -20.60
N ARG A 567 43.10 -13.82 -21.21
CA ARG A 567 42.00 -13.16 -20.50
C ARG A 567 40.92 -14.16 -20.11
N LYS A 568 40.61 -15.10 -20.99
CA LYS A 568 39.59 -16.10 -20.69
C LYS A 568 40.02 -17.00 -19.54
N MET A 569 41.30 -17.41 -19.52
CA MET A 569 41.78 -18.23 -18.40
C MET A 569 41.75 -17.44 -17.09
N ALA A 570 42.15 -16.17 -17.13
CA ALA A 570 42.10 -15.35 -15.93
C ALA A 570 40.66 -15.18 -15.44
N PHE A 571 39.72 -15.01 -16.37
CA PHE A 571 38.32 -14.91 -16.00
C PHE A 571 37.82 -16.22 -15.39
N LEU A 572 38.30 -17.35 -15.88
CA LEU A 572 37.92 -18.63 -15.29
C LEU A 572 38.42 -18.75 -13.85
N VAL A 573 39.66 -18.34 -13.61
CA VAL A 573 40.21 -18.36 -12.26
C VAL A 573 39.39 -17.45 -11.34
N PHE A 574 39.07 -16.24 -11.83
CA PHE A 574 38.27 -15.32 -11.04
C PHE A 574 36.87 -15.87 -10.80
N TYR A 575 36.33 -16.63 -11.76
CA TYR A 575 35.02 -17.23 -11.57
C TYR A 575 35.05 -18.26 -10.46
N VAL A 576 36.10 -19.09 -10.41
CA VAL A 576 36.23 -20.07 -9.33
C VAL A 576 36.31 -19.36 -7.98
N TYR A 577 37.15 -18.31 -7.91
CA TYR A 577 37.26 -17.56 -6.67
C TYR A 577 35.94 -16.92 -6.28
N HIS A 578 35.21 -16.38 -7.25
CA HIS A 578 33.93 -15.74 -6.99
C HIS A 578 32.93 -16.74 -6.44
N LEU A 579 32.88 -17.94 -7.02
CA LEU A 579 31.99 -18.97 -6.52
C LEU A 579 32.32 -19.33 -5.07
N LEU A 580 33.61 -19.53 -4.77
CA LEU A 580 33.98 -19.87 -3.40
C LEU A 580 33.64 -18.75 -2.43
N TYR A 581 33.91 -17.51 -2.82
CA TYR A 581 33.64 -16.37 -1.94
C TYR A 581 32.15 -16.21 -1.67
N THR A 582 31.32 -16.34 -2.72
CA THR A 582 29.88 -16.24 -2.53
C THR A 582 29.35 -17.37 -1.66
N ALA A 583 29.83 -18.60 -1.89
CA ALA A 583 29.38 -19.72 -1.07
C ALA A 583 29.77 -19.52 0.39
N PHE A 584 30.97 -19.02 0.65
CA PHE A 584 31.36 -18.73 2.02
C PHE A 584 30.51 -17.63 2.63
N GLY A 585 30.18 -16.61 1.84
CA GLY A 585 29.37 -15.51 2.36
C GLY A 585 27.92 -15.86 2.59
N PHE A 586 27.43 -16.91 1.93
CA PHE A 586 26.04 -17.34 2.15
C PHE A 586 25.86 -17.94 3.53
N PHE A 587 26.87 -18.61 4.07
CA PHE A 587 26.81 -19.28 5.37
C PHE A 587 27.56 -18.50 6.44
N LEU A 588 27.49 -17.18 6.42
CA LEU A 588 28.28 -16.37 7.33
C LEU A 588 27.71 -16.31 8.74
N PRO A 589 26.39 -16.12 8.93
CA PRO A 589 25.88 -16.12 10.32
C PRO A 589 26.16 -17.40 11.08
N ALA A 590 26.00 -18.55 10.42
CA ALA A 590 26.28 -19.82 11.08
C ALA A 590 27.74 -19.94 11.46
N ASN A 591 28.65 -19.53 10.56
CA ASN A 591 30.07 -19.62 10.86
C ASN A 591 30.47 -18.68 11.99
N LEU A 592 29.93 -17.46 12.00
CA LEU A 592 30.23 -16.55 13.11
C LEU A 592 29.74 -17.12 14.43
N TYR A 593 28.52 -17.65 14.45
CA TYR A 593 27.99 -18.23 15.68
C TYR A 593 28.85 -19.41 16.14
N LEU A 594 29.21 -20.30 15.21
CA LEU A 594 30.01 -21.47 15.57
C LEU A 594 31.38 -21.06 16.11
N ALA A 595 32.03 -20.11 15.45
CA ALA A 595 33.35 -19.68 15.91
C ALA A 595 33.27 -19.10 17.31
N LEU A 596 32.35 -18.16 17.53
CA LEU A 596 32.23 -17.55 18.86
C LEU A 596 31.92 -18.61 19.90
N PHE A 597 30.93 -19.46 19.63
CA PHE A 597 30.52 -20.49 20.58
C PHE A 597 31.68 -21.40 20.93
N PHE A 598 32.22 -22.11 19.93
CA PHE A 598 33.33 -23.02 20.17
C PHE A 598 34.44 -22.34 20.96
N ILE A 599 35.07 -21.33 20.35
CA ILE A 599 36.28 -20.76 20.95
C ILE A 599 36.01 -20.32 22.37
N VAL A 600 35.17 -19.28 22.54
CA VAL A 600 35.07 -18.64 23.85
C VAL A 600 34.35 -19.54 24.83
N PHE A 601 33.13 -19.96 24.49
CA PHE A 601 32.27 -20.55 25.51
C PHE A 601 32.58 -22.01 25.76
N GLN A 602 33.04 -22.77 24.74
CA GLN A 602 33.48 -24.12 25.05
C GLN A 602 34.93 -24.15 25.52
N GLY A 603 35.67 -23.05 25.39
CA GLY A 603 36.96 -22.98 26.05
C GLY A 603 36.75 -22.73 27.52
N PHE A 604 35.76 -21.90 27.85
CA PHE A 604 35.42 -21.69 29.25
C PHE A 604 34.82 -22.95 29.87
N GLN A 605 33.92 -23.62 29.15
CA GLN A 605 33.24 -24.77 29.72
C GLN A 605 34.16 -25.98 29.82
N GLN A 606 34.91 -26.28 28.76
CA GLN A 606 35.70 -27.50 28.71
C GLN A 606 37.19 -27.25 28.95
N ASN A 607 37.53 -26.12 29.58
CA ASN A 607 38.91 -25.82 30.00
C ASN A 607 39.86 -25.84 28.80
N ARG A 608 39.62 -24.92 27.87
CA ARG A 608 40.50 -24.73 26.73
C ARG A 608 41.03 -23.31 26.63
N LEU A 609 40.61 -22.40 27.49
CA LEU A 609 41.30 -21.13 27.64
C LEU A 609 42.66 -21.38 28.27
N GLU A 610 43.68 -20.69 27.76
CA GLU A 610 45.04 -20.94 28.23
C GLU A 610 45.46 -20.03 29.36
N PHE A 611 44.89 -18.84 29.46
CA PHE A 611 45.28 -17.89 30.50
C PHE A 611 44.55 -18.13 31.81
N ILE A 612 43.65 -19.12 31.88
CA ILE A 612 42.95 -19.45 33.11
C ILE A 612 42.53 -20.91 33.03
N ASP A 613 42.36 -21.55 34.18
CA ASP A 613 41.99 -22.95 34.27
C ASP A 613 40.61 -23.06 34.92
N THR A 614 39.73 -23.84 34.30
CA THR A 614 38.36 -24.02 34.79
C THR A 614 38.12 -25.43 35.31
N SER A 615 39.17 -26.15 35.71
CA SER A 615 38.98 -27.42 36.39
C SER A 615 38.30 -27.25 37.73
N GLU A 616 38.34 -26.04 38.29
CA GLU A 616 37.60 -25.69 39.50
C GLU A 616 36.15 -25.41 39.14
N TYR A 617 35.41 -24.76 40.04
CA TYR A 617 34.04 -24.30 39.84
C TYR A 617 33.07 -25.47 39.97
N SER A 618 31.81 -25.18 40.30
CA SER A 618 30.86 -26.17 40.79
C SER A 618 30.03 -26.80 39.69
N GLN A 619 30.53 -26.85 38.45
CA GLN A 619 29.87 -27.47 37.31
C GLN A 619 28.60 -26.75 36.92
N THR A 620 28.17 -25.75 37.68
CA THR A 620 26.97 -25.00 37.32
C THR A 620 27.29 -23.82 36.41
N VAL A 621 28.35 -23.07 36.72
CA VAL A 621 28.75 -21.95 35.87
C VAL A 621 29.20 -22.45 34.49
N LEU A 622 29.83 -23.63 34.45
CA LEU A 622 30.34 -24.15 33.18
C LEU A 622 29.23 -24.37 32.18
N ASP A 623 28.11 -24.95 32.61
CA ASP A 623 26.95 -25.10 31.73
C ASP A 623 26.17 -23.80 31.60
N CYS A 624 26.21 -22.96 32.64
CA CYS A 624 25.46 -21.71 32.63
C CYS A 624 25.95 -20.78 31.53
N ALA A 625 27.27 -20.74 31.31
CA ALA A 625 27.82 -19.88 30.26
C ALA A 625 27.23 -20.26 28.90
N VAL A 626 27.27 -21.55 28.55
CA VAL A 626 26.77 -22.00 27.26
C VAL A 626 25.26 -21.76 27.16
N TYR A 627 24.52 -22.06 28.23
CA TYR A 627 23.07 -21.85 28.19
C TYR A 627 22.72 -20.38 27.99
N ILE A 628 23.40 -19.49 28.71
CA ILE A 628 23.15 -18.06 28.56
C ILE A 628 23.46 -17.61 27.15
N TYR A 629 24.59 -18.05 26.60
CA TYR A 629 24.95 -17.66 25.24
C TYR A 629 23.91 -18.13 24.23
N ASN A 630 23.50 -19.39 24.32
CA ASN A 630 22.54 -19.92 23.36
C ASN A 630 21.20 -19.19 23.47
N PHE A 631 20.71 -19.00 24.69
CA PHE A 631 19.41 -18.34 24.85
C PHE A 631 19.46 -16.90 24.37
N SER A 632 20.52 -16.15 24.71
CA SER A 632 20.63 -14.77 24.26
C SER A 632 20.69 -14.69 22.75
N TYR A 633 21.49 -15.55 22.12
CA TYR A 633 21.62 -15.51 20.66
C TYR A 633 20.29 -15.83 19.99
N LEU A 634 19.61 -16.89 20.46
CA LEU A 634 18.35 -17.28 19.82
C LEU A 634 17.28 -16.22 20.02
N PHE A 635 17.16 -15.66 21.23
CA PHE A 635 16.15 -14.64 21.46
C PHE A 635 16.44 -13.38 20.62
N GLY A 636 17.71 -12.99 20.54
CA GLY A 636 18.06 -11.85 19.71
C GLY A 636 17.72 -12.07 18.25
N LEU A 637 18.03 -13.26 17.72
CA LEU A 637 17.71 -13.54 16.32
C LEU A 637 16.21 -13.54 16.09
N LEU A 638 15.44 -14.12 17.01
CA LEU A 638 13.99 -14.14 16.86
C LEU A 638 13.42 -12.72 16.86
N MET A 639 13.88 -11.90 17.81
CA MET A 639 13.40 -10.52 17.86
C MET A 639 13.77 -9.76 16.59
N LEU A 640 15.00 -9.96 16.10
CA LEU A 640 15.44 -9.27 14.89
C LEU A 640 14.60 -9.68 13.68
N ILE A 641 14.33 -10.97 13.52
CA ILE A 641 13.59 -11.40 12.34
C ILE A 641 12.14 -10.91 12.43
N ILE A 642 11.55 -10.95 13.63
CA ILE A 642 10.18 -10.45 13.78
C ILE A 642 10.10 -8.98 13.42
N ILE A 643 11.02 -8.16 13.97
CA ILE A 643 10.98 -6.74 13.70
C ILE A 643 11.24 -6.46 12.22
N GLY A 644 12.25 -7.12 11.64
CA GLY A 644 12.61 -6.84 10.26
C GLY A 644 11.51 -7.20 9.28
N LEU A 645 10.89 -8.37 9.46
CA LEU A 645 9.80 -8.74 8.58
C LEU A 645 8.54 -7.94 8.87
N GLY A 646 8.40 -7.42 10.08
CA GLY A 646 7.18 -6.72 10.47
C GLY A 646 7.06 -5.28 10.01
N ASN A 647 7.95 -4.41 10.45
CA ASN A 647 7.75 -2.97 10.34
C ASN A 647 9.00 -2.27 9.84
N ASN A 648 8.82 -1.00 9.45
CA ASN A 648 9.91 -0.19 8.95
C ASN A 648 10.85 0.18 10.09
N PRO A 649 12.16 0.17 9.86
CA PRO A 649 13.13 0.45 10.93
C PRO A 649 13.32 1.95 11.20
N LYS A 650 12.22 2.61 11.54
CA LYS A 650 12.28 4.02 11.90
C LYS A 650 11.67 4.25 13.27
N HIS A 651 10.61 3.50 13.59
CA HIS A 651 9.99 3.56 14.90
C HIS A 651 10.48 2.46 15.84
N MET A 652 11.38 1.60 15.38
CA MET A 652 11.98 0.57 16.21
C MET A 652 13.43 0.91 16.52
N LYS A 653 13.70 2.21 16.74
CA LYS A 653 15.06 2.68 16.98
C LYS A 653 15.64 2.09 18.24
N LEU A 654 14.86 2.10 19.33
CA LEU A 654 15.38 1.65 20.62
C LEU A 654 15.69 0.15 20.61
N THR A 655 14.82 -0.66 20.00
CA THR A 655 15.05 -2.10 20.00
C THR A 655 16.26 -2.48 19.15
N TYR A 656 16.41 -1.85 17.98
CA TYR A 656 17.59 -2.09 17.16
C TYR A 656 18.85 -1.66 17.89
N TYR A 657 18.80 -0.51 18.57
CA TYR A 657 19.96 -0.07 19.34
C TYR A 657 20.31 -1.07 20.45
N PHE A 658 19.29 -1.60 21.13
CA PHE A 658 19.53 -2.55 22.20
C PHE A 658 20.17 -3.83 21.68
N VAL A 659 19.61 -4.38 20.59
CA VAL A 659 20.17 -5.61 20.03
C VAL A 659 21.60 -5.38 19.54
N GLY A 660 21.83 -4.25 18.86
CA GLY A 660 23.18 -3.95 18.41
C GLY A 660 24.16 -3.81 19.56
N ALA A 661 23.73 -3.18 20.66
CA ALA A 661 24.60 -3.04 21.81
C ALA A 661 24.93 -4.39 22.43
N VAL A 662 23.93 -5.27 22.53
CA VAL A 662 24.20 -6.60 23.08
C VAL A 662 25.21 -7.34 22.22
N PHE A 663 25.00 -7.35 20.90
CA PHE A 663 25.92 -8.06 20.02
C PHE A 663 27.31 -7.43 20.04
N GLY A 664 27.38 -6.11 20.14
CA GLY A 664 28.68 -5.45 20.19
C GLY A 664 29.46 -5.77 21.44
N LEU A 665 28.78 -5.79 22.59
CA LEU A 665 29.45 -6.17 23.83
C LEU A 665 29.92 -7.62 23.75
N MET A 666 29.08 -8.51 23.22
CA MET A 666 29.49 -9.90 23.05
C MET A 666 30.73 -10.01 22.18
N MET A 667 30.75 -9.28 21.06
CA MET A 667 31.89 -9.37 20.15
C MET A 667 33.16 -8.80 20.77
N MET A 668 33.04 -7.70 21.51
CA MET A 668 34.22 -7.14 22.16
C MET A 668 34.78 -8.09 23.22
N LEU A 669 33.89 -8.70 24.03
CA LEU A 669 34.35 -9.67 25.01
C LEU A 669 35.03 -10.85 24.33
N SER A 670 34.44 -11.37 23.25
CA SER A 670 35.03 -12.49 22.53
C SER A 670 36.39 -12.13 21.96
N SER A 671 36.51 -10.91 21.42
CA SER A 671 37.79 -10.49 20.85
C SER A 671 38.86 -10.40 21.93
N LEU A 672 38.53 -9.84 23.11
CA LEU A 672 39.50 -9.78 24.18
C LEU A 672 39.92 -11.17 24.64
N VAL A 673 38.96 -12.08 24.78
CA VAL A 673 39.28 -13.44 25.20
C VAL A 673 40.19 -14.12 24.17
N GLY A 674 39.87 -13.95 22.88
CA GLY A 674 40.69 -14.55 21.84
C GLY A 674 42.10 -13.99 21.81
N ALA A 675 42.24 -12.69 22.01
CA ALA A 675 43.56 -12.08 22.07
C ALA A 675 44.36 -12.63 23.26
N GLY A 676 43.71 -12.76 24.41
CA GLY A 676 44.39 -13.35 25.56
C GLY A 676 44.83 -14.78 25.29
N ILE A 677 43.96 -15.58 24.66
CA ILE A 677 44.30 -16.96 24.33
C ILE A 677 45.51 -17.00 23.39
N PHE A 678 45.50 -16.15 22.37
CA PHE A 678 46.60 -16.17 21.40
C PHE A 678 47.91 -15.75 22.05
N PHE A 679 47.89 -14.72 22.90
CA PHE A 679 49.12 -14.26 23.52
C PHE A 679 49.60 -15.20 24.62
N SER A 680 48.72 -16.00 25.22
CA SER A 680 49.16 -16.94 26.24
C SER A 680 49.84 -18.16 25.65
N THR A 681 49.49 -18.54 24.42
CA THR A 681 50.10 -19.70 23.79
C THR A 681 51.57 -19.39 23.46
N PRO A 682 52.48 -20.34 23.70
CA PRO A 682 53.91 -20.07 23.44
C PRO A 682 54.26 -19.91 21.96
N ALA A 683 53.25 -19.94 21.09
CA ALA A 683 53.37 -19.65 19.66
C ALA A 683 54.09 -20.76 18.89
N THR A 684 53.69 -20.95 17.63
CA THR A 684 54.27 -21.97 16.77
C THR A 684 54.23 -21.44 15.34
N VAL A 685 54.93 -22.13 14.44
CA VAL A 685 54.97 -21.70 13.05
C VAL A 685 53.56 -21.71 12.46
N HIS A 686 52.81 -22.79 12.70
CA HIS A 686 51.44 -22.85 12.21
C HIS A 686 50.60 -21.73 12.80
N SER A 687 50.74 -21.49 14.10
CA SER A 687 49.95 -20.45 14.77
C SER A 687 50.24 -19.08 14.19
N ILE A 688 51.52 -18.73 14.02
CA ILE A 688 51.86 -17.41 13.55
C ILE A 688 51.47 -17.24 12.09
N VAL A 689 51.63 -18.28 11.28
CA VAL A 689 51.24 -18.20 9.87
C VAL A 689 49.73 -17.97 9.76
N VAL A 690 48.94 -18.74 10.53
CA VAL A 690 47.50 -18.59 10.48
C VAL A 690 47.09 -17.20 10.97
N SER A 691 47.70 -16.73 12.05
CA SER A 691 47.35 -15.40 12.57
C SER A 691 47.65 -14.32 11.54
N ILE A 692 48.83 -14.38 10.91
CA ILE A 692 49.18 -13.41 9.88
C ILE A 692 48.14 -13.45 8.77
N LEU A 693 48.00 -14.60 8.11
CA LEU A 693 47.13 -14.71 6.94
C LEU A 693 45.66 -14.53 7.27
N THR A 694 45.28 -14.52 8.54
CA THR A 694 43.90 -14.25 8.90
C THR A 694 43.64 -12.78 9.22
N VAL A 695 44.41 -12.20 10.14
CA VAL A 695 44.14 -10.86 10.62
C VAL A 695 45.08 -9.82 10.01
N GLY A 696 46.36 -10.13 9.90
CA GLY A 696 47.30 -9.10 9.52
C GLY A 696 47.32 -8.73 8.06
N VAL A 697 46.52 -9.42 7.24
CA VAL A 697 46.43 -9.05 5.82
C VAL A 697 45.92 -7.64 5.67
N TYR A 698 44.94 -7.24 6.50
CA TYR A 698 44.42 -5.89 6.46
C TYR A 698 45.53 -4.87 6.68
N PHE A 699 46.30 -5.05 7.76
CA PHE A 699 47.35 -4.09 8.07
C PHE A 699 48.45 -4.10 7.02
N ILE A 700 48.80 -5.28 6.49
CA ILE A 700 49.86 -5.36 5.49
C ILE A 700 49.45 -4.62 4.23
N ALA A 701 48.24 -4.88 3.73
CA ALA A 701 47.78 -4.21 2.52
C ALA A 701 47.63 -2.71 2.74
N SER A 702 47.11 -2.31 3.90
CA SER A 702 46.93 -0.90 4.19
C SER A 702 48.26 -0.16 4.25
N ALA A 703 49.27 -0.79 4.86
CA ALA A 703 50.60 -0.18 4.90
C ALA A 703 51.23 -0.15 3.51
N LEU A 704 50.95 -1.18 2.69
CA LEU A 704 51.47 -1.18 1.33
C LEU A 704 50.91 -0.02 0.52
N HIS A 705 49.61 0.25 0.66
CA HIS A 705 48.99 1.35 -0.05
C HIS A 705 49.06 2.68 0.69
N GLY A 706 49.69 2.70 1.87
CA GLY A 706 49.91 3.93 2.60
C GLY A 706 48.76 4.41 3.44
N GLU A 707 47.60 3.76 3.37
CA GLU A 707 46.44 4.15 4.18
C GLU A 707 46.32 3.22 5.39
N VAL A 708 47.21 3.44 6.35
CA VAL A 708 47.29 2.60 7.52
C VAL A 708 46.73 3.27 8.78
N HIS A 709 46.85 4.58 8.91
CA HIS A 709 46.38 5.27 10.11
C HIS A 709 44.87 5.12 10.27
N HIS A 710 44.14 5.16 9.16
CA HIS A 710 42.69 4.97 9.23
C HIS A 710 42.34 3.61 9.80
N ILE A 711 43.06 2.57 9.39
CA ILE A 711 42.82 1.23 9.92
C ILE A 711 43.08 1.19 11.41
N PHE A 712 44.19 1.79 11.86
CA PHE A 712 44.49 1.82 13.28
C PHE A 712 43.38 2.54 14.05
N MET A 713 42.85 3.63 13.49
CA MET A 713 41.83 4.39 14.21
C MET A 713 40.50 3.64 14.27
N THR A 714 40.14 2.93 13.20
CA THR A 714 38.79 2.41 13.07
C THR A 714 38.67 0.89 13.22
N PHE A 715 39.76 0.18 13.52
CA PHE A 715 39.67 -1.27 13.63
C PHE A 715 38.74 -1.70 14.76
N THR A 716 38.87 -1.06 15.93
CA THR A 716 38.02 -1.42 17.05
C THR A 716 36.56 -1.11 16.76
N HIS A 717 36.29 0.04 16.14
CA HIS A 717 34.92 0.43 15.84
C HIS A 717 34.28 -0.53 14.85
N TYR A 718 35.04 -0.98 13.85
CA TYR A 718 34.49 -1.96 12.92
C TYR A 718 34.31 -3.32 13.58
N THR A 719 35.23 -3.69 14.48
CA THR A 719 35.12 -4.99 15.15
C THR A 719 33.88 -5.04 16.03
N ALA A 720 33.53 -3.92 16.66
CA ALA A 720 32.38 -3.90 17.56
C ALA A 720 31.05 -4.08 16.83
N LEU A 721 31.01 -4.02 15.51
CA LEU A 721 29.76 -4.04 14.76
C LEU A 721 29.66 -5.21 13.77
N ILE A 722 30.57 -6.17 13.83
CA ILE A 722 30.51 -7.29 12.88
C ILE A 722 29.23 -8.09 13.01
N PRO A 723 28.86 -8.63 14.18
CA PRO A 723 27.60 -9.39 14.24
C PRO A 723 26.38 -8.55 13.90
N SER A 724 26.38 -7.29 14.32
CA SER A 724 25.29 -6.39 13.94
C SER A 724 25.17 -6.28 12.43
N PHE A 725 26.28 -5.96 11.76
CA PHE A 725 26.35 -5.91 10.32
C PHE A 725 25.71 -7.17 9.73
N VAL A 726 26.34 -8.32 9.98
CA VAL A 726 25.93 -9.57 9.35
C VAL A 726 24.46 -9.83 9.60
N ASN A 727 24.11 -10.05 10.86
CA ASN A 727 22.76 -10.50 11.19
C ASN A 727 21.71 -9.48 10.77
N ILE A 728 21.80 -8.26 11.30
CA ILE A 728 20.73 -7.29 11.10
C ILE A 728 20.59 -6.96 9.62
N PHE A 729 21.70 -6.63 8.95
CA PHE A 729 21.59 -6.18 7.57
C PHE A 729 21.10 -7.30 6.66
N THR A 730 21.63 -8.51 6.81
CA THR A 730 21.16 -9.59 5.95
C THR A 730 19.70 -9.92 6.19
N ILE A 731 19.27 -9.97 7.46
CA ILE A 731 17.88 -10.30 7.77
C ILE A 731 16.95 -9.24 7.22
N TYR A 732 17.27 -7.97 7.42
CA TYR A 732 16.40 -6.90 6.93
C TYR A 732 16.39 -6.87 5.40
N SER A 733 17.51 -7.16 4.76
CA SER A 733 17.54 -7.24 3.30
C SER A 733 16.63 -8.33 2.78
N PHE A 734 16.68 -9.51 3.40
CA PHE A 734 15.88 -10.63 2.90
C PHE A 734 14.41 -10.48 3.24
N CYS A 735 14.09 -9.85 4.38
CA CYS A 735 12.69 -9.77 4.81
C CYS A 735 11.90 -8.80 3.96
N ASN A 736 12.48 -7.65 3.62
CA ASN A 736 11.79 -6.62 2.86
C ASN A 736 12.11 -6.67 1.37
N LEU A 737 12.31 -7.87 0.84
CA LEU A 737 12.62 -8.03 -0.58
C LEU A 737 11.44 -7.69 -1.48
N GLN A 738 10.22 -7.60 -0.92
CA GLN A 738 9.03 -7.34 -1.71
C GLN A 738 8.96 -5.92 -2.25
N ASP A 739 9.67 -4.98 -1.62
CA ASP A 739 9.58 -3.57 -1.99
C ASP A 739 9.96 -3.37 -3.45
N LEU A 740 9.11 -2.64 -4.18
CA LEU A 740 9.31 -2.34 -5.59
C LEU A 740 8.71 -0.98 -5.91
N SER A 741 8.49 -0.73 -7.19
CA SER A 741 7.80 0.47 -7.64
C SER A 741 6.29 0.24 -7.60
N LYS A 762 -18.91 12.54 -30.77
CA LYS A 762 -20.36 12.46 -30.67
C LYS A 762 -20.81 11.05 -30.34
N GLY A 763 -21.87 10.95 -29.54
CA GLY A 763 -22.43 9.65 -29.18
C GLY A 763 -23.78 9.76 -28.50
N ASP A 764 -24.60 8.72 -28.64
CA ASP A 764 -25.90 8.68 -28.01
C ASP A 764 -25.80 8.02 -26.64
N PHE A 765 -26.95 7.72 -26.03
CA PHE A 765 -26.95 7.18 -24.67
C PHE A 765 -26.28 5.82 -24.60
N LYS A 766 -26.56 4.95 -25.57
CA LYS A 766 -26.01 3.60 -25.54
C LYS A 766 -24.48 3.63 -25.62
N ASP A 767 -23.94 4.54 -26.43
CA ASP A 767 -22.49 4.70 -26.49
C ASP A 767 -21.93 5.11 -25.14
N VAL A 768 -22.64 6.00 -24.43
CA VAL A 768 -22.19 6.42 -23.10
C VAL A 768 -22.16 5.24 -22.14
N ILE A 769 -23.23 4.43 -22.15
CA ILE A 769 -23.29 3.27 -21.27
C ILE A 769 -22.16 2.29 -21.59
N ALA A 770 -21.92 2.05 -22.87
CA ALA A 770 -20.84 1.16 -23.28
C ALA A 770 -19.48 1.69 -22.82
N LYS A 771 -19.27 3.00 -22.93
CA LYS A 771 -18.02 3.59 -22.48
C LYS A 771 -17.82 3.39 -20.98
N ARG A 772 -18.87 3.63 -20.19
CA ARG A 772 -18.74 3.45 -18.75
C ARG A 772 -18.43 1.99 -18.41
N ARG A 773 -19.12 1.05 -19.06
CA ARG A 773 -18.88 -0.35 -18.76
C ARG A 773 -17.47 -0.77 -19.16
N ALA A 774 -16.98 -0.30 -20.31
CA ALA A 774 -15.63 -0.61 -20.73
C ALA A 774 -14.60 -0.06 -19.75
N LEU A 775 -14.80 1.18 -19.28
CA LEU A 775 -13.88 1.75 -18.31
C LEU A 775 -13.85 0.93 -17.02
N GLU A 776 -15.02 0.53 -16.53
CA GLU A 776 -15.05 -0.26 -15.30
C GLU A 776 -14.37 -1.61 -15.48
N GLU A 777 -14.61 -2.27 -16.60
CA GLU A 777 -13.98 -3.58 -16.84
C GLU A 777 -12.47 -3.44 -16.93
N LEU A 778 -11.98 -2.40 -17.63
CA LEU A 778 -10.54 -2.20 -17.72
C LEU A 778 -9.93 -1.94 -16.36
N ARG A 779 -10.60 -1.13 -15.54
CA ARG A 779 -10.06 -0.83 -14.21
C ARG A 779 -9.98 -2.10 -13.37
N ARG A 780 -11.02 -2.94 -13.42
CA ARG A 780 -11.00 -4.16 -12.63
C ARG A 780 -9.91 -5.12 -13.11
N GLU A 781 -9.72 -5.23 -14.43
CA GLU A 781 -8.66 -6.10 -14.93
C GLU A 781 -7.28 -5.59 -14.50
N GLU A 782 -7.07 -4.27 -14.55
CA GLU A 782 -5.80 -3.71 -14.09
C GLU A 782 -5.56 -4.02 -12.62
N LYS A 783 -6.59 -3.86 -11.79
CA LYS A 783 -6.44 -4.15 -10.36
C LYS A 783 -6.08 -5.61 -10.13
N GLU A 784 -6.74 -6.52 -10.87
CA GLU A 784 -6.44 -7.94 -10.72
C GLU A 784 -5.00 -8.25 -11.12
N ARG A 785 -4.53 -7.64 -12.21
CA ARG A 785 -3.15 -7.89 -12.64
C ARG A 785 -2.14 -7.39 -11.60
N VAL A 786 -2.38 -6.21 -11.03
CA VAL A 786 -1.47 -5.69 -10.01
C VAL A 786 -1.45 -6.60 -8.80
N GLU A 787 -2.63 -7.07 -8.38
CA GLU A 787 -2.70 -7.97 -7.23
C GLU A 787 -1.92 -9.26 -7.49
N ASN A 788 -2.08 -9.84 -8.69
CA ASN A 788 -1.37 -11.08 -9.01
C ASN A 788 0.14 -10.86 -9.01
N ARG A 789 0.60 -9.73 -9.55
CA ARG A 789 2.03 -9.43 -9.56
C ARG A 789 2.59 -9.35 -8.15
N LYS A 790 1.91 -8.62 -7.27
CA LYS A 790 2.39 -8.51 -5.90
C LYS A 790 2.38 -9.87 -5.21
N LYS A 791 1.37 -10.69 -5.47
CA LYS A 791 1.33 -12.03 -4.90
C LYS A 791 2.57 -12.84 -5.30
N ASN A 792 2.90 -12.81 -6.60
CA ASN A 792 4.04 -13.59 -7.07
C ASN A 792 5.33 -13.12 -6.43
N PHE A 793 5.53 -11.80 -6.35
CA PHE A 793 6.79 -11.32 -5.77
C PHE A 793 6.89 -11.62 -4.29
N GLU A 794 5.77 -11.52 -3.55
CA GLU A 794 5.79 -11.91 -2.14
C GLU A 794 6.16 -13.37 -1.99
N ALA A 795 5.58 -14.24 -2.83
CA ALA A 795 5.90 -15.66 -2.75
C ALA A 795 7.38 -15.90 -2.98
N PHE A 796 7.96 -15.24 -3.98
CA PHE A 796 9.37 -15.45 -4.27
C PHE A 796 10.25 -15.01 -3.10
N ARG A 797 9.99 -13.84 -2.54
CA ARG A 797 10.82 -13.36 -1.44
C ARG A 797 10.70 -14.29 -0.23
N THR A 798 9.48 -14.77 0.06
CA THR A 798 9.31 -15.65 1.21
C THR A 798 10.04 -16.97 1.01
N ASN A 799 9.98 -17.53 -0.20
CA ASN A 799 10.69 -18.77 -0.46
C ASN A 799 12.20 -18.59 -0.28
N VAL A 800 12.74 -17.49 -0.79
CA VAL A 800 14.18 -17.25 -0.66
C VAL A 800 14.57 -17.11 0.81
N LEU A 801 13.79 -16.34 1.57
CA LEU A 801 14.12 -16.14 2.98
C LEU A 801 14.05 -17.44 3.77
N LEU A 802 13.01 -18.25 3.51
CA LEU A 802 12.91 -19.53 4.20
C LEU A 802 14.09 -20.43 3.87
N THR A 803 14.47 -20.51 2.59
CA THR A 803 15.60 -21.34 2.21
C THR A 803 16.87 -20.89 2.94
N TRP A 804 17.14 -19.59 2.94
CA TRP A 804 18.36 -19.08 3.57
C TRP A 804 18.38 -19.40 5.07
N ALA A 805 17.30 -19.03 5.78
CA ALA A 805 17.29 -19.21 7.22
C ALA A 805 17.37 -20.68 7.61
N PHE A 806 16.63 -21.54 6.92
CA PHE A 806 16.64 -22.96 7.29
C PHE A 806 17.96 -23.62 6.93
N SER A 807 18.59 -23.22 5.81
CA SER A 807 19.91 -23.76 5.51
C SER A 807 20.90 -23.40 6.60
N ASN A 808 20.90 -22.14 7.04
CA ASN A 808 21.83 -21.74 8.09
C ASN A 808 21.57 -22.50 9.38
N LEU A 809 20.30 -22.62 9.78
CA LEU A 809 19.99 -23.31 11.04
C LEU A 809 20.38 -24.77 10.98
N ILE A 810 20.05 -25.45 9.88
CA ILE A 810 20.38 -26.87 9.76
C ILE A 810 21.88 -27.08 9.77
N PHE A 811 22.62 -26.24 9.05
CA PHE A 811 24.08 -26.35 9.06
C PHE A 811 24.62 -26.20 10.47
N ALA A 812 24.18 -25.17 11.19
CA ALA A 812 24.69 -24.93 12.53
C ALA A 812 24.39 -26.10 13.45
N LEU A 813 23.16 -26.62 13.41
CA LEU A 813 22.79 -27.72 14.29
C LEU A 813 23.60 -28.97 13.98
N PHE A 814 23.69 -29.33 12.69
CA PHE A 814 24.42 -30.55 12.33
C PHE A 814 25.89 -30.44 12.70
N VAL A 815 26.50 -29.27 12.51
CA VAL A 815 27.91 -29.14 12.86
C VAL A 815 28.12 -29.05 14.37
N VAL A 816 27.14 -28.57 15.14
CA VAL A 816 27.32 -28.50 16.58
C VAL A 816 26.98 -29.80 17.29
N TYR A 817 26.26 -30.71 16.64
CA TYR A 817 25.93 -31.99 17.26
C TYR A 817 26.86 -33.13 16.85
N PHE A 818 27.22 -33.22 15.58
CA PHE A 818 28.00 -34.34 15.07
C PHE A 818 29.48 -34.02 14.90
N ALA A 819 29.93 -32.83 15.28
CA ALA A 819 31.33 -32.45 15.10
C ALA A 819 31.83 -31.76 16.35
N SER A 820 33.13 -31.86 16.57
CA SER A 820 33.79 -31.25 17.73
C SER A 820 34.58 -30.03 17.29
N SER A 821 35.04 -29.26 18.26
CA SER A 821 35.84 -28.07 17.95
C SER A 821 37.16 -28.44 17.31
N SER A 822 37.80 -29.53 17.77
CA SER A 822 39.10 -29.90 17.25
C SER A 822 39.02 -30.38 15.82
N THR A 823 37.90 -30.98 15.42
CA THR A 823 37.73 -31.48 14.07
C THR A 823 37.02 -30.50 13.15
N TYR A 824 36.70 -29.29 13.64
CA TYR A 824 36.02 -28.29 12.82
C TYR A 824 36.81 -27.00 12.68
N MET A 825 37.41 -26.49 13.74
CA MET A 825 38.11 -25.21 13.67
C MET A 825 39.23 -25.18 12.62
N PRO A 826 40.07 -26.22 12.46
CA PRO A 826 41.10 -26.14 11.41
C PRO A 826 40.55 -25.89 10.03
N VAL A 827 39.38 -26.46 9.70
CA VAL A 827 38.80 -26.24 8.37
C VAL A 827 38.42 -24.77 8.20
N LEU A 828 37.80 -24.17 9.21
CA LEU A 828 37.45 -22.76 9.13
C LEU A 828 38.69 -21.88 9.00
N TYR A 829 39.74 -22.20 9.77
CA TYR A 829 40.97 -21.45 9.67
C TYR A 829 41.57 -21.54 8.27
N ILE A 830 41.57 -22.74 7.69
CA ILE A 830 42.11 -22.91 6.34
C ILE A 830 41.30 -22.12 5.33
N PHE A 831 39.98 -22.14 5.44
CA PHE A 831 39.14 -21.42 4.49
C PHE A 831 39.39 -19.92 4.56
N VAL A 832 39.38 -19.36 5.77
CA VAL A 832 39.59 -17.92 5.92
C VAL A 832 40.98 -17.54 5.45
N ALA A 833 42.00 -18.34 5.79
CA ALA A 833 43.36 -18.04 5.37
C ALA A 833 43.49 -18.06 3.86
N SER A 834 42.84 -19.03 3.20
CA SER A 834 42.91 -19.09 1.74
C SER A 834 42.27 -17.86 1.12
N LEU A 835 41.08 -17.47 1.59
CA LEU A 835 40.41 -16.30 1.01
C LEU A 835 41.27 -15.05 1.20
N ASN A 836 41.78 -14.83 2.41
CA ASN A 836 42.55 -13.62 2.65
C ASN A 836 43.89 -13.64 1.92
N THR A 837 44.50 -14.82 1.72
CA THR A 837 45.71 -14.90 0.92
C THR A 837 45.43 -14.50 -0.52
N CYS A 838 44.31 -14.97 -1.07
CA CYS A 838 43.96 -14.59 -2.45
C CYS A 838 43.74 -13.08 -2.55
N ARG A 839 43.04 -12.50 -1.57
CA ARG A 839 42.80 -11.06 -1.61
C ARG A 839 44.10 -10.27 -1.48
N LEU A 840 45.02 -10.71 -0.62
CA LEU A 840 46.29 -10.03 -0.47
C LEU A 840 47.12 -10.11 -1.74
N LEU A 841 47.13 -11.28 -2.39
CA LEU A 841 47.83 -11.41 -3.67
C LEU A 841 47.24 -10.47 -4.71
N GLY A 842 45.92 -10.36 -4.75
CA GLY A 842 45.30 -9.44 -5.68
C GLY A 842 45.70 -7.99 -5.43
N SER A 843 45.69 -7.57 -4.16
CA SER A 843 46.07 -6.20 -3.83
C SER A 843 47.52 -5.93 -4.21
N ILE A 844 48.42 -6.88 -3.92
CA ILE A 844 49.83 -6.69 -4.26
C ILE A 844 50.00 -6.60 -5.77
N GLY A 845 49.29 -7.44 -6.51
CA GLY A 845 49.37 -7.38 -7.97
C GLY A 845 48.89 -6.05 -8.52
N HIS A 846 47.79 -5.53 -7.96
CA HIS A 846 47.30 -4.23 -8.41
C HIS A 846 48.30 -3.13 -8.13
N TRP A 847 48.92 -3.15 -6.94
CA TRP A 847 49.92 -2.13 -6.64
C TRP A 847 51.11 -2.23 -7.59
N VAL A 848 51.57 -3.45 -7.85
CA VAL A 848 52.70 -3.64 -8.77
C VAL A 848 52.35 -3.11 -10.15
N TYR A 849 51.14 -3.41 -10.62
CA TYR A 849 50.72 -2.90 -11.93
C TYR A 849 50.71 -1.37 -11.95
N ILE A 850 50.06 -0.77 -10.96
CA ILE A 850 49.91 0.68 -10.97
C ILE A 850 51.23 1.40 -10.78
N HIS A 851 52.24 0.75 -10.21
CA HIS A 851 53.55 1.38 -10.06
C HIS A 851 54.56 0.97 -11.12
N THR A 852 54.25 -0.04 -11.95
CA THR A 852 55.18 -0.52 -12.96
C THR A 852 54.76 -0.19 -14.38
N GLU A 853 53.48 -0.39 -14.72
CA GLU A 853 53.05 -0.25 -16.11
C GLU A 853 53.35 1.14 -16.67
N GLY A 854 53.25 2.17 -15.83
CA GLY A 854 53.57 3.51 -16.30
C GLY A 854 54.97 3.62 -16.85
N LEU A 855 55.95 3.03 -16.15
CA LEU A 855 57.32 3.04 -16.64
C LEU A 855 57.55 2.02 -17.74
N ARG A 856 56.88 0.88 -17.70
CA ARG A 856 57.18 -0.25 -18.57
C ARG A 856 56.35 -0.27 -19.85
N GLY A 857 55.46 0.71 -20.05
CA GLY A 857 54.70 0.76 -21.29
C GLY A 857 55.56 0.97 -22.54
N ARG A 858 56.77 1.49 -22.38
CA ARG A 858 57.68 1.66 -23.51
C ARG A 858 58.04 0.31 -24.13
N VAL A 859 58.23 -0.72 -23.30
CA VAL A 859 58.63 -2.03 -23.80
C VAL A 859 57.54 -2.63 -24.67
N ILE A 860 56.30 -2.63 -24.17
CA ILE A 860 55.19 -3.23 -24.90
C ILE A 860 53.98 -2.31 -24.87
N PRO B 40 8.89 45.28 -29.12
CA PRO B 40 8.80 44.92 -30.54
C PRO B 40 8.63 43.42 -30.75
N PRO B 41 7.53 43.01 -31.38
CA PRO B 41 7.28 41.58 -31.60
C PRO B 41 8.23 41.01 -32.63
N PRO B 42 8.77 39.82 -32.39
CA PRO B 42 9.62 39.17 -33.38
C PRO B 42 8.76 38.48 -34.43
N SER B 43 9.44 37.75 -35.33
CA SER B 43 8.76 36.99 -36.39
C SER B 43 8.27 35.67 -35.79
N ILE B 44 7.11 35.73 -35.13
CA ILE B 44 6.49 34.57 -34.52
C ILE B 44 5.14 34.27 -35.15
N ARG B 45 4.93 34.68 -36.40
CA ARG B 45 3.66 34.40 -37.07
C ARG B 45 3.47 32.90 -37.27
N SER B 46 4.54 32.19 -37.59
CA SER B 46 4.51 30.74 -37.78
C SER B 46 5.40 30.12 -36.71
N CYS B 47 4.81 29.85 -35.53
CA CYS B 47 5.54 29.22 -34.44
C CYS B 47 4.90 27.93 -33.96
N GLY B 48 3.57 27.87 -33.87
CA GLY B 48 2.92 26.64 -33.48
C GLY B 48 2.79 25.65 -34.61
N SER B 49 2.73 26.13 -35.86
CA SER B 49 2.60 25.22 -36.99
C SER B 49 3.91 24.52 -37.29
N GLN B 50 5.02 25.25 -37.26
CA GLN B 50 6.32 24.66 -37.55
C GLN B 50 6.73 23.68 -36.45
N GLN B 51 7.54 22.69 -36.84
CA GLN B 51 7.95 21.66 -35.91
C GLN B 51 8.79 22.23 -34.77
N TYR B 52 9.71 23.15 -35.08
CA TYR B 52 10.60 23.73 -34.09
C TYR B 52 10.86 25.18 -34.42
N VAL B 53 10.59 26.06 -33.45
CA VAL B 53 10.83 27.49 -33.58
C VAL B 53 11.50 27.99 -32.32
N THR B 54 12.54 28.80 -32.48
CA THR B 54 13.23 29.43 -31.36
C THR B 54 12.94 30.92 -31.38
N SER B 55 12.50 31.46 -30.25
CA SER B 55 12.16 32.86 -30.14
C SER B 55 12.73 33.44 -28.85
N TYR B 56 13.02 34.74 -28.87
CA TYR B 56 13.47 35.46 -27.70
C TYR B 56 12.41 36.48 -27.32
N ILE B 57 11.91 36.38 -26.09
CA ILE B 57 10.85 37.27 -25.64
C ILE B 57 11.46 38.26 -24.64
N PRO B 58 11.73 39.50 -25.04
CA PRO B 58 12.38 40.45 -24.14
C PRO B 58 11.40 40.97 -23.10
N THR B 59 11.87 41.10 -21.87
CA THR B 59 11.10 41.81 -20.85
C THR B 59 11.63 43.24 -20.79
N GLY B 60 10.88 44.15 -21.39
CA GLY B 60 11.29 45.54 -21.49
C GLY B 60 10.34 46.42 -20.73
N ALA B 61 9.50 47.14 -21.47
CA ALA B 61 8.39 47.92 -20.91
C ALA B 61 7.09 47.53 -21.61
N ALA B 62 6.88 46.21 -21.75
CA ALA B 62 5.73 45.62 -22.42
C ALA B 62 5.71 45.93 -23.91
N PHE B 63 4.98 45.12 -24.67
CA PHE B 63 4.89 45.32 -26.11
C PHE B 63 4.22 46.66 -26.42
N PRO B 64 4.72 47.39 -27.41
CA PRO B 64 4.08 48.66 -27.77
C PRO B 64 2.69 48.41 -28.31
N PRO B 65 1.75 49.32 -28.08
CA PRO B 65 0.40 49.14 -28.62
C PRO B 65 0.37 49.38 -30.13
N SER B 66 -0.79 49.10 -30.72
CA SER B 66 -1.10 49.25 -32.14
C SER B 66 -0.33 48.27 -33.02
N SER B 67 0.52 47.41 -32.45
CA SER B 67 1.22 46.39 -33.20
C SER B 67 0.56 45.02 -33.09
N VAL B 68 0.02 44.69 -31.92
CA VAL B 68 -0.69 43.44 -31.75
C VAL B 68 -1.96 43.40 -32.60
N GLN B 69 -2.62 44.56 -32.75
CA GLN B 69 -3.84 44.62 -33.56
C GLN B 69 -3.57 44.23 -35.00
N ASP B 70 -2.47 44.73 -35.57
CA ASP B 70 -2.12 44.37 -36.94
C ASP B 70 -1.84 42.88 -37.07
N MET B 71 -1.11 42.31 -36.11
CA MET B 71 -0.79 40.89 -36.17
C MET B 71 -2.05 40.03 -36.06
N ILE B 72 -2.98 40.42 -35.18
CA ILE B 72 -4.23 39.67 -35.06
C ILE B 72 -5.07 39.80 -36.32
N SER B 73 -5.17 41.00 -36.87
CA SER B 73 -6.04 41.25 -38.02
C SER B 73 -5.43 40.77 -39.33
N SER B 74 -4.14 40.44 -39.36
CA SER B 74 -3.49 39.99 -40.58
C SER B 74 -3.63 38.49 -40.81
N MET B 75 -4.30 37.77 -39.92
CA MET B 75 -4.44 36.32 -40.02
C MET B 75 -5.89 35.98 -40.38
N LYS B 76 -6.06 35.20 -41.45
CA LYS B 76 -7.37 34.78 -41.91
C LYS B 76 -7.69 33.33 -41.58
N SER B 77 -6.70 32.52 -41.21
CA SER B 77 -6.97 31.14 -40.82
C SER B 77 -7.83 31.07 -39.56
N TYR B 78 -7.77 32.11 -38.72
CA TYR B 78 -8.60 32.13 -37.52
C TYR B 78 -10.08 32.14 -37.88
N ALA B 79 -10.44 32.82 -38.96
CA ALA B 79 -11.83 32.83 -39.40
C ALA B 79 -12.29 31.44 -39.79
N SER B 80 -11.46 30.71 -40.54
CA SER B 80 -11.82 29.34 -40.93
C SER B 80 -11.92 28.43 -39.71
N ALA B 81 -10.99 28.57 -38.76
CA ALA B 81 -11.06 27.77 -37.55
C ALA B 81 -12.33 28.06 -36.76
N THR B 82 -12.69 29.34 -36.65
CA THR B 82 -13.90 29.71 -35.94
C THR B 82 -15.14 29.18 -36.64
N ASP B 83 -15.16 29.23 -37.98
CA ASP B 83 -16.29 28.68 -38.73
C ASP B 83 -16.42 27.18 -38.48
N LEU B 84 -15.30 26.45 -38.51
CA LEU B 84 -15.35 25.02 -38.27
C LEU B 84 -15.83 24.71 -36.85
N VAL B 85 -15.33 25.47 -35.87
CA VAL B 85 -15.74 25.25 -34.48
C VAL B 85 -17.22 25.53 -34.31
N ARG B 86 -17.71 26.62 -34.91
CA ARG B 86 -19.13 26.93 -34.82
C ARG B 86 -19.99 25.84 -35.47
N THR B 87 -19.56 25.34 -36.63
CA THR B 87 -20.30 24.27 -37.29
C THR B 87 -20.33 23.01 -36.43
N TYR B 88 -19.19 22.65 -35.82
CA TYR B 88 -19.15 21.46 -35.00
C TYR B 88 -19.97 21.62 -33.72
N SER B 89 -19.97 22.82 -33.13
CA SER B 89 -20.61 23.07 -31.86
C SER B 89 -22.10 23.36 -31.98
N GLU B 90 -22.64 23.42 -33.20
CA GLU B 90 -24.06 23.67 -33.36
C GLU B 90 -24.90 22.54 -32.77
N ILE B 91 -24.50 21.31 -33.01
CA ILE B 91 -25.26 20.13 -32.57
C ILE B 91 -24.68 19.67 -31.23
N PRO B 92 -25.48 19.62 -30.17
CA PRO B 92 -24.97 19.12 -28.89
C PRO B 92 -25.04 17.61 -28.80
N SER B 93 -24.55 17.05 -27.70
CA SER B 93 -24.56 15.61 -27.48
C SER B 93 -24.89 15.34 -26.02
N VAL B 94 -25.40 14.12 -25.77
CA VAL B 94 -25.76 13.73 -24.41
C VAL B 94 -24.53 13.67 -23.52
N GLU B 95 -23.43 13.11 -24.03
CA GLU B 95 -22.23 12.97 -23.22
C GLU B 95 -21.67 14.31 -22.81
N GLU B 96 -21.68 15.29 -23.73
CA GLU B 96 -21.20 16.62 -23.39
C GLU B 96 -22.05 17.27 -22.32
N ALA B 97 -23.37 17.11 -22.41
CA ALA B 97 -24.25 17.67 -21.40
C ALA B 97 -23.98 17.04 -20.03
N LEU B 98 -23.84 15.71 -19.99
CA LEU B 98 -23.57 15.05 -18.71
C LEU B 98 -22.23 15.47 -18.14
N SER B 99 -21.21 15.60 -18.99
CA SER B 99 -19.90 16.04 -18.52
C SER B 99 -19.95 17.46 -17.97
N THR B 100 -20.66 18.36 -18.66
CA THR B 100 -20.78 19.72 -18.19
C THR B 100 -21.51 19.77 -16.85
N LEU B 101 -22.57 18.96 -16.70
CA LEU B 101 -23.27 18.93 -15.42
C LEU B 101 -22.39 18.38 -14.30
N ASP B 102 -21.57 17.36 -14.60
CA ASP B 102 -20.66 16.84 -13.60
C ASP B 102 -19.63 17.89 -13.18
N ARG B 103 -19.12 18.64 -14.16
CA ARG B 103 -18.19 19.73 -13.84
C ARG B 103 -18.88 20.80 -13.00
N ALA B 104 -20.15 21.09 -13.31
CA ALA B 104 -20.91 22.05 -12.52
C ALA B 104 -21.05 21.59 -11.07
N ALA B 105 -21.36 20.31 -10.88
CA ALA B 105 -21.47 19.78 -9.52
C ALA B 105 -20.13 19.87 -8.79
N ALA B 106 -19.03 19.54 -9.49
CA ALA B 106 -17.72 19.63 -8.87
C ALA B 106 -17.40 21.07 -8.47
N ALA B 107 -17.74 22.03 -9.32
CA ALA B 107 -17.52 23.43 -8.99
C ALA B 107 -18.38 23.87 -7.80
N LEU B 108 -19.63 23.41 -7.76
CA LEU B 108 -20.51 23.76 -6.65
C LEU B 108 -19.97 23.21 -5.33
N ASN B 109 -19.45 21.98 -5.34
CA ASN B 109 -18.85 21.43 -4.13
C ASN B 109 -17.63 22.22 -3.67
N ALA B 110 -17.00 22.96 -4.57
CA ALA B 110 -15.86 23.80 -4.24
C ALA B 110 -16.26 25.20 -3.81
N ARG B 111 -17.56 25.47 -3.69
CA ARG B 111 -18.10 26.74 -3.23
C ARG B 111 -17.84 27.89 -4.19
N ARG B 112 -17.61 27.60 -5.46
CA ARG B 112 -17.53 28.61 -6.50
C ARG B 112 -18.86 28.63 -7.25
N TYR B 113 -19.58 29.74 -7.14
CA TYR B 113 -20.99 29.76 -7.54
C TYR B 113 -21.24 30.32 -8.93
N ARG B 114 -20.46 31.28 -9.39
CA ARG B 114 -20.70 31.83 -10.73
C ARG B 114 -20.38 30.81 -11.82
N ASP B 115 -19.24 30.13 -11.69
CA ASP B 115 -18.89 29.08 -12.64
C ASP B 115 -19.90 27.95 -12.59
N ALA B 116 -20.37 27.60 -11.39
CA ALA B 116 -21.40 26.58 -11.26
C ALA B 116 -22.67 26.99 -11.98
N LEU B 117 -23.08 28.26 -11.82
CA LEU B 117 -24.27 28.75 -12.49
C LEU B 117 -24.13 28.69 -14.01
N LYS B 118 -22.97 29.12 -14.52
CA LYS B 118 -22.76 29.10 -15.97
C LYS B 118 -22.80 27.67 -16.51
N LEU B 119 -22.10 26.75 -15.84
CA LEU B 119 -22.08 25.37 -16.30
C LEU B 119 -23.46 24.72 -16.19
N TYR B 120 -24.20 25.02 -15.12
CA TYR B 120 -25.55 24.49 -14.97
C TYR B 120 -26.47 24.98 -16.08
N LEU B 121 -26.39 26.28 -16.42
CA LEU B 121 -27.21 26.79 -17.51
C LEU B 121 -26.84 26.13 -18.83
N GLU B 122 -25.55 25.98 -19.11
CA GLU B 122 -25.12 25.33 -20.34
C GLU B 122 -25.66 23.89 -20.41
N GLY B 123 -25.52 23.14 -19.31
CA GLY B 123 -25.99 21.77 -19.31
C GLY B 123 -27.49 21.66 -19.45
N GLY B 124 -28.24 22.55 -18.78
CA GLY B 124 -29.68 22.52 -18.90
C GLY B 124 -30.15 22.80 -20.32
N TYR B 125 -29.58 23.84 -20.94
CA TYR B 125 -29.96 24.14 -22.33
C TYR B 125 -29.57 23.01 -23.26
N ALA B 126 -28.39 22.41 -23.05
CA ALA B 126 -27.96 21.30 -23.90
C ALA B 126 -28.90 20.12 -23.79
N MET B 127 -29.29 19.75 -22.56
CA MET B 127 -30.21 18.64 -22.37
C MET B 127 -31.58 18.93 -22.96
N ALA B 128 -32.07 20.17 -22.79
CA ALA B 128 -33.36 20.53 -23.36
C ALA B 128 -33.32 20.42 -24.88
N ASN B 129 -32.24 20.85 -25.51
CA ASN B 129 -32.13 20.72 -26.96
C ASN B 129 -32.03 19.26 -27.38
N VAL B 130 -31.26 18.45 -26.65
CA VAL B 130 -31.04 17.06 -27.03
C VAL B 130 -32.33 16.25 -26.90
N ALA B 131 -33.15 16.56 -25.90
CA ALA B 131 -34.31 15.72 -25.59
C ALA B 131 -35.19 15.48 -26.81
N GLU B 132 -35.33 16.47 -27.68
CA GLU B 132 -36.20 16.31 -28.84
C GLU B 132 -35.63 15.30 -29.84
N ARG B 133 -34.30 15.26 -29.98
CA ARG B 133 -33.69 14.42 -31.01
C ARG B 133 -33.83 12.93 -30.68
N GLN B 134 -33.78 12.57 -29.40
CA GLN B 134 -33.81 11.17 -29.01
C GLN B 134 -35.14 10.52 -29.37
N ALA B 135 -35.07 9.26 -29.79
CA ALA B 135 -36.25 8.53 -30.23
C ALA B 135 -36.87 7.66 -29.13
N ASN B 136 -36.11 7.26 -28.13
CA ASN B 136 -36.63 6.43 -27.06
C ASN B 136 -37.55 7.29 -26.18
N PRO B 137 -38.82 6.89 -25.99
CA PRO B 137 -39.72 7.72 -25.18
C PRO B 137 -39.24 7.94 -23.76
N LYS B 138 -38.76 6.89 -23.09
CA LYS B 138 -38.30 7.06 -21.71
C LYS B 138 -37.13 8.03 -21.63
N ILE B 139 -36.16 7.89 -22.54
CA ILE B 139 -35.01 8.77 -22.55
C ILE B 139 -35.44 10.21 -22.81
N CYS B 140 -36.36 10.40 -23.77
CA CYS B 140 -36.83 11.75 -24.07
C CYS B 140 -37.50 12.38 -22.86
N ASN B 141 -38.38 11.63 -22.19
CA ASN B 141 -39.07 12.17 -21.02
C ASN B 141 -38.09 12.51 -19.90
N LEU B 142 -37.14 11.61 -19.63
CA LEU B 142 -36.17 11.86 -18.57
C LEU B 142 -35.30 13.06 -18.89
N LEU B 143 -34.86 13.19 -20.14
CA LEU B 143 -34.05 14.34 -20.53
C LEU B 143 -34.82 15.64 -20.39
N THR B 144 -36.08 15.65 -20.83
CA THR B 144 -36.88 16.87 -20.72
C THR B 144 -37.07 17.26 -19.26
N SER B 145 -37.42 16.30 -18.41
CA SER B 145 -37.63 16.60 -17.00
C SER B 145 -36.35 17.10 -16.34
N LYS B 146 -35.21 16.46 -16.65
CA LYS B 146 -33.94 16.88 -16.08
C LYS B 146 -33.58 18.29 -16.54
N GLY B 147 -33.82 18.61 -17.81
CA GLY B 147 -33.53 19.94 -18.30
C GLY B 147 -34.35 21.00 -17.59
N PHE B 148 -35.66 20.73 -17.43
CA PHE B 148 -36.50 21.69 -16.72
C PHE B 148 -36.06 21.87 -15.28
N GLU B 149 -35.73 20.76 -14.60
CA GLU B 149 -35.29 20.84 -13.21
C GLU B 149 -33.99 21.64 -13.10
N THR B 150 -33.04 21.40 -14.02
CA THR B 150 -31.79 22.12 -13.99
C THR B 150 -32.00 23.61 -14.22
N LEU B 151 -32.89 23.96 -15.15
CA LEU B 151 -33.16 25.38 -15.40
C LEU B 151 -33.81 26.04 -14.18
N ASN B 152 -34.74 25.35 -13.52
CA ASN B 152 -35.34 25.90 -12.31
C ASN B 152 -34.30 26.09 -11.21
N TRP B 153 -33.39 25.12 -11.07
CA TRP B 153 -32.31 25.28 -10.09
C TRP B 153 -31.40 26.45 -10.45
N CYS B 154 -31.15 26.64 -11.74
CA CYS B 154 -30.36 27.80 -12.16
C CYS B 154 -31.03 29.10 -11.77
N ALA B 155 -32.35 29.18 -11.96
CA ALA B 155 -33.08 30.38 -11.56
C ALA B 155 -32.98 30.61 -10.05
N ARG B 156 -33.15 29.54 -9.27
CA ARG B 156 -33.08 29.68 -7.82
C ARG B 156 -31.68 30.10 -7.36
N LEU B 157 -30.64 29.53 -7.99
CA LEU B 157 -29.28 29.90 -7.63
C LEU B 157 -28.98 31.35 -8.02
N CYS B 158 -29.49 31.80 -9.17
CA CYS B 158 -29.32 33.19 -9.54
C CYS B 158 -29.99 34.12 -8.53
N ASP B 159 -31.20 33.77 -8.09
CA ASP B 159 -31.88 34.58 -7.09
C ASP B 159 -31.10 34.60 -5.78
N TRP B 160 -30.53 33.45 -5.39
CA TRP B 160 -29.74 33.40 -4.18
C TRP B 160 -28.50 34.27 -4.29
N ILE B 161 -27.83 34.24 -5.44
CA ILE B 161 -26.65 35.09 -5.64
C ILE B 161 -27.02 36.56 -5.56
N GLU B 162 -28.15 36.94 -6.18
CA GLU B 162 -28.59 38.33 -6.11
C GLU B 162 -28.95 38.75 -4.70
N GLY B 163 -29.20 37.80 -3.80
CA GLY B 163 -29.54 38.10 -2.42
C GLY B 163 -31.01 38.02 -2.09
N ARG B 164 -31.87 37.65 -3.05
CA ARG B 164 -33.30 37.59 -2.78
C ARG B 164 -33.64 36.45 -1.83
N ILE B 165 -32.93 35.34 -1.91
CA ILE B 165 -33.16 34.16 -1.08
C ILE B 165 -32.00 34.03 -0.10
N LYS B 166 -32.32 33.94 1.19
CA LYS B 166 -31.33 33.84 2.25
C LYS B 166 -31.33 32.41 2.78
N GLU B 167 -30.31 31.64 2.42
CA GLU B 167 -30.19 30.25 2.82
C GLU B 167 -28.72 29.92 3.01
N LYS B 168 -28.46 28.78 3.65
CA LYS B 168 -27.12 28.30 3.91
C LYS B 168 -26.87 27.02 3.13
N HIS B 169 -25.73 26.98 2.43
CA HIS B 169 -25.33 25.83 1.62
C HIS B 169 -26.43 25.37 0.66
N PRO B 170 -26.89 26.24 -0.24
CA PRO B 170 -27.96 25.84 -1.17
C PRO B 170 -27.50 24.72 -2.08
N ARG B 171 -28.40 23.79 -2.35
CA ARG B 171 -28.14 22.64 -3.18
C ARG B 171 -29.34 22.45 -4.11
N PRO B 172 -29.18 21.70 -5.20
CA PRO B 172 -30.33 21.41 -6.05
C PRO B 172 -31.45 20.74 -5.26
N GLY B 173 -32.68 21.14 -5.55
CA GLY B 173 -33.81 20.65 -4.77
C GLY B 173 -33.99 19.15 -4.93
N VAL B 174 -34.47 18.52 -3.86
CA VAL B 174 -34.72 17.09 -3.87
C VAL B 174 -35.90 16.79 -4.79
N HIS B 175 -35.71 15.83 -5.70
CA HIS B 175 -36.74 15.49 -6.67
C HIS B 175 -36.66 14.01 -6.95
N LYS B 176 -37.61 13.24 -6.44
CA LYS B 176 -37.67 11.81 -6.67
C LYS B 176 -38.60 11.51 -7.82
N VAL B 177 -38.24 10.51 -8.62
CA VAL B 177 -38.96 10.19 -9.85
C VAL B 177 -39.47 8.75 -9.75
N GLY B 178 -40.75 8.56 -10.05
CA GLY B 178 -41.35 7.24 -10.10
C GLY B 178 -41.60 6.86 -11.55
N ILE B 179 -41.16 5.65 -11.90
CA ILE B 179 -41.34 5.16 -13.27
C ILE B 179 -41.95 3.76 -13.24
N PRO B 180 -42.66 3.35 -14.28
CA PRO B 180 -43.17 1.97 -14.33
C PRO B 180 -42.03 0.96 -14.36
N VAL B 181 -42.29 -0.18 -13.74
CA VAL B 181 -41.32 -1.27 -13.72
C VAL B 181 -41.38 -2.01 -15.05
N SER B 182 -40.21 -2.39 -15.57
CA SER B 182 -40.15 -3.02 -16.88
C SER B 182 -40.89 -4.35 -16.89
N ASN B 183 -40.67 -5.18 -15.87
CA ASN B 183 -41.29 -6.50 -15.78
C ASN B 183 -42.34 -6.48 -14.68
N TRP B 184 -43.59 -6.76 -15.04
CA TRP B 184 -44.69 -6.85 -14.09
C TRP B 184 -45.40 -8.17 -14.29
N ASP B 185 -45.57 -8.92 -13.20
CA ASP B 185 -46.16 -10.25 -13.27
C ASP B 185 -47.68 -10.12 -13.25
N GLU B 186 -48.31 -10.38 -14.40
CA GLU B 186 -49.76 -10.42 -14.44
C GLU B 186 -50.31 -11.57 -13.60
N ASP B 187 -49.67 -12.73 -13.68
CA ASP B 187 -50.11 -13.91 -12.93
C ASP B 187 -49.43 -13.89 -11.55
N TRP B 188 -49.95 -13.03 -10.69
CA TRP B 188 -49.45 -12.93 -9.32
C TRP B 188 -50.62 -12.54 -8.42
N VAL B 189 -50.91 -13.39 -7.44
CA VAL B 189 -52.03 -13.18 -6.52
C VAL B 189 -51.47 -12.72 -5.19
N GLY B 190 -51.95 -11.58 -4.71
CA GLY B 190 -51.51 -11.03 -3.45
C GLY B 190 -52.69 -10.58 -2.61
N PRO B 191 -52.41 -10.13 -1.38
CA PRO B 191 -53.51 -9.69 -0.50
C PRO B 191 -54.27 -8.51 -1.08
N PHE B 192 -53.60 -7.37 -1.25
CA PHE B 192 -54.18 -6.23 -1.94
C PHE B 192 -53.07 -5.24 -2.28
N MET B 193 -52.96 -4.87 -3.55
CA MET B 193 -51.92 -3.96 -4.01
C MET B 193 -52.56 -2.84 -4.82
N ASP B 194 -52.28 -1.61 -4.42
CA ASP B 194 -52.67 -0.46 -5.23
C ASP B 194 -51.83 -0.42 -6.50
N GLU B 195 -52.45 0.01 -7.59
CA GLU B 195 -51.75 0.02 -8.88
C GLU B 195 -50.52 0.91 -8.84
N GLU B 196 -50.63 2.06 -8.19
CA GLU B 196 -49.47 2.94 -8.04
C GLU B 196 -48.34 2.27 -7.28
N GLU B 197 -48.68 1.58 -6.18
CA GLU B 197 -47.65 0.87 -5.41
C GLU B 197 -47.15 -0.36 -6.15
N ALA B 198 -48.03 -1.04 -6.88
CA ALA B 198 -47.66 -2.30 -7.51
C ALA B 198 -46.80 -2.12 -8.75
N ARG B 199 -47.01 -1.04 -9.52
CA ARG B 199 -46.39 -0.92 -10.83
C ARG B 199 -45.30 0.14 -10.92
N ARG B 200 -45.14 1.00 -9.92
CA ARG B 200 -44.22 2.11 -9.99
C ARG B 200 -43.07 1.93 -9.01
N MET B 201 -41.85 2.06 -9.50
CA MET B 201 -40.66 2.07 -8.67
C MET B 201 -40.14 3.50 -8.56
N TRP B 202 -39.71 3.89 -7.36
CA TRP B 202 -39.32 5.28 -7.11
C TRP B 202 -37.81 5.36 -6.91
N TYR B 203 -37.22 6.47 -7.34
CA TYR B 203 -35.79 6.67 -7.24
C TYR B 203 -35.49 8.08 -6.76
N THR B 204 -34.46 8.22 -5.92
CA THR B 204 -33.94 9.54 -5.63
C THR B 204 -32.46 9.49 -5.28
N PRO B 205 -31.68 10.47 -5.74
CA PRO B 205 -30.29 10.58 -5.28
C PRO B 205 -30.16 11.46 -4.05
N VAL B 206 -29.38 11.03 -3.06
CA VAL B 206 -29.20 11.76 -1.82
C VAL B 206 -27.75 12.23 -1.72
N TYR B 207 -27.58 13.51 -1.38
CA TYR B 207 -26.27 14.12 -1.20
C TYR B 207 -25.84 14.18 0.25
N CYS B 208 -26.73 13.85 1.19
CA CYS B 208 -26.53 14.05 2.62
C CYS B 208 -25.17 13.56 3.08
N PRO B 209 -24.24 14.48 3.42
CA PRO B 209 -22.90 14.04 3.82
C PRO B 209 -22.86 13.44 5.21
N HIS B 210 -23.60 14.01 6.16
CA HIS B 210 -23.73 13.45 7.50
C HIS B 210 -25.09 12.81 7.62
N PRO B 211 -25.18 11.48 7.74
CA PRO B 211 -26.50 10.82 7.70
C PRO B 211 -27.47 11.27 8.77
N ILE B 212 -26.98 11.95 9.82
CA ILE B 212 -27.88 12.46 10.86
C ILE B 212 -28.82 13.51 10.28
N ASP B 213 -28.41 14.20 9.22
CA ASP B 213 -29.17 15.28 8.63
C ASP B 213 -30.09 14.83 7.50
N PHE B 214 -30.36 13.52 7.41
CA PHE B 214 -31.17 13.00 6.30
C PHE B 214 -32.57 13.58 6.33
N SER B 215 -33.18 13.67 7.51
CA SER B 215 -34.54 14.18 7.60
C SER B 215 -34.60 15.71 7.49
N ASN B 216 -33.52 16.40 7.86
CA ASN B 216 -33.52 17.86 7.79
C ASN B 216 -33.45 18.34 6.34
N LEU B 217 -32.68 17.65 5.49
CA LEU B 217 -32.50 18.08 4.11
C LEU B 217 -33.77 17.90 3.28
N GLY B 218 -34.78 17.21 3.78
CA GLY B 218 -36.04 17.08 3.09
C GLY B 218 -36.28 15.76 2.39
N TYR B 219 -35.39 14.79 2.54
CA TYR B 219 -35.60 13.48 1.92
C TYR B 219 -36.67 12.71 2.67
N ARG B 220 -37.51 11.99 1.92
CA ARG B 220 -38.57 11.19 2.51
C ARG B 220 -38.60 9.83 1.83
N LEU B 221 -39.14 8.85 2.54
CA LEU B 221 -39.33 7.49 2.02
C LEU B 221 -40.79 7.28 1.66
N ARG B 222 -41.03 6.30 0.79
CA ARG B 222 -42.38 6.03 0.33
C ARG B 222 -43.30 5.59 1.47
N CYS B 223 -42.75 4.84 2.43
CA CYS B 223 -43.58 4.38 3.55
C CYS B 223 -44.13 5.56 4.34
N VAL B 224 -43.31 6.58 4.60
CA VAL B 224 -43.77 7.74 5.35
C VAL B 224 -44.80 8.52 4.53
N GLU B 225 -44.55 8.68 3.22
CA GLU B 225 -45.51 9.40 2.40
C GLU B 225 -46.87 8.74 2.31
N THR B 226 -46.87 7.38 2.19
CA THR B 226 -48.11 6.63 2.10
C THR B 226 -48.84 6.54 3.42
N GLY B 227 -48.20 6.95 4.52
CA GLY B 227 -48.82 6.89 5.83
C GLY B 227 -48.55 5.62 6.60
N ARG B 228 -47.91 4.63 5.98
CA ARG B 228 -47.57 3.41 6.70
C ARG B 228 -46.46 3.70 7.71
N ARG B 229 -46.52 3.01 8.86
CA ARG B 229 -45.54 3.18 9.92
C ARG B 229 -45.01 1.80 10.30
N PRO B 230 -43.98 1.33 9.61
CA PRO B 230 -43.45 -0.01 9.92
C PRO B 230 -42.89 -0.07 11.32
N ARG B 231 -43.06 -1.24 11.95
CA ARG B 231 -42.60 -1.46 13.31
C ARG B 231 -41.33 -2.31 13.39
N LEU B 232 -40.97 -2.99 12.31
CA LEU B 232 -39.77 -3.83 12.26
C LEU B 232 -38.97 -3.48 11.02
N MET B 233 -37.66 -3.33 11.18
CA MET B 233 -36.76 -3.03 10.07
C MET B 233 -35.65 -4.07 10.02
N ILE B 234 -35.33 -4.52 8.81
CA ILE B 234 -34.29 -5.52 8.58
C ILE B 234 -33.29 -4.94 7.60
N CYS B 235 -32.01 -5.00 7.95
CA CYS B 235 -30.93 -4.50 7.11
C CYS B 235 -30.15 -5.67 6.54
N ILE B 236 -29.88 -5.64 5.25
CA ILE B 236 -29.16 -6.71 4.56
C ILE B 236 -27.95 -6.07 3.88
N THR B 237 -26.81 -6.09 4.57
CA THR B 237 -25.60 -5.54 3.99
C THR B 237 -25.11 -6.44 2.85
N MET B 238 -24.64 -5.82 1.78
CA MET B 238 -24.23 -6.54 0.58
C MET B 238 -22.95 -5.93 0.03
N TYR B 239 -22.06 -6.77 -0.48
CA TYR B 239 -20.85 -6.32 -1.15
C TYR B 239 -20.27 -7.50 -1.92
N ASN B 240 -20.23 -7.38 -3.25
CA ASN B 240 -19.59 -8.37 -4.11
C ASN B 240 -20.19 -9.76 -3.88
N GLU B 241 -21.48 -9.88 -4.15
CA GLU B 241 -22.21 -11.12 -3.93
C GLU B 241 -22.95 -11.55 -5.19
N GLY B 242 -23.13 -12.85 -5.34
CA GLY B 242 -23.85 -13.41 -6.46
C GLY B 242 -25.35 -13.26 -6.31
N PRO B 243 -26.09 -13.39 -7.41
CA PRO B 243 -27.56 -13.31 -7.34
C PRO B 243 -28.19 -14.39 -6.49
N GLN B 244 -27.61 -15.59 -6.45
CA GLN B 244 -28.26 -16.71 -5.76
C GLN B 244 -28.40 -16.45 -4.27
N GLN B 245 -27.36 -15.89 -3.64
CA GLN B 245 -27.42 -15.62 -2.22
C GLN B 245 -28.52 -14.62 -1.87
N LEU B 246 -28.62 -13.54 -2.65
CA LEU B 246 -29.67 -12.56 -2.41
C LEU B 246 -31.05 -13.15 -2.65
N LYS B 247 -31.19 -13.97 -3.70
CA LYS B 247 -32.47 -14.61 -3.97
C LYS B 247 -32.88 -15.51 -2.81
N ALA B 248 -31.94 -16.30 -2.29
CA ALA B 248 -32.24 -17.18 -1.16
C ALA B 248 -32.61 -16.40 0.08
N THR B 249 -31.90 -15.31 0.36
CA THR B 249 -32.21 -14.50 1.53
C THR B 249 -33.61 -13.91 1.42
N LEU B 250 -33.95 -13.37 0.25
CA LEU B 250 -35.29 -12.79 0.07
C LEU B 250 -36.38 -13.85 0.18
N LYS B 251 -36.13 -15.03 -0.39
CA LYS B 251 -37.10 -16.12 -0.29
C LYS B 251 -37.33 -16.52 1.17
N LYS B 252 -36.24 -16.61 1.95
CA LYS B 252 -36.38 -16.97 3.35
C LYS B 252 -37.14 -15.91 4.14
N LEU B 253 -36.88 -14.63 3.86
CA LEU B 253 -37.62 -13.57 4.53
C LEU B 253 -39.10 -13.63 4.17
N ALA B 254 -39.41 -13.90 2.91
CA ALA B 254 -40.81 -14.02 2.50
C ALA B 254 -41.47 -15.20 3.21
N ASN B 255 -40.76 -16.31 3.36
CA ASN B 255 -41.31 -17.45 4.09
C ASN B 255 -41.56 -17.11 5.55
N ASN B 256 -40.66 -16.36 6.18
CA ASN B 256 -40.89 -15.92 7.56
C ASN B 256 -42.13 -15.06 7.67
N LEU B 257 -42.31 -14.12 6.72
CA LEU B 257 -43.50 -13.29 6.74
C LEU B 257 -44.76 -14.14 6.55
N ALA B 258 -44.70 -15.13 5.66
CA ALA B 258 -45.84 -16.00 5.44
C ALA B 258 -46.17 -16.78 6.71
N TYR B 259 -45.16 -17.27 7.42
CA TYR B 259 -45.40 -17.98 8.68
C TYR B 259 -46.04 -17.06 9.71
N LEU B 260 -45.56 -15.81 9.78
CA LEU B 260 -46.17 -14.86 10.71
C LEU B 260 -47.62 -14.59 10.35
N LYS B 261 -47.94 -14.52 9.06
CA LYS B 261 -49.31 -14.24 8.63
C LYS B 261 -50.26 -15.35 9.05
N GLU B 262 -49.83 -16.61 8.92
CA GLU B 262 -50.68 -17.75 9.20
C GLU B 262 -50.79 -18.07 10.68
N GLN B 263 -50.29 -17.20 11.55
CA GLN B 263 -50.34 -17.45 12.99
C GLN B 263 -51.78 -17.57 13.46
N MET B 264 -52.04 -18.62 14.26
CA MET B 264 -53.40 -18.86 14.74
C MET B 264 -53.78 -17.81 15.79
N PRO B 265 -54.99 -17.27 15.73
CA PRO B 265 -55.41 -16.30 16.73
C PRO B 265 -56.03 -16.96 17.96
N GLY B 266 -56.07 -16.20 19.05
CA GLY B 266 -56.65 -16.67 20.30
C GLY B 266 -55.86 -17.76 21.00
N ASP B 267 -54.53 -17.67 20.97
CA ASP B 267 -53.66 -18.61 21.67
C ASP B 267 -52.73 -17.86 22.61
N GLU B 268 -52.24 -18.57 23.61
CA GLU B 268 -51.30 -17.97 24.54
C GLU B 268 -49.96 -17.67 23.88
N LYS B 269 -49.53 -18.51 22.95
CA LYS B 269 -48.24 -18.37 22.31
C LYS B 269 -48.27 -17.52 21.03
N SER B 270 -49.43 -16.95 20.68
CA SER B 270 -49.56 -16.18 19.47
C SER B 270 -49.27 -14.71 19.72
N LEU B 271 -48.53 -14.10 18.81
CA LEU B 271 -48.27 -12.67 18.88
C LEU B 271 -49.54 -11.89 18.59
N THR B 272 -49.72 -10.76 19.26
CA THR B 272 -50.88 -9.92 19.09
C THR B 272 -50.44 -8.47 18.89
N GLY B 273 -51.22 -7.75 18.09
CA GLY B 273 -50.94 -6.35 17.85
C GLY B 273 -50.44 -6.07 16.44
N ALA B 274 -49.30 -5.38 16.35
CA ALA B 274 -48.76 -4.98 15.06
C ALA B 274 -48.24 -6.16 14.24
N PHE B 275 -48.11 -7.34 14.85
CA PHE B 275 -47.56 -8.51 14.17
C PHE B 275 -48.61 -9.61 14.04
N ALA B 276 -49.86 -9.21 13.82
CA ALA B 276 -50.96 -10.14 13.63
C ALA B 276 -50.94 -10.66 12.20
N GLY B 277 -52.02 -11.32 11.77
CA GLY B 277 -52.07 -11.90 10.46
C GLY B 277 -52.70 -10.98 9.41
N ASP B 278 -52.38 -11.27 8.15
CA ASP B 278 -52.99 -10.64 6.98
C ASP B 278 -52.61 -9.16 6.84
N ASP B 279 -51.86 -8.63 7.80
CA ASP B 279 -51.40 -7.25 7.72
C ASP B 279 -49.98 -7.09 8.26
N VAL B 280 -49.24 -8.18 8.46
CA VAL B 280 -47.88 -8.07 8.98
C VAL B 280 -46.97 -7.44 7.93
N TRP B 281 -47.20 -7.73 6.64
CA TRP B 281 -46.30 -7.27 5.59
C TRP B 281 -46.25 -5.75 5.48
N GLN B 282 -47.27 -5.05 5.98
CA GLN B 282 -47.25 -3.60 5.96
C GLN B 282 -46.45 -3.00 7.10
N ASN B 283 -46.09 -3.79 8.10
CA ASN B 283 -45.33 -3.32 9.26
C ASN B 283 -43.86 -3.71 9.20
N VAL B 284 -43.39 -4.23 8.08
CA VAL B 284 -42.02 -4.71 7.93
C VAL B 284 -41.39 -4.01 6.73
N LEU B 285 -40.18 -3.50 6.92
CA LEU B 285 -39.42 -2.85 5.86
C LEU B 285 -38.04 -3.49 5.78
N VAL B 286 -37.58 -3.75 4.56
CA VAL B 286 -36.29 -4.38 4.32
C VAL B 286 -35.40 -3.39 3.59
N CYS B 287 -34.26 -3.06 4.21
CA CYS B 287 -33.30 -2.12 3.65
C CYS B 287 -32.08 -2.90 3.18
N ILE B 288 -31.84 -2.90 1.88
CA ILE B 288 -30.70 -3.57 1.28
C ILE B 288 -29.65 -2.51 0.97
N VAL B 289 -28.55 -2.51 1.69
CA VAL B 289 -27.51 -1.50 1.54
C VAL B 289 -26.32 -2.14 0.83
N ALA B 290 -25.92 -1.56 -0.30
CA ALA B 290 -24.75 -2.02 -1.04
C ALA B 290 -23.56 -1.12 -0.72
N ASP B 291 -22.37 -1.61 -1.03
CA ASP B 291 -21.13 -0.98 -0.60
C ASP B 291 -20.41 -0.24 -1.73
N GLY B 292 -20.95 -0.22 -2.94
CA GLY B 292 -20.32 0.53 -4.01
C GLY B 292 -20.60 -0.02 -5.39
N ARG B 293 -20.85 0.87 -6.35
CA ARG B 293 -21.19 0.41 -7.70
C ARG B 293 -20.03 -0.30 -8.37
N GLU B 294 -18.79 0.09 -8.06
CA GLU B 294 -17.63 -0.47 -8.74
C GLU B 294 -17.47 -1.96 -8.44
N GLN B 295 -17.69 -2.37 -7.18
CA GLN B 295 -17.42 -3.73 -6.75
C GLN B 295 -18.64 -4.64 -6.79
N VAL B 296 -19.82 -4.11 -7.12
CA VAL B 296 -21.01 -4.94 -7.15
C VAL B 296 -20.97 -5.85 -8.37
N HIS B 297 -21.26 -7.13 -8.16
CA HIS B 297 -21.26 -8.10 -9.24
C HIS B 297 -22.33 -7.72 -10.26
N PRO B 298 -22.00 -7.66 -11.55
CA PRO B 298 -22.98 -7.22 -12.55
C PRO B 298 -24.22 -8.10 -12.61
N LYS B 299 -24.10 -9.40 -12.39
CA LYS B 299 -25.27 -10.26 -12.40
C LYS B 299 -26.21 -9.91 -11.26
N THR B 300 -25.68 -9.44 -10.13
CA THR B 300 -26.54 -8.97 -9.05
C THR B 300 -27.36 -7.77 -9.51
N LEU B 301 -26.75 -6.84 -10.23
CA LEU B 301 -27.48 -5.68 -10.76
C LEU B 301 -28.54 -6.13 -11.77
N ASP B 302 -28.20 -7.11 -12.60
CA ASP B 302 -29.19 -7.62 -13.56
C ASP B 302 -30.38 -8.24 -12.84
N TYR B 303 -30.12 -9.03 -11.79
CA TYR B 303 -31.22 -9.63 -11.03
C TYR B 303 -32.06 -8.56 -10.33
N LEU B 304 -31.40 -7.55 -9.77
CA LEU B 304 -32.14 -6.48 -9.11
C LEU B 304 -33.02 -5.72 -10.10
N GLU B 305 -32.50 -5.47 -11.30
CA GLU B 305 -33.31 -4.85 -12.34
C GLU B 305 -34.46 -5.75 -12.75
N ALA B 306 -34.26 -7.07 -12.71
CA ALA B 306 -35.33 -8.00 -13.07
C ALA B 306 -36.51 -7.89 -12.12
N ILE B 307 -36.24 -7.74 -10.82
CA ILE B 307 -37.32 -7.68 -9.83
C ILE B 307 -37.77 -6.25 -9.64
N GLY B 308 -37.29 -5.35 -10.48
CA GLY B 308 -37.71 -3.96 -10.43
C GLY B 308 -37.19 -3.20 -9.23
N LEU B 309 -35.86 -3.16 -9.08
CA LEU B 309 -35.25 -2.43 -7.98
C LEU B 309 -34.01 -1.66 -8.42
N TYR B 310 -33.70 -1.63 -9.71
CA TYR B 310 -32.53 -0.93 -10.21
C TYR B 310 -32.74 -0.61 -11.69
N ASP B 311 -32.29 0.57 -12.10
CA ASP B 311 -32.38 0.98 -13.50
C ASP B 311 -31.21 1.91 -13.79
N GLU B 312 -30.38 1.54 -14.77
CA GLU B 312 -29.15 2.28 -14.99
C GLU B 312 -29.39 3.61 -15.72
N ASP B 313 -30.36 3.64 -16.63
CA ASP B 313 -30.63 4.87 -17.38
C ASP B 313 -31.11 5.99 -16.46
N LEU B 314 -32.05 5.66 -15.56
CA LEU B 314 -32.55 6.66 -14.61
C LEU B 314 -31.44 7.15 -13.70
N LEU B 315 -30.59 6.22 -13.23
CA LEU B 315 -29.47 6.60 -12.38
C LEU B 315 -28.51 7.53 -13.11
N THR B 316 -28.21 7.23 -14.37
CA THR B 316 -27.29 8.06 -15.13
C THR B 316 -27.86 9.44 -15.38
N ILE B 317 -29.15 9.53 -15.71
CA ILE B 317 -29.73 10.81 -16.11
C ILE B 317 -30.02 11.68 -14.90
N ASN B 318 -30.75 11.16 -13.92
CA ASN B 318 -31.22 11.98 -12.82
C ASN B 318 -30.15 12.35 -11.80
N SER B 319 -29.00 11.67 -11.82
CA SER B 319 -27.90 11.97 -10.91
C SER B 319 -26.79 12.76 -11.58
N ALA B 320 -27.09 13.45 -12.68
CA ALA B 320 -26.04 14.10 -13.46
C ALA B 320 -25.40 15.26 -12.69
N GLY B 321 -26.21 16.16 -12.15
CA GLY B 321 -25.67 17.36 -11.55
C GLY B 321 -25.73 17.41 -10.03
N ILE B 322 -26.39 16.44 -9.42
CA ILE B 322 -26.57 16.46 -7.97
C ILE B 322 -25.25 16.18 -7.26
N GLY B 323 -24.46 15.25 -7.78
CA GLY B 323 -23.25 14.82 -7.09
C GLY B 323 -23.61 14.07 -5.82
N ALA B 324 -24.57 13.16 -5.93
CA ALA B 324 -25.12 12.49 -4.77
C ALA B 324 -24.12 11.53 -4.13
N GLN B 325 -24.18 11.43 -2.81
CA GLN B 325 -23.40 10.43 -2.09
C GLN B 325 -24.00 9.04 -2.23
N CYS B 326 -25.31 8.93 -2.37
CA CYS B 326 -25.97 7.63 -2.44
C CYS B 326 -27.17 7.74 -3.37
N HIS B 327 -27.61 6.58 -3.87
CA HIS B 327 -28.81 6.50 -4.69
C HIS B 327 -29.75 5.48 -4.07
N LEU B 328 -30.99 5.87 -3.80
CA LEU B 328 -31.92 4.96 -3.16
C LEU B 328 -33.14 4.73 -4.05
N PHE B 329 -33.45 3.46 -4.28
CA PHE B 329 -34.63 3.00 -5.00
C PHE B 329 -35.61 2.40 -4.00
N GLU B 330 -36.89 2.58 -4.25
CA GLU B 330 -37.93 2.09 -3.36
C GLU B 330 -38.98 1.33 -4.17
N HIS B 331 -39.41 0.20 -3.64
CA HIS B 331 -40.43 -0.62 -4.31
C HIS B 331 -41.09 -1.51 -3.26
N THR B 332 -42.20 -2.12 -3.66
CA THR B 332 -42.87 -3.16 -2.88
C THR B 332 -42.80 -4.42 -3.73
N LEU B 333 -41.68 -5.14 -3.61
CA LEU B 333 -41.40 -6.19 -4.57
C LEU B 333 -42.26 -7.42 -4.32
N GLN B 334 -42.59 -8.10 -5.40
CA GLN B 334 -43.42 -9.31 -5.40
C GLN B 334 -42.60 -10.44 -6.01
N LEU B 335 -42.42 -11.52 -5.25
CA LEU B 335 -41.56 -12.62 -5.66
C LEU B 335 -42.39 -13.88 -5.86
N SER B 336 -42.06 -14.62 -6.91
CA SER B 336 -42.73 -15.87 -7.24
C SER B 336 -41.69 -16.97 -7.35
N VAL B 337 -41.87 -18.05 -6.59
CA VAL B 337 -40.96 -19.19 -6.61
C VAL B 337 -41.78 -20.42 -6.99
N ASN B 338 -41.42 -21.06 -8.10
CA ASN B 338 -42.10 -22.25 -8.61
C ASN B 338 -43.57 -21.88 -8.83
N GLY B 339 -44.52 -22.67 -8.37
CA GLY B 339 -45.93 -22.36 -8.49
C GLY B 339 -46.52 -21.63 -7.31
N LYS B 340 -45.71 -21.21 -6.35
CA LYS B 340 -46.17 -20.54 -5.14
C LYS B 340 -45.78 -19.07 -5.19
N CYS B 341 -46.75 -18.19 -4.95
CA CYS B 341 -46.51 -16.76 -4.94
C CYS B 341 -46.31 -16.29 -3.50
N LEU B 342 -45.20 -15.60 -3.25
CA LEU B 342 -44.85 -15.16 -1.91
C LEU B 342 -45.60 -13.87 -1.56
N LEU B 343 -45.30 -13.34 -0.38
CA LEU B 343 -45.91 -12.10 0.06
C LEU B 343 -45.09 -10.90 -0.40
N PRO B 344 -45.73 -9.74 -0.59
CA PRO B 344 -44.97 -8.53 -0.96
C PRO B 344 -44.04 -8.11 0.16
N ILE B 345 -42.90 -7.55 -0.25
CA ILE B 345 -41.88 -7.09 0.69
C ILE B 345 -41.58 -5.63 0.37
N GLN B 346 -41.73 -4.75 1.36
CA GLN B 346 -41.45 -3.32 1.17
C GLN B 346 -39.95 -3.11 1.25
N THR B 347 -39.32 -2.93 0.09
CA THR B 347 -37.87 -2.92 -0.01
C THR B 347 -37.35 -1.54 -0.40
N VAL B 348 -36.27 -1.14 0.26
CA VAL B 348 -35.53 0.07 -0.07
C VAL B 348 -34.09 -0.34 -0.33
N PHE B 349 -33.64 -0.15 -1.56
CA PHE B 349 -32.29 -0.51 -1.97
C PHE B 349 -31.44 0.76 -2.04
N ALA B 350 -30.47 0.87 -1.14
CA ALA B 350 -29.59 2.02 -1.06
C ALA B 350 -28.20 1.62 -1.55
N LEU B 351 -27.76 2.24 -2.63
CA LEU B 351 -26.47 1.94 -3.26
C LEU B 351 -25.56 3.15 -3.09
N LYS B 352 -24.42 2.94 -2.45
CA LYS B 352 -23.47 4.01 -2.20
C LYS B 352 -22.55 4.19 -3.40
N GLU B 353 -22.24 5.45 -3.72
CA GLU B 353 -21.42 5.73 -4.89
C GLU B 353 -20.00 5.20 -4.72
N ASN B 354 -19.38 5.53 -3.60
CA ASN B 354 -18.02 5.10 -3.30
C ASN B 354 -18.06 3.84 -2.43
N LYS B 355 -16.87 3.41 -1.99
CA LYS B 355 -16.74 2.23 -1.16
C LYS B 355 -16.25 2.63 0.22
N ALA B 356 -16.88 2.07 1.25
CA ALA B 356 -16.46 2.25 2.63
C ALA B 356 -16.64 0.91 3.35
N SER B 357 -16.55 0.94 4.68
CA SER B 357 -16.68 -0.28 5.46
C SER B 357 -18.15 -0.62 5.68
N LYS B 358 -18.38 -1.82 6.21
CA LYS B 358 -19.73 -2.22 6.61
C LYS B 358 -20.27 -1.33 7.71
N LEU B 359 -19.38 -0.80 8.55
CA LEU B 359 -19.80 0.16 9.57
C LEU B 359 -20.44 1.39 8.95
N ASP B 360 -19.98 1.80 7.76
CA ASP B 360 -20.62 2.93 7.07
C ASP B 360 -22.04 2.57 6.63
N SER B 361 -22.24 1.33 6.16
CA SER B 361 -23.57 0.91 5.80
C SER B 361 -24.49 0.92 7.02
N HIS B 362 -24.00 0.44 8.16
CA HIS B 362 -24.79 0.50 9.38
C HIS B 362 -25.04 1.96 9.79
N HIS B 363 -24.06 2.84 9.58
CA HIS B 363 -24.24 4.25 9.88
C HIS B 363 -25.42 4.82 9.11
N TRP B 364 -25.40 4.63 7.78
CA TRP B 364 -26.51 5.12 6.96
C TRP B 364 -27.82 4.54 7.41
N TYR B 365 -27.88 3.20 7.51
CA TYR B 365 -29.13 2.54 7.87
C TYR B 365 -29.67 3.05 9.19
N PHE B 366 -28.92 2.84 10.27
CA PHE B 366 -29.38 3.26 11.59
C PHE B 366 -29.73 4.73 11.59
N ASN B 367 -28.76 5.62 11.40
CA ASN B 367 -29.02 7.04 11.57
C ASN B 367 -30.18 7.49 10.69
N ALA B 368 -30.01 7.43 9.37
CA ALA B 368 -31.03 8.00 8.51
C ALA B 368 -32.38 7.31 8.69
N PHE B 369 -32.44 6.00 8.38
CA PHE B 369 -33.73 5.36 8.27
C PHE B 369 -34.39 5.21 9.64
N ALA B 370 -33.63 4.82 10.67
CA ALA B 370 -34.23 4.69 11.99
C ALA B 370 -34.68 6.03 12.53
N GLU B 371 -33.82 7.07 12.47
CA GLU B 371 -34.22 8.36 13.02
C GLU B 371 -35.42 8.94 12.28
N GLN B 372 -35.62 8.57 11.01
CA GLN B 372 -36.82 9.07 10.34
C GLN B 372 -38.05 8.23 10.65
N ILE B 373 -37.97 6.92 10.42
CA ILE B 373 -39.13 6.05 10.59
C ILE B 373 -39.48 5.89 12.07
N GLN B 374 -38.47 5.80 12.93
CA GLN B 374 -38.64 5.57 14.36
C GLN B 374 -39.36 4.24 14.60
N PRO B 375 -38.74 3.10 14.31
CA PRO B 375 -39.41 1.82 14.51
C PRO B 375 -39.32 1.35 15.95
N GLU B 376 -39.81 0.13 16.22
CA GLU B 376 -39.68 -0.48 17.54
C GLU B 376 -38.47 -1.40 17.64
N TYR B 377 -38.36 -2.36 16.72
CA TYR B 377 -37.23 -3.29 16.68
C TYR B 377 -36.36 -2.99 15.47
N THR B 378 -35.18 -3.58 15.46
CA THR B 378 -34.20 -3.34 14.40
C THR B 378 -33.34 -4.59 14.25
N ALA B 379 -33.52 -5.32 13.16
CA ALA B 379 -32.80 -6.55 12.93
C ALA B 379 -31.69 -6.33 11.91
N VAL B 380 -30.53 -6.92 12.17
CA VAL B 380 -29.36 -6.81 11.30
C VAL B 380 -28.96 -8.21 10.86
N MET B 381 -28.76 -8.39 9.56
CA MET B 381 -28.30 -9.66 9.03
C MET B 381 -27.46 -9.39 7.78
N ASP B 382 -26.69 -10.40 7.39
CA ASP B 382 -25.87 -10.32 6.19
C ASP B 382 -26.59 -11.00 5.03
N VAL B 383 -25.98 -10.93 3.86
CA VAL B 383 -26.54 -11.54 2.66
C VAL B 383 -26.08 -12.99 2.62
N GLY B 384 -27.03 -13.90 2.38
CA GLY B 384 -26.76 -15.32 2.41
C GLY B 384 -27.22 -16.02 3.67
N THR B 385 -27.55 -15.28 4.71
CA THR B 385 -28.06 -15.86 5.95
C THR B 385 -29.49 -16.34 5.72
N MET B 386 -29.64 -17.65 5.54
CA MET B 386 -30.94 -18.25 5.30
C MET B 386 -31.59 -18.60 6.64
N LEU B 387 -32.80 -18.09 6.86
CA LEU B 387 -33.49 -18.26 8.13
C LEU B 387 -34.52 -19.39 8.03
N THR B 388 -34.81 -20.00 9.17
CA THR B 388 -35.91 -20.95 9.23
C THR B 388 -37.23 -20.20 9.32
N LYS B 389 -38.33 -20.95 9.23
CA LYS B 389 -39.65 -20.34 9.19
C LYS B 389 -40.00 -19.62 10.49
N SER B 390 -39.45 -20.07 11.62
CA SER B 390 -39.87 -19.59 12.92
C SER B 390 -38.87 -18.63 13.57
N ALA B 391 -37.85 -18.19 12.85
CA ALA B 391 -36.82 -17.34 13.45
C ALA B 391 -37.40 -16.00 13.91
N LEU B 392 -38.09 -15.30 13.01
CA LEU B 392 -38.65 -14.00 13.36
C LEU B 392 -39.71 -14.15 14.44
N TYR B 393 -40.53 -15.21 14.36
CA TYR B 393 -41.54 -15.41 15.39
C TYR B 393 -40.92 -15.58 16.76
N HIS B 394 -39.84 -16.36 16.85
CA HIS B 394 -39.20 -16.58 18.15
C HIS B 394 -38.55 -15.29 18.66
N LEU B 395 -37.86 -14.55 17.79
CA LEU B 395 -37.25 -13.30 18.22
C LEU B 395 -38.29 -12.32 18.74
N LEU B 396 -39.37 -12.14 17.98
CA LEU B 396 -40.42 -11.20 18.38
C LEU B 396 -41.12 -11.67 19.65
N PHE B 397 -41.34 -12.98 19.78
CA PHE B 397 -41.98 -13.51 20.99
C PHE B 397 -41.14 -13.23 22.21
N ALA B 398 -39.83 -13.48 22.12
CA ALA B 398 -38.95 -13.18 23.25
C ALA B 398 -38.99 -11.70 23.58
N PHE B 399 -38.87 -10.84 22.57
CA PHE B 399 -38.85 -9.40 22.81
C PHE B 399 -40.14 -8.92 23.47
N GLU B 400 -41.29 -9.43 23.00
CA GLU B 400 -42.56 -8.94 23.52
C GLU B 400 -42.84 -9.47 24.91
N ARG B 401 -42.58 -10.75 25.15
CA ARG B 401 -42.92 -11.34 26.44
C ARG B 401 -41.96 -10.88 27.54
N ASN B 402 -40.66 -10.85 27.26
CA ASN B 402 -39.70 -10.60 28.34
C ASN B 402 -39.60 -9.11 28.67
N HIS B 403 -39.39 -8.27 27.66
CA HIS B 403 -39.47 -6.82 27.78
C HIS B 403 -38.31 -6.20 28.56
N GLN B 404 -37.40 -7.01 29.11
CA GLN B 404 -36.20 -6.43 29.72
C GLN B 404 -35.00 -6.58 28.80
N ILE B 405 -35.24 -6.97 27.55
CA ILE B 405 -34.18 -7.35 26.63
C ILE B 405 -33.90 -6.20 25.67
N GLY B 406 -32.65 -5.75 25.65
CA GLY B 406 -32.19 -4.75 24.72
C GLY B 406 -31.52 -5.30 23.48
N GLY B 407 -31.33 -6.61 23.40
CA GLY B 407 -30.75 -7.22 22.22
C GLY B 407 -30.82 -8.72 22.31
N ALA B 408 -30.84 -9.35 21.15
CA ALA B 408 -30.99 -10.79 21.08
C ALA B 408 -30.25 -11.32 19.85
N CYS B 409 -29.92 -12.61 19.91
CA CYS B 409 -29.24 -13.26 18.81
C CYS B 409 -29.72 -14.70 18.72
N GLY B 410 -29.87 -15.19 17.49
CA GLY B 410 -30.28 -16.56 17.27
C GLY B 410 -29.10 -17.49 17.10
N GLN B 411 -29.42 -18.78 16.96
CA GLN B 411 -28.41 -19.79 16.73
C GLN B 411 -27.93 -19.74 15.28
N LEU B 412 -26.63 -19.89 15.08
CA LEU B 412 -26.03 -19.84 13.75
C LEU B 412 -25.45 -21.21 13.42
N THR B 413 -25.85 -21.76 12.27
CA THR B 413 -25.51 -23.11 11.87
C THR B 413 -24.84 -23.11 10.51
N VAL B 414 -24.21 -24.23 10.17
CA VAL B 414 -23.59 -24.43 8.87
C VAL B 414 -24.59 -25.14 7.97
N ASP B 415 -24.80 -24.60 6.77
CA ASP B 415 -25.74 -25.20 5.84
C ASP B 415 -25.21 -26.53 5.31
N ASN B 416 -26.07 -27.54 5.33
CA ASN B 416 -25.74 -28.88 4.85
C ASN B 416 -24.49 -29.45 5.52
N PRO B 417 -24.50 -29.62 6.86
CA PRO B 417 -23.30 -30.17 7.51
C PRO B 417 -23.05 -31.62 7.19
N PHE B 418 -24.10 -32.46 7.21
CA PHE B 418 -23.92 -33.89 6.94
C PHE B 418 -23.48 -34.13 5.50
N GLU B 419 -24.06 -33.40 4.55
CA GLU B 419 -23.66 -33.55 3.16
C GLU B 419 -22.20 -33.16 2.99
N ASN B 420 -21.50 -33.92 2.13
CA ASN B 420 -20.07 -33.75 1.92
C ASN B 420 -19.31 -33.86 3.24
N LEU B 421 -19.58 -34.94 3.97
CA LEU B 421 -18.94 -35.16 5.27
C LEU B 421 -17.45 -35.46 5.15
N SER B 422 -16.99 -35.82 3.95
CA SER B 422 -15.56 -36.11 3.78
C SER B 422 -14.69 -34.88 3.96
N ASN B 423 -15.24 -33.68 3.84
CA ASN B 423 -14.49 -32.46 4.06
C ASN B 423 -14.28 -32.26 5.56
N TRP B 424 -13.03 -32.05 5.97
CA TRP B 424 -12.71 -31.93 7.38
C TRP B 424 -12.92 -30.51 7.91
N VAL B 425 -12.65 -29.49 7.10
CA VAL B 425 -12.80 -28.12 7.57
C VAL B 425 -14.26 -27.80 7.87
N ILE B 426 -15.17 -28.25 7.01
CA ILE B 426 -16.60 -27.98 7.23
C ILE B 426 -17.08 -28.65 8.50
N SER B 427 -16.70 -29.91 8.72
CA SER B 427 -17.13 -30.61 9.91
C SER B 427 -16.53 -29.98 11.17
N ALA B 428 -15.26 -29.56 11.10
CA ALA B 428 -14.65 -28.89 12.24
C ALA B 428 -15.39 -27.60 12.57
N GLN B 429 -15.74 -26.82 11.54
CA GLN B 429 -16.48 -25.58 11.77
C GLN B 429 -17.86 -25.85 12.35
N HIS B 430 -18.52 -26.92 11.88
CA HIS B 430 -19.84 -27.26 12.42
C HIS B 430 -19.74 -27.61 13.90
N PHE B 431 -18.75 -28.43 14.26
CA PHE B 431 -18.56 -28.77 15.67
C PHE B 431 -18.26 -27.52 16.50
N GLU B 432 -17.39 -26.66 16.00
CA GLU B 432 -17.05 -25.44 16.73
C GLU B 432 -18.26 -24.57 16.94
N TYR B 433 -19.07 -24.38 15.90
CA TYR B 433 -20.26 -23.55 16.04
C TYR B 433 -21.22 -24.13 17.06
N LYS B 434 -21.48 -25.44 16.98
CA LYS B 434 -22.44 -26.05 17.90
C LYS B 434 -21.96 -25.93 19.34
N ILE B 435 -20.70 -26.26 19.60
CA ILE B 435 -20.18 -26.24 20.97
C ILE B 435 -20.13 -24.82 21.51
N SER B 436 -19.63 -23.89 20.70
CA SER B 436 -19.55 -22.50 21.12
C SER B 436 -20.94 -21.98 21.48
N ASN B 437 -21.89 -22.15 20.56
CA ASN B 437 -23.27 -21.76 20.83
C ASN B 437 -23.72 -22.31 22.17
N ILE B 438 -23.81 -23.64 22.27
CA ILE B 438 -24.37 -24.25 23.47
C ILE B 438 -23.68 -23.72 24.72
N LEU B 439 -22.40 -24.05 24.88
CA LEU B 439 -21.74 -23.78 26.15
C LEU B 439 -21.63 -22.28 26.42
N ASP B 440 -20.95 -21.54 25.53
CA ASP B 440 -20.64 -20.15 25.84
C ASP B 440 -21.89 -19.28 25.81
N LYS B 441 -22.74 -19.44 24.79
CA LYS B 441 -23.92 -18.61 24.72
C LYS B 441 -24.86 -18.88 25.89
N SER B 442 -25.05 -20.15 26.26
CA SER B 442 -25.91 -20.44 27.40
C SER B 442 -25.33 -19.87 28.69
N LEU B 443 -24.02 -20.03 28.91
CA LEU B 443 -23.43 -19.51 30.14
C LEU B 443 -23.55 -18.00 30.22
N GLU B 444 -23.30 -17.29 29.11
CA GLU B 444 -23.37 -15.84 29.14
C GLU B 444 -24.81 -15.34 29.18
N SER B 445 -25.76 -16.10 28.61
CA SER B 445 -27.16 -15.71 28.65
C SER B 445 -27.79 -15.96 30.01
N CYS B 446 -27.23 -16.86 30.82
CA CYS B 446 -27.71 -17.00 32.18
C CYS B 446 -27.53 -15.72 32.97
N PHE B 447 -26.40 -15.04 32.81
CA PHE B 447 -26.14 -13.79 33.48
C PHE B 447 -26.72 -12.58 32.76
N GLY B 448 -27.32 -12.77 31.59
CA GLY B 448 -27.85 -11.66 30.82
C GLY B 448 -26.80 -10.73 30.27
N PHE B 449 -25.71 -11.27 29.72
CA PHE B 449 -24.70 -10.45 29.06
C PHE B 449 -23.98 -11.33 28.04
N ILE B 450 -24.34 -11.17 26.77
CA ILE B 450 -23.71 -11.92 25.69
C ILE B 450 -22.52 -11.12 25.19
N SER B 451 -21.35 -11.77 25.13
CA SER B 451 -20.11 -11.05 24.83
C SER B 451 -20.15 -10.44 23.43
N VAL B 452 -20.55 -11.24 22.43
CA VAL B 452 -20.59 -10.76 21.06
C VAL B 452 -21.90 -11.22 20.42
N LEU B 453 -22.66 -10.27 19.90
CA LEU B 453 -23.73 -10.65 19.00
C LEU B 453 -23.17 -10.86 17.59
N PRO B 454 -23.62 -11.89 16.89
CA PRO B 454 -22.92 -12.31 15.66
C PRO B 454 -22.81 -11.21 14.61
N GLY B 455 -23.79 -10.32 14.52
CA GLY B 455 -23.84 -9.35 13.45
C GLY B 455 -24.52 -9.86 12.19
N ALA B 456 -24.63 -11.17 12.04
CA ALA B 456 -25.49 -11.79 11.05
C ALA B 456 -26.66 -12.43 11.80
N PHE B 457 -27.86 -11.94 11.54
CA PHE B 457 -29.07 -12.35 12.24
C PHE B 457 -28.96 -12.09 13.74
N SER B 458 -28.88 -10.81 14.07
CA SER B 458 -29.05 -10.32 15.43
C SER B 458 -30.15 -9.28 15.41
N ALA B 459 -30.63 -8.90 16.60
CA ALA B 459 -31.71 -7.91 16.66
C ALA B 459 -31.55 -7.07 17.90
N TYR B 460 -32.02 -5.83 17.83
CA TYR B 460 -32.08 -4.91 18.95
C TYR B 460 -33.46 -4.27 18.97
N ARG B 461 -33.72 -3.48 20.00
CA ARG B 461 -34.90 -2.64 20.04
C ARG B 461 -34.45 -1.19 20.01
N TYR B 462 -35.12 -0.38 19.20
CA TYR B 462 -34.67 0.99 18.97
C TYR B 462 -35.15 1.89 20.10
N GLU B 463 -34.84 1.51 21.33
CA GLU B 463 -35.11 2.35 22.49
C GLU B 463 -33.89 2.33 23.40
N ALA B 464 -33.19 1.21 23.41
CA ALA B 464 -32.01 1.03 24.24
C ALA B 464 -30.71 1.40 23.52
N ILE B 465 -30.76 1.69 22.23
CA ILE B 465 -29.56 2.03 21.47
C ILE B 465 -29.65 3.39 20.80
N ARG B 466 -30.72 4.15 21.04
CA ARG B 466 -30.92 5.38 20.29
C ARG B 466 -29.84 6.41 20.61
N GLY B 467 -29.44 6.53 21.87
CA GLY B 467 -28.57 7.60 22.28
C GLY B 467 -27.09 7.26 22.31
N ALA B 468 -26.53 7.17 23.52
CA ALA B 468 -25.11 6.93 23.68
C ALA B 468 -24.60 5.65 23.05
N PRO B 469 -25.30 4.50 23.13
CA PRO B 469 -24.73 3.28 22.51
C PRO B 469 -24.42 3.42 21.04
N LEU B 470 -25.28 4.07 20.25
CA LEU B 470 -24.98 4.25 18.84
C LEU B 470 -23.90 5.30 18.63
N ASP B 471 -23.83 6.30 19.51
CA ASP B 471 -22.76 7.30 19.40
C ASP B 471 -21.40 6.67 19.60
N ALA B 472 -21.28 5.77 20.58
CA ALA B 472 -20.03 5.03 20.76
C ALA B 472 -19.86 3.95 19.71
N TYR B 473 -20.95 3.50 19.10
CA TYR B 473 -20.85 2.52 18.01
C TYR B 473 -20.11 3.09 16.82
N PHE B 474 -20.42 4.33 16.44
CA PHE B 474 -19.83 4.98 15.27
C PHE B 474 -18.78 6.00 15.65
N GLN B 475 -17.99 5.73 16.69
CA GLN B 475 -16.98 6.69 17.10
C GLN B 475 -15.87 6.81 16.07
N THR B 476 -15.52 5.70 15.42
CA THR B 476 -14.47 5.74 14.40
C THR B 476 -14.89 6.59 13.21
N LEU B 477 -16.14 6.49 12.79
CA LEU B 477 -16.60 7.20 11.60
C LEU B 477 -16.73 8.71 11.82
N ASN B 478 -16.77 9.16 13.07
CA ASN B 478 -16.95 10.57 13.36
C ASN B 478 -15.67 11.25 13.81
N ILE B 479 -14.69 10.50 14.32
CA ILE B 479 -13.43 11.05 14.82
C ILE B 479 -12.29 10.37 14.09
N GLU B 480 -11.34 11.16 13.61
CA GLU B 480 -10.17 10.61 12.91
C GLU B 480 -9.35 9.74 13.86
N LEU B 481 -8.75 8.69 13.28
CA LEU B 481 -8.01 7.73 14.08
C LEU B 481 -6.80 8.33 14.77
N ASP B 482 -6.34 9.51 14.33
CA ASP B 482 -5.22 10.16 14.99
C ASP B 482 -5.55 10.50 16.44
N VAL B 483 -6.75 11.05 16.67
CA VAL B 483 -7.11 11.47 18.03
C VAL B 483 -7.36 10.26 18.91
N LEU B 484 -8.04 9.24 18.38
CA LEU B 484 -8.42 8.09 19.20
C LEU B 484 -7.20 7.36 19.74
N GLY B 485 -6.23 7.08 18.88
CA GLY B 485 -5.05 6.35 19.28
C GLY B 485 -5.00 4.98 18.65
N PRO B 486 -3.92 4.22 18.92
CA PRO B 486 -3.81 2.90 18.30
C PRO B 486 -4.71 1.85 18.94
N PHE B 487 -4.95 1.94 20.26
CA PHE B 487 -5.75 0.92 20.93
C PHE B 487 -7.17 0.90 20.40
N ILE B 488 -7.80 2.07 20.29
CA ILE B 488 -9.18 2.13 19.81
C ILE B 488 -9.24 1.80 18.32
N GLY B 489 -8.26 2.28 17.54
CA GLY B 489 -8.27 2.01 16.12
C GLY B 489 -8.12 0.54 15.79
N ASN B 490 -7.23 -0.15 16.52
CA ASN B 490 -7.02 -1.58 16.29
C ASN B 490 -8.21 -2.42 16.71
N MET B 491 -9.18 -1.83 17.42
CA MET B 491 -10.46 -2.48 17.71
C MET B 491 -11.33 -2.44 16.46
N TYR B 492 -10.78 -2.94 15.36
CA TYR B 492 -11.35 -2.82 14.04
C TYR B 492 -12.08 -4.12 13.69
N LEU B 493 -13.35 -3.98 13.29
CA LEU B 493 -14.28 -5.07 13.06
C LEU B 493 -14.72 -5.73 14.37
N ALA B 494 -14.56 -5.01 15.49
CA ALA B 494 -15.03 -5.44 16.80
C ALA B 494 -16.27 -4.68 17.23
N GLU B 495 -17.00 -4.10 16.28
CA GLU B 495 -18.06 -3.16 16.61
C GLU B 495 -19.22 -3.84 17.33
N ASP B 496 -19.50 -5.11 17.00
CA ASP B 496 -20.59 -5.83 17.64
C ASP B 496 -20.42 -5.87 19.15
N ARG B 497 -19.22 -6.17 19.62
CA ARG B 497 -18.98 -6.25 21.05
C ARG B 497 -19.13 -4.88 21.71
N ILE B 498 -18.72 -3.83 21.01
CA ILE B 498 -18.87 -2.47 21.54
C ILE B 498 -20.33 -2.14 21.75
N LEU B 499 -21.17 -2.42 20.75
CA LEU B 499 -22.59 -2.13 20.91
C LEU B 499 -23.21 -2.99 22.01
N SER B 500 -22.84 -4.28 22.06
CA SER B 500 -23.39 -5.17 23.07
C SER B 500 -23.06 -4.70 24.47
N PHE B 501 -21.82 -4.28 24.71
CA PHE B 501 -21.45 -3.81 26.04
C PHE B 501 -22.08 -2.46 26.35
N GLU B 502 -22.18 -1.57 25.36
CA GLU B 502 -22.75 -0.26 25.62
C GLU B 502 -24.24 -0.35 25.94
N VAL B 503 -24.93 -1.35 25.40
CA VAL B 503 -26.35 -1.51 25.74
C VAL B 503 -26.51 -1.85 27.22
N VAL B 504 -25.70 -2.77 27.73
CA VAL B 504 -25.89 -3.27 29.09
C VAL B 504 -25.56 -2.19 30.12
N ALA B 505 -24.43 -1.50 29.94
CA ALA B 505 -23.95 -0.54 30.91
C ALA B 505 -24.48 0.87 30.67
N ARG B 506 -25.64 1.01 30.03
CA ARG B 506 -26.17 2.33 29.75
C ARG B 506 -26.63 3.01 31.02
N LYS B 507 -26.34 4.31 31.13
CA LYS B 507 -26.67 5.06 32.33
C LYS B 507 -28.18 5.20 32.50
N ASN B 508 -28.64 5.06 33.75
CA ASN B 508 -30.03 5.22 34.13
C ASN B 508 -30.97 4.22 33.46
N CYS B 509 -30.43 3.08 33.00
CA CYS B 509 -31.22 2.05 32.38
C CYS B 509 -30.67 0.68 32.77
N ASN B 510 -31.53 -0.33 32.70
CA ASN B 510 -31.14 -1.71 32.99
C ASN B 510 -31.60 -2.58 31.83
N TRP B 511 -30.76 -2.67 30.80
CA TRP B 511 -31.03 -3.51 29.63
C TRP B 511 -30.11 -4.72 29.67
N THR B 512 -30.68 -5.90 29.47
CA THR B 512 -29.93 -7.14 29.45
C THR B 512 -30.14 -7.83 28.11
N MET B 513 -29.13 -8.60 27.69
CA MET B 513 -29.19 -9.31 26.43
C MET B 513 -29.68 -10.73 26.66
N HIS B 514 -30.08 -11.39 25.57
CA HIS B 514 -30.67 -12.71 25.65
C HIS B 514 -30.28 -13.51 24.43
N TYR B 515 -30.28 -14.84 24.58
CA TYR B 515 -29.96 -15.76 23.52
C TYR B 515 -31.15 -16.68 23.28
N VAL B 516 -31.63 -16.73 22.05
CA VAL B 516 -32.78 -17.57 21.69
C VAL B 516 -32.27 -18.78 20.93
N LYS B 517 -32.56 -19.96 21.45
CA LYS B 517 -32.06 -21.19 20.86
C LYS B 517 -32.81 -21.57 19.58
N ASP B 518 -34.12 -21.30 19.52
CA ASP B 518 -34.95 -21.79 18.44
C ASP B 518 -34.86 -20.94 17.18
N ALA B 519 -34.21 -19.79 17.22
CA ALA B 519 -34.04 -18.94 16.04
C ALA B 519 -32.79 -19.41 15.31
N VAL B 520 -32.98 -20.31 14.35
CA VAL B 520 -31.88 -20.95 13.64
C VAL B 520 -31.68 -20.27 12.31
N ALA B 521 -30.44 -19.86 12.03
CA ALA B 521 -30.07 -19.27 10.76
C ALA B 521 -28.85 -20.00 10.21
N ARG B 522 -28.93 -20.42 8.96
CA ARG B 522 -27.88 -21.21 8.34
C ARG B 522 -27.05 -20.35 7.42
N THR B 523 -25.74 -20.35 7.63
CA THR B 523 -24.81 -19.57 6.83
C THR B 523 -24.01 -20.51 5.92
N ASP B 524 -23.08 -19.92 5.18
CA ASP B 524 -22.18 -20.66 4.29
C ASP B 524 -20.75 -20.44 4.75
N VAL B 525 -19.98 -21.52 4.84
CA VAL B 525 -18.64 -21.47 5.40
C VAL B 525 -17.61 -21.80 4.33
N PRO B 526 -16.38 -21.31 4.43
CA PRO B 526 -15.35 -21.68 3.45
C PRO B 526 -15.03 -23.16 3.49
N HIS B 527 -14.73 -23.71 2.31
CA HIS B 527 -14.44 -25.14 2.16
C HIS B 527 -12.95 -25.44 2.21
N ASP B 528 -12.09 -24.44 2.32
CA ASP B 528 -10.65 -24.64 2.28
C ASP B 528 -10.00 -24.01 3.51
N LEU B 529 -8.79 -24.48 3.81
CA LEU B 529 -8.07 -23.96 4.96
C LEU B 529 -7.70 -22.49 4.78
N VAL B 530 -7.31 -22.10 3.56
CA VAL B 530 -6.88 -20.71 3.33
C VAL B 530 -8.04 -19.75 3.54
N GLY B 531 -9.24 -20.12 3.10
CA GLY B 531 -10.39 -19.27 3.34
C GLY B 531 -10.67 -19.08 4.82
N LEU B 532 -10.58 -20.17 5.60
CA LEU B 532 -10.78 -20.08 7.04
C LEU B 532 -9.73 -19.20 7.69
N ILE B 533 -8.48 -19.34 7.26
CA ILE B 533 -7.40 -18.52 7.82
C ILE B 533 -7.64 -17.04 7.51
N SER B 534 -8.05 -16.74 6.29
CA SER B 534 -8.35 -15.36 5.93
C SER B 534 -9.51 -14.83 6.75
N GLN B 535 -10.54 -15.66 6.96
CA GLN B 535 -11.74 -15.20 7.65
C GLN B 535 -11.47 -14.93 9.14
N ARG B 536 -10.70 -15.80 9.79
CA ARG B 536 -10.61 -15.75 11.25
C ARG B 536 -9.81 -14.56 11.78
N LYS B 537 -9.04 -13.88 10.92
CA LYS B 537 -8.18 -12.79 11.38
C LYS B 537 -9.01 -11.66 11.98
N ARG B 538 -10.05 -11.23 11.28
CA ARG B 538 -10.91 -10.16 11.77
C ARG B 538 -11.55 -10.55 13.09
N TRP B 539 -12.07 -11.77 13.16
CA TRP B 539 -12.73 -12.25 14.37
C TRP B 539 -11.77 -12.19 15.55
N LEU B 540 -10.55 -12.67 15.37
CA LEU B 540 -9.63 -12.77 16.49
C LEU B 540 -9.14 -11.39 16.94
N ASN B 541 -8.78 -10.52 15.99
CA ASN B 541 -8.38 -9.17 16.36
C ASN B 541 -9.47 -8.47 17.15
N GLY B 542 -10.70 -8.48 16.60
CA GLY B 542 -11.79 -7.83 17.28
C GLY B 542 -12.08 -8.43 18.64
N ALA B 543 -12.05 -9.77 18.74
CA ALA B 543 -12.34 -10.43 20.00
C ALA B 543 -11.33 -10.01 21.06
N PHE B 544 -10.03 -10.06 20.73
CA PHE B 544 -9.01 -9.74 21.71
C PHE B 544 -9.14 -8.30 22.20
N PHE B 545 -9.25 -7.34 21.27
CA PHE B 545 -9.23 -5.97 21.72
C PHE B 545 -10.55 -5.55 22.38
N ALA B 546 -11.67 -6.06 21.91
CA ALA B 546 -12.93 -5.77 22.57
C ALA B 546 -12.98 -6.41 23.95
N THR B 547 -12.41 -7.60 24.11
CA THR B 547 -12.33 -8.21 25.44
C THR B 547 -11.49 -7.36 26.38
N LEU B 548 -10.36 -6.85 25.90
CA LEU B 548 -9.56 -5.95 26.74
C LEU B 548 -10.35 -4.71 27.11
N PHE B 549 -11.09 -4.13 26.16
CA PHE B 549 -11.88 -2.94 26.46
C PHE B 549 -12.96 -3.23 27.51
N SER B 550 -13.65 -4.36 27.37
CA SER B 550 -14.68 -4.71 28.34
C SER B 550 -14.10 -4.94 29.72
N ILE B 551 -12.97 -5.64 29.80
CA ILE B 551 -12.31 -5.85 31.09
C ILE B 551 -11.91 -4.51 31.70
N TRP B 552 -11.43 -3.59 30.86
CA TRP B 552 -11.02 -2.28 31.35
C TRP B 552 -12.20 -1.48 31.90
N ASN B 553 -13.33 -1.50 31.21
CA ASN B 553 -14.45 -0.62 31.53
C ASN B 553 -15.60 -1.32 32.23
N TRP B 554 -15.38 -2.53 32.76
CA TRP B 554 -16.45 -3.22 33.47
C TRP B 554 -16.99 -2.46 34.67
N GLY B 555 -16.22 -1.53 35.23
CA GLY B 555 -16.70 -0.78 36.39
C GLY B 555 -17.86 0.15 36.10
N ARG B 556 -18.09 0.46 34.83
CA ARG B 556 -19.17 1.37 34.45
C ARG B 556 -20.54 0.80 34.83
N ILE B 557 -20.66 -0.52 34.90
CA ILE B 557 -21.94 -1.14 35.26
C ILE B 557 -22.33 -0.76 36.68
N TYR B 558 -21.37 -0.77 37.60
CA TYR B 558 -21.67 -0.44 38.98
C TYR B 558 -21.65 1.07 39.22
N SER B 559 -20.77 1.79 38.53
CA SER B 559 -20.63 3.21 38.79
C SER B 559 -21.79 4.02 38.21
N GLU B 560 -22.22 3.67 36.99
CA GLU B 560 -23.17 4.49 36.25
C GLU B 560 -24.54 3.86 36.08
N SER B 561 -24.61 2.58 35.72
CA SER B 561 -25.88 1.96 35.40
C SER B 561 -26.78 1.86 36.63
N LYS B 562 -28.01 1.41 36.40
CA LYS B 562 -29.00 1.25 37.46
C LYS B 562 -29.57 -0.16 37.36
N HIS B 563 -28.91 -1.12 37.99
CA HIS B 563 -29.32 -2.51 38.02
C HIS B 563 -29.72 -2.90 39.44
N THR B 564 -30.29 -4.10 39.56
CA THR B 564 -30.55 -4.67 40.86
C THR B 564 -29.25 -5.13 41.49
N PHE B 565 -29.24 -5.21 42.83
CA PHE B 565 -28.06 -5.67 43.55
C PHE B 565 -27.70 -7.09 43.15
N VAL B 566 -28.70 -7.95 42.99
CA VAL B 566 -28.46 -9.33 42.59
C VAL B 566 -27.79 -9.38 41.22
N ARG B 567 -28.26 -8.54 40.29
CA ARG B 567 -27.63 -8.48 38.98
C ARG B 567 -26.18 -8.05 39.06
N LYS B 568 -25.89 -7.08 39.94
CA LYS B 568 -24.51 -6.62 40.08
C LYS B 568 -23.61 -7.71 40.65
N MET B 569 -24.11 -8.48 41.62
CA MET B 569 -23.31 -9.58 42.16
C MET B 569 -23.09 -10.66 41.09
N ALA B 570 -24.11 -10.98 40.31
CA ALA B 570 -23.96 -11.96 39.24
C ALA B 570 -22.95 -11.47 38.21
N PHE B 571 -22.99 -10.18 37.88
CA PHE B 571 -22.02 -9.62 36.95
C PHE B 571 -20.61 -9.68 37.52
N LEU B 572 -20.46 -9.50 38.82
CA LEU B 572 -19.14 -9.63 39.43
C LEU B 572 -18.62 -11.06 39.31
N VAL B 573 -19.47 -12.04 39.58
CA VAL B 573 -19.07 -13.44 39.42
C VAL B 573 -18.66 -13.72 37.99
N PHE B 574 -19.47 -13.25 37.03
CA PHE B 574 -19.14 -13.44 35.63
C PHE B 574 -17.85 -12.73 35.25
N TYR B 575 -17.57 -11.58 35.88
CA TYR B 575 -16.32 -10.88 35.60
C TYR B 575 -15.13 -11.69 36.07
N VAL B 576 -15.22 -12.30 37.25
CA VAL B 576 -14.14 -13.15 37.73
C VAL B 576 -13.91 -14.32 36.78
N TYR B 577 -15.01 -14.98 36.37
CA TYR B 577 -14.89 -16.08 35.43
C TYR B 577 -14.29 -15.63 34.11
N HIS B 578 -14.70 -14.46 33.62
CA HIS B 578 -14.20 -13.94 32.37
C HIS B 578 -12.70 -13.67 32.44
N LEU B 579 -12.24 -13.10 33.55
CA LEU B 579 -10.81 -12.86 33.74
C LEU B 579 -10.04 -14.17 33.71
N LEU B 580 -10.52 -15.17 34.45
CA LEU B 580 -9.81 -16.45 34.47
C LEU B 580 -9.78 -17.10 33.08
N TYR B 581 -10.91 -17.06 32.37
CA TYR B 581 -10.98 -17.68 31.05
C TYR B 581 -10.05 -16.97 30.06
N THR B 582 -10.03 -15.64 30.08
CA THR B 582 -9.15 -14.91 29.18
C THR B 582 -7.68 -15.18 29.50
N ALA B 583 -7.33 -15.20 30.80
CA ALA B 583 -5.95 -15.47 31.18
C ALA B 583 -5.54 -16.88 30.75
N PHE B 584 -6.42 -17.86 30.89
CA PHE B 584 -6.11 -19.20 30.43
C PHE B 584 -5.97 -19.24 28.91
N GLY B 585 -6.81 -18.50 28.19
CA GLY B 585 -6.73 -18.50 26.74
C GLY B 585 -5.52 -17.76 26.19
N PHE B 586 -4.94 -16.86 26.97
CA PHE B 586 -3.75 -16.15 26.50
C PHE B 586 -2.54 -17.07 26.42
N PHE B 587 -2.45 -18.05 27.32
CA PHE B 587 -1.32 -18.99 27.38
C PHE B 587 -1.68 -20.35 26.81
N LEU B 588 -2.46 -20.40 25.74
CA LEU B 588 -2.94 -21.67 25.22
C LEU B 588 -1.90 -22.43 24.40
N PRO B 589 -1.13 -21.79 23.52
CA PRO B 589 -0.11 -22.56 22.79
C PRO B 589 0.91 -23.23 23.69
N ALA B 590 1.36 -22.52 24.72
CA ALA B 590 2.32 -23.10 25.66
C ALA B 590 1.72 -24.29 26.39
N ASN B 591 0.47 -24.18 26.83
CA ASN B 591 -0.16 -25.27 27.55
C ASN B 591 -0.38 -26.48 26.66
N LEU B 592 -0.79 -26.26 25.40
CA LEU B 592 -0.95 -27.38 24.49
C LEU B 592 0.38 -28.08 24.24
N TYR B 593 1.44 -27.30 24.02
CA TYR B 593 2.75 -27.90 23.80
C TYR B 593 3.21 -28.68 25.03
N LEU B 594 3.05 -28.11 26.22
CA LEU B 594 3.48 -28.79 27.43
C LEU B 594 2.70 -30.08 27.65
N ALA B 595 1.39 -30.04 27.46
CA ALA B 595 0.59 -31.24 27.66
C ALA B 595 1.02 -32.35 26.70
N LEU B 596 1.10 -32.03 25.41
CA LEU B 596 1.50 -33.04 24.44
C LEU B 596 2.88 -33.60 24.77
N PHE B 597 3.84 -32.70 25.01
CA PHE B 597 5.21 -33.11 25.30
C PHE B 597 5.26 -34.03 26.51
N PHE B 598 4.85 -33.52 27.67
CA PHE B 598 4.88 -34.31 28.89
C PHE B 598 4.22 -35.66 28.67
N ILE B 599 2.90 -35.66 28.41
CA ILE B 599 2.16 -36.91 28.40
C ILE B 599 2.80 -37.90 27.43
N VAL B 600 2.75 -37.60 26.14
CA VAL B 600 3.09 -38.62 25.15
C VAL B 600 4.60 -38.88 25.15
N PHE B 601 5.39 -37.83 24.95
CA PHE B 601 6.79 -38.06 24.64
C PHE B 601 7.64 -38.32 25.88
N GLN B 602 7.30 -37.75 27.04
CA GLN B 602 8.02 -38.15 28.22
C GLN B 602 7.43 -39.40 28.86
N GLY B 603 6.26 -39.84 28.43
CA GLY B 603 5.81 -41.15 28.83
C GLY B 603 6.53 -42.21 28.04
N PHE B 604 6.79 -41.93 26.76
CA PHE B 604 7.60 -42.84 25.96
C PHE B 604 9.04 -42.86 26.44
N GLN B 605 9.61 -41.67 26.73
CA GLN B 605 11.02 -41.62 27.09
C GLN B 605 11.26 -42.16 28.49
N GLN B 606 10.45 -41.77 29.47
CA GLN B 606 10.69 -42.11 30.86
C GLN B 606 9.79 -43.24 31.36
N ASN B 607 9.23 -44.04 30.45
CA ASN B 607 8.45 -45.23 30.80
C ASN B 607 7.27 -44.88 31.69
N ARG B 608 6.36 -44.06 31.15
CA ARG B 608 5.13 -43.74 31.84
C ARG B 608 3.89 -44.09 31.03
N LEU B 609 4.04 -44.59 29.81
CA LEU B 609 2.93 -45.22 29.12
C LEU B 609 2.61 -46.54 29.82
N GLU B 610 1.31 -46.82 29.98
CA GLU B 610 0.91 -48.00 30.73
C GLU B 610 0.70 -49.23 29.86
N PHE B 611 0.36 -49.04 28.59
CA PHE B 611 0.11 -50.18 27.71
C PHE B 611 1.37 -50.74 27.09
N ILE B 612 2.53 -50.16 27.38
CA ILE B 612 3.80 -50.67 26.87
C ILE B 612 4.89 -50.23 27.83
N ASP B 613 5.99 -50.99 27.86
CA ASP B 613 7.12 -50.71 28.74
C ASP B 613 8.34 -50.37 27.90
N THR B 614 9.01 -49.27 28.25
CA THR B 614 10.18 -48.80 27.52
C THR B 614 11.47 -48.95 28.33
N SER B 615 11.49 -49.85 29.31
CA SER B 615 12.74 -50.16 29.99
C SER B 615 13.75 -50.82 29.06
N GLU B 616 13.28 -51.37 27.95
CA GLU B 616 14.13 -51.90 26.89
C GLU B 616 14.63 -50.74 26.03
N TYR B 617 15.15 -51.07 24.84
CA TYR B 617 15.57 -50.10 23.83
C TYR B 617 16.93 -49.51 24.20
N SER B 618 17.67 -49.02 23.20
CA SER B 618 19.09 -48.75 23.33
C SER B 618 19.40 -47.31 23.75
N GLN B 619 18.48 -46.65 24.45
CA GLN B 619 18.65 -45.30 24.98
C GLN B 619 18.75 -44.25 23.87
N THR B 620 18.80 -44.67 22.60
CA THR B 620 18.87 -43.72 21.51
C THR B 620 17.48 -43.29 21.05
N VAL B 621 16.55 -44.25 20.91
CA VAL B 621 15.18 -43.92 20.52
C VAL B 621 14.51 -43.08 21.59
N LEU B 622 14.82 -43.33 22.86
CA LEU B 622 14.18 -42.61 23.96
C LEU B 622 14.44 -41.12 23.88
N ASP B 623 15.69 -40.73 23.60
CA ASP B 623 15.99 -39.32 23.40
C ASP B 623 15.59 -38.83 22.02
N CYS B 624 15.61 -39.74 21.03
CA CYS B 624 15.28 -39.38 19.67
C CYS B 624 13.85 -38.89 19.55
N ALA B 625 12.92 -39.52 20.27
CA ALA B 625 11.52 -39.10 20.23
C ALA B 625 11.37 -37.65 20.67
N VAL B 626 11.97 -37.30 21.82
CA VAL B 626 11.87 -35.94 22.33
C VAL B 626 12.56 -34.96 21.39
N TYR B 627 13.73 -35.32 20.88
CA TYR B 627 14.44 -34.41 19.99
C TYR B 627 13.65 -34.16 18.70
N ILE B 628 13.08 -35.22 18.12
CA ILE B 628 12.28 -35.05 16.92
C ILE B 628 11.07 -34.17 17.19
N TYR B 629 10.39 -34.41 18.31
CA TYR B 629 9.23 -33.59 18.63
C TYR B 629 9.60 -32.12 18.78
N ASN B 630 10.66 -31.84 19.54
CA ASN B 630 11.04 -30.45 19.76
C ASN B 630 11.45 -29.77 18.46
N PHE B 631 12.26 -30.44 17.65
CA PHE B 631 12.71 -29.83 16.39
C PHE B 631 11.55 -29.60 15.44
N SER B 632 10.66 -30.58 15.31
CA SER B 632 9.51 -30.39 14.42
C SER B 632 8.63 -29.26 14.88
N TYR B 633 8.34 -29.19 16.18
CA TYR B 633 7.48 -28.13 16.69
C TYR B 633 8.11 -26.75 16.48
N LEU B 634 9.40 -26.62 16.79
CA LEU B 634 10.05 -25.32 16.66
C LEU B 634 10.15 -24.89 15.19
N PHE B 635 10.51 -25.82 14.30
CA PHE B 635 10.60 -25.46 12.89
C PHE B 635 9.23 -25.09 12.32
N GLY B 636 8.19 -25.83 12.71
CA GLY B 636 6.85 -25.48 12.26
C GLY B 636 6.41 -24.11 12.74
N LEU B 637 6.68 -23.79 14.00
CA LEU B 637 6.31 -22.48 14.52
C LEU B 637 7.07 -21.36 13.82
N LEU B 638 8.37 -21.57 13.56
CA LEU B 638 9.16 -20.57 12.87
C LEU B 638 8.64 -20.33 11.46
N MET B 639 8.35 -21.41 10.73
CA MET B 639 7.81 -21.29 9.38
C MET B 639 6.47 -20.57 9.40
N LEU B 640 5.60 -20.92 10.36
CA LEU B 640 4.29 -20.30 10.44
C LEU B 640 4.40 -18.80 10.71
N ILE B 641 5.27 -18.41 11.66
CA ILE B 641 5.35 -16.99 11.97
C ILE B 641 5.96 -16.21 10.81
N ILE B 642 6.96 -16.78 10.14
CA ILE B 642 7.54 -16.10 8.98
C ILE B 642 6.49 -15.90 7.90
N ILE B 643 5.75 -16.94 7.56
CA ILE B 643 4.76 -16.83 6.51
C ILE B 643 3.65 -15.85 6.91
N GLY B 644 3.15 -15.97 8.14
CA GLY B 644 2.05 -15.12 8.56
C GLY B 644 2.41 -13.65 8.59
N LEU B 645 3.58 -13.31 9.13
CA LEU B 645 4.00 -11.92 9.14
C LEU B 645 4.40 -11.44 7.75
N GLY B 646 4.81 -12.35 6.88
CA GLY B 646 5.29 -11.97 5.56
C GLY B 646 4.25 -11.64 4.52
N ASN B 647 3.41 -12.62 4.15
CA ASN B 647 2.60 -12.52 2.95
C ASN B 647 1.17 -12.95 3.22
N ASN B 648 0.30 -12.62 2.26
CA ASN B 648 -1.10 -12.97 2.34
C ASN B 648 -1.30 -14.48 2.17
N PRO B 649 -2.19 -15.10 2.95
CA PRO B 649 -2.37 -16.56 2.88
C PRO B 649 -3.25 -17.00 1.71
N LYS B 650 -2.82 -16.66 0.50
CA LYS B 650 -3.54 -17.09 -0.69
C LYS B 650 -2.60 -17.80 -1.65
N HIS B 651 -1.35 -17.35 -1.71
CA HIS B 651 -0.32 -18.00 -2.50
C HIS B 651 0.54 -18.95 -1.70
N MET B 652 0.31 -19.07 -0.40
CA MET B 652 1.02 -20.01 0.46
C MET B 652 0.10 -21.18 0.84
N LYS B 653 -0.73 -21.60 -0.11
CA LYS B 653 -1.70 -22.66 0.16
C LYS B 653 -1.01 -23.98 0.50
N LEU B 654 0.01 -24.35 -0.26
CA LEU B 654 0.66 -25.65 -0.06
C LEU B 654 1.38 -25.70 1.29
N THR B 655 2.07 -24.63 1.67
CA THR B 655 2.82 -24.66 2.92
C THR B 655 1.89 -24.70 4.13
N TYR B 656 0.80 -23.92 4.09
CA TYR B 656 -0.18 -23.98 5.17
C TYR B 656 -0.80 -25.36 5.25
N TYR B 657 -1.11 -25.96 4.09
CA TYR B 657 -1.67 -27.32 4.11
C TYR B 657 -0.69 -28.31 4.72
N PHE B 658 0.59 -28.18 4.37
CA PHE B 658 1.60 -29.10 4.90
C PHE B 658 1.74 -28.97 6.41
N VAL B 659 1.81 -27.73 6.91
CA VAL B 659 1.95 -27.53 8.35
C VAL B 659 0.72 -28.04 9.08
N GLY B 660 -0.47 -27.74 8.53
CA GLY B 660 -1.70 -28.24 9.15
C GLY B 660 -1.75 -29.75 9.17
N ALA B 661 -1.32 -30.40 8.09
CA ALA B 661 -1.31 -31.86 8.05
C ALA B 661 -0.35 -32.44 9.09
N VAL B 662 0.82 -31.84 9.24
CA VAL B 662 1.77 -32.32 10.24
C VAL B 662 1.18 -32.21 11.63
N PHE B 663 0.62 -31.04 11.96
CA PHE B 663 0.04 -30.86 13.29
C PHE B 663 -1.15 -31.77 13.51
N GLY B 664 -1.96 -32.00 12.47
CA GLY B 664 -3.11 -32.89 12.62
C GLY B 664 -2.70 -34.32 12.87
N LEU B 665 -1.69 -34.82 12.15
CA LEU B 665 -1.20 -36.17 12.40
C LEU B 665 -0.64 -36.28 13.81
N MET B 666 0.12 -35.26 14.25
CA MET B 666 0.65 -35.27 15.60
C MET B 666 -0.48 -35.35 16.63
N MET B 667 -1.52 -34.55 16.43
CA MET B 667 -2.62 -34.51 17.40
C MET B 667 -3.40 -35.82 17.41
N MET B 668 -3.62 -36.43 16.24
CA MET B 668 -4.31 -37.71 16.20
C MET B 668 -3.50 -38.80 16.89
N LEU B 669 -2.19 -38.84 16.65
CA LEU B 669 -1.35 -39.81 17.33
C LEU B 669 -1.39 -39.61 18.84
N SER B 670 -1.28 -38.35 19.28
CA SER B 670 -1.32 -38.07 20.71
C SER B 670 -2.65 -38.47 21.32
N SER B 671 -3.75 -38.23 20.62
CA SER B 671 -5.07 -38.61 21.13
C SER B 671 -5.19 -40.12 21.27
N LEU B 672 -4.72 -40.87 20.27
CA LEU B 672 -4.76 -42.32 20.38
C LEU B 672 -3.92 -42.82 21.53
N VAL B 673 -2.72 -42.27 21.71
CA VAL B 673 -1.87 -42.69 22.82
C VAL B 673 -2.52 -42.37 24.16
N GLY B 674 -3.11 -41.19 24.28
CA GLY B 674 -3.78 -40.83 25.53
C GLY B 674 -4.97 -41.72 25.83
N ALA B 675 -5.75 -42.06 24.80
CA ALA B 675 -6.87 -42.97 25.00
C ALA B 675 -6.39 -44.34 25.47
N GLY B 676 -5.31 -44.84 24.86
CA GLY B 676 -4.75 -46.11 25.30
C GLY B 676 -4.27 -46.05 26.74
N ILE B 677 -3.61 -44.95 27.12
CA ILE B 677 -3.14 -44.80 28.49
C ILE B 677 -4.32 -44.80 29.45
N PHE B 678 -5.37 -44.06 29.13
CA PHE B 678 -6.52 -43.97 30.02
C PHE B 678 -7.21 -45.32 30.17
N PHE B 679 -7.38 -46.06 29.06
CA PHE B 679 -8.06 -47.34 29.15
C PHE B 679 -7.19 -48.43 29.78
N SER B 680 -5.87 -48.28 29.75
CA SER B 680 -5.01 -49.28 30.38
C SER B 680 -4.98 -49.14 31.90
N THR B 681 -5.19 -47.93 32.41
CA THR B 681 -5.18 -47.71 33.85
C THR B 681 -6.41 -48.38 34.49
N PRO B 682 -6.25 -49.06 35.64
CA PRO B 682 -7.39 -49.74 36.26
C PRO B 682 -8.48 -48.81 36.79
N ALA B 683 -8.31 -47.50 36.58
CA ALA B 683 -9.31 -46.49 36.88
C ALA B 683 -9.46 -46.23 38.37
N THR B 684 -9.77 -44.99 38.73
CA THR B 684 -9.94 -44.57 40.11
C THR B 684 -10.99 -43.47 40.14
N VAL B 685 -11.46 -43.14 41.35
CA VAL B 685 -12.47 -42.10 41.49
C VAL B 685 -11.95 -40.77 40.96
N HIS B 686 -10.72 -40.41 41.34
CA HIS B 686 -10.12 -39.18 40.83
C HIS B 686 -10.00 -39.22 39.30
N SER B 687 -9.55 -40.36 38.77
CA SER B 687 -9.37 -40.48 37.33
C SER B 687 -10.68 -40.31 36.58
N ILE B 688 -11.73 -40.99 37.03
CA ILE B 688 -13.00 -40.94 36.32
C ILE B 688 -13.64 -39.57 36.46
N VAL B 689 -13.52 -38.94 37.63
CA VAL B 689 -14.07 -37.59 37.82
C VAL B 689 -13.38 -36.61 36.90
N VAL B 690 -12.05 -36.67 36.83
CA VAL B 690 -11.31 -35.75 35.97
C VAL B 690 -11.66 -36.00 34.51
N SER B 691 -11.74 -37.26 34.10
CA SER B 691 -12.08 -37.56 32.71
C SER B 691 -13.45 -37.03 32.35
N ILE B 692 -14.44 -37.25 33.22
CA ILE B 692 -15.78 -36.73 32.97
C ILE B 692 -15.72 -35.21 32.83
N LEU B 693 -15.28 -34.52 33.87
CA LEU B 693 -15.32 -33.06 33.89
C LEU B 693 -14.39 -32.43 32.87
N THR B 694 -13.50 -33.20 32.24
CA THR B 694 -12.65 -32.65 31.19
C THR B 694 -13.23 -32.87 29.80
N VAL B 695 -13.57 -34.10 29.45
CA VAL B 695 -13.97 -34.43 28.09
C VAL B 695 -15.48 -34.59 27.97
N GLY B 696 -16.11 -35.28 28.91
CA GLY B 696 -17.49 -35.65 28.72
C GLY B 696 -18.49 -34.53 28.91
N VAL B 697 -18.05 -33.34 29.31
CA VAL B 697 -18.95 -32.21 29.44
C VAL B 697 -19.60 -31.89 28.10
N TYR B 698 -18.83 -31.98 27.02
CA TYR B 698 -19.37 -31.73 25.69
C TYR B 698 -20.53 -32.67 25.39
N PHE B 699 -20.31 -33.97 25.58
CA PHE B 699 -21.35 -34.94 25.28
C PHE B 699 -22.55 -34.79 26.20
N ILE B 700 -22.31 -34.50 27.48
CA ILE B 700 -23.41 -34.34 28.43
C ILE B 700 -24.29 -33.16 28.05
N ALA B 701 -23.67 -32.01 27.79
CA ALA B 701 -24.44 -30.83 27.41
C ALA B 701 -25.16 -31.04 26.08
N SER B 702 -24.49 -31.66 25.11
CA SER B 702 -25.09 -31.89 23.81
C SER B 702 -26.30 -32.81 23.91
N ALA B 703 -26.18 -33.87 24.73
CA ALA B 703 -27.33 -34.76 24.93
C ALA B 703 -28.44 -34.05 25.70
N LEU B 704 -28.09 -33.16 26.62
CA LEU B 704 -29.10 -32.40 27.34
C LEU B 704 -29.90 -31.52 26.40
N HIS B 705 -29.23 -30.86 25.46
CA HIS B 705 -29.91 -29.99 24.50
C HIS B 705 -30.38 -30.75 23.26
N GLY B 706 -30.14 -32.05 23.18
CA GLY B 706 -30.64 -32.85 22.09
C GLY B 706 -29.81 -32.85 20.83
N GLU B 707 -28.76 -32.03 20.77
CA GLU B 707 -27.89 -31.99 19.59
C GLU B 707 -26.62 -32.79 19.87
N VAL B 708 -26.77 -34.11 19.84
CA VAL B 708 -25.69 -35.01 20.17
C VAL B 708 -25.10 -35.71 18.93
N HIS B 709 -25.92 -35.99 17.91
CA HIS B 709 -25.43 -36.71 16.74
C HIS B 709 -24.37 -35.89 16.01
N HIS B 710 -24.53 -34.56 15.97
CA HIS B 710 -23.53 -33.72 15.33
C HIS B 710 -22.18 -33.85 16.03
N ILE B 711 -22.19 -33.89 17.37
CA ILE B 711 -20.95 -34.04 18.12
C ILE B 711 -20.29 -35.37 17.79
N PHE B 712 -21.09 -36.44 17.76
CA PHE B 712 -20.53 -37.75 17.41
C PHE B 712 -19.91 -37.74 16.02
N MET B 713 -20.56 -37.07 15.07
CA MET B 713 -20.04 -37.06 13.70
C MET B 713 -18.77 -36.23 13.58
N THR B 714 -18.68 -35.11 14.30
CA THR B 714 -17.62 -34.13 14.04
C THR B 714 -16.56 -34.06 15.13
N PHE B 715 -16.60 -34.90 16.16
CA PHE B 715 -15.61 -34.83 17.23
C PHE B 715 -14.21 -35.11 16.71
N THR B 716 -14.05 -36.15 15.89
CA THR B 716 -12.74 -36.48 15.35
C THR B 716 -12.22 -35.38 14.44
N HIS B 717 -13.08 -34.83 13.60
CA HIS B 717 -12.66 -33.78 12.67
C HIS B 717 -12.23 -32.53 13.43
N TYR B 718 -12.93 -32.18 14.50
CA TYR B 718 -12.49 -31.04 15.29
C TYR B 718 -11.21 -31.34 16.04
N THR B 719 -11.05 -32.57 16.54
CA THR B 719 -9.85 -32.92 17.27
C THR B 719 -8.61 -32.85 16.38
N ALA B 720 -8.76 -33.22 15.10
CA ALA B 720 -7.63 -33.22 14.20
C ALA B 720 -7.10 -31.82 13.87
N LEU B 721 -7.82 -30.76 14.24
CA LEU B 721 -7.45 -29.40 13.85
C LEU B 721 -7.21 -28.48 15.04
N ILE B 722 -7.11 -29.00 16.26
CA ILE B 722 -6.91 -28.13 17.41
C ILE B 722 -5.58 -27.38 17.35
N PRO B 723 -4.42 -28.02 17.17
CA PRO B 723 -3.17 -27.24 17.10
C PRO B 723 -3.14 -26.30 15.92
N SER B 724 -3.70 -26.72 14.78
CA SER B 724 -3.80 -25.83 13.64
C SER B 724 -4.59 -24.58 13.99
N PHE B 725 -5.80 -24.77 14.52
CA PHE B 725 -6.62 -23.66 15.00
C PHE B 725 -5.79 -22.71 15.84
N VAL B 726 -5.32 -23.21 16.99
CA VAL B 726 -4.65 -22.37 17.98
C VAL B 726 -3.48 -21.63 17.33
N ASN B 727 -2.47 -22.39 16.90
CA ASN B 727 -1.23 -21.78 16.45
C ASN B 727 -1.46 -20.89 15.23
N ILE B 728 -1.97 -21.46 14.14
CA ILE B 728 -2.04 -20.73 12.89
C ILE B 728 -2.94 -19.50 13.04
N PHE B 729 -4.14 -19.69 13.58
CA PHE B 729 -5.08 -18.58 13.61
C PHE B 729 -4.59 -17.47 14.54
N THR B 730 -4.07 -17.80 15.73
CA THR B 730 -3.60 -16.76 16.62
C THR B 730 -2.40 -16.03 16.02
N ILE B 731 -1.46 -16.76 15.42
CA ILE B 731 -0.27 -16.13 14.87
C ILE B 731 -0.64 -15.20 13.71
N TYR B 732 -1.52 -15.67 12.81
CA TYR B 732 -1.91 -14.82 11.69
C TYR B 732 -2.73 -13.62 12.15
N SER B 733 -3.55 -13.79 13.19
CA SER B 733 -4.29 -12.65 13.73
C SER B 733 -3.34 -11.59 14.28
N PHE B 734 -2.33 -12.01 15.04
CA PHE B 734 -1.44 -11.04 15.66
C PHE B 734 -0.48 -10.41 14.66
N CYS B 735 -0.07 -11.17 13.64
CA CYS B 735 0.93 -10.66 12.71
C CYS B 735 0.36 -9.58 11.79
N ASN B 736 -0.87 -9.76 11.31
CA ASN B 736 -1.49 -8.82 10.38
C ASN B 736 -2.43 -7.86 11.08
N LEU B 737 -2.09 -7.45 12.31
CA LEU B 737 -2.92 -6.51 13.06
C LEU B 737 -2.90 -5.12 12.46
N GLN B 738 -1.95 -4.82 11.58
CA GLN B 738 -1.81 -3.48 11.00
C GLN B 738 -2.93 -3.14 10.03
N ASP B 739 -3.59 -4.14 9.45
CA ASP B 739 -4.59 -3.90 8.42
C ASP B 739 -5.71 -3.00 8.93
N LEU B 740 -6.03 -1.98 8.15
CA LEU B 740 -7.09 -1.02 8.49
C LEU B 740 -7.71 -0.50 7.20
N SER B 741 -8.42 0.62 7.32
CA SER B 741 -8.98 1.30 6.16
C SER B 741 -7.92 2.22 5.53
N LYS B 762 -12.70 34.88 -9.73
CA LYS B 762 -11.74 35.70 -10.46
C LYS B 762 -10.43 35.84 -9.70
N GLY B 763 -9.32 35.87 -10.44
CA GLY B 763 -8.02 36.02 -9.83
C GLY B 763 -6.92 36.31 -10.83
N ASP B 764 -5.88 37.00 -10.40
CA ASP B 764 -4.74 37.32 -11.26
C ASP B 764 -3.69 36.22 -11.13
N PHE B 765 -2.50 36.47 -11.69
CA PHE B 765 -1.46 35.45 -11.72
C PHE B 765 -0.98 35.09 -10.31
N LYS B 766 -0.79 36.11 -9.46
CA LYS B 766 -0.29 35.85 -8.12
C LYS B 766 -1.25 34.98 -7.32
N ASP B 767 -2.55 35.20 -7.49
CA ASP B 767 -3.54 34.35 -6.83
C ASP B 767 -3.41 32.90 -7.31
N VAL B 768 -3.16 32.71 -8.61
CA VAL B 768 -2.99 31.37 -9.14
C VAL B 768 -1.78 30.70 -8.51
N ILE B 769 -0.66 31.42 -8.43
CA ILE B 769 0.55 30.85 -7.84
C ILE B 769 0.32 30.49 -6.38
N ALA B 770 -0.35 31.38 -5.64
CA ALA B 770 -0.65 31.10 -4.24
C ALA B 770 -1.54 29.87 -4.10
N LYS B 771 -2.53 29.72 -4.98
CA LYS B 771 -3.39 28.55 -4.93
C LYS B 771 -2.61 27.26 -5.17
N ARG B 772 -1.72 27.27 -6.16
CA ARG B 772 -0.91 26.08 -6.43
C ARG B 772 -0.03 25.73 -5.23
N ARG B 773 0.61 26.74 -4.63
CA ARG B 773 1.48 26.48 -3.49
C ARG B 773 0.69 25.95 -2.30
N ALA B 774 -0.49 26.52 -2.05
CA ALA B 774 -1.33 26.04 -0.95
C ALA B 774 -1.75 24.60 -1.17
N LEU B 775 -2.14 24.26 -2.41
CA LEU B 775 -2.53 22.88 -2.70
C LEU B 775 -1.38 21.92 -2.45
N GLU B 776 -0.17 22.28 -2.91
CA GLU B 776 0.97 21.41 -2.72
C GLU B 776 1.30 21.22 -1.23
N GLU B 777 1.26 22.32 -0.46
CA GLU B 777 1.56 22.22 0.96
C GLU B 777 0.53 21.35 1.68
N LEU B 778 -0.76 21.51 1.36
CA LEU B 778 -1.78 20.69 1.97
C LEU B 778 -1.59 19.23 1.64
N ARG B 779 -1.26 18.92 0.38
CA ARG B 779 -1.05 17.53 0.00
C ARG B 779 0.12 16.92 0.77
N ARG B 780 1.21 17.66 0.89
CA ARG B 780 2.36 17.13 1.61
C ARG B 780 2.05 16.92 3.09
N GLU B 781 1.32 17.85 3.72
CA GLU B 781 0.95 17.65 5.12
C GLU B 781 0.05 16.43 5.30
N GLU B 782 -0.90 16.23 4.38
CA GLU B 782 -1.76 15.05 4.45
C GLU B 782 -0.94 13.76 4.34
N LYS B 783 0.02 13.74 3.41
CA LYS B 783 0.85 12.55 3.24
C LYS B 783 1.65 12.27 4.51
N GLU B 784 2.21 13.32 5.11
CA GLU B 784 2.98 13.13 6.34
C GLU B 784 2.10 12.59 7.46
N ARG B 785 0.88 13.11 7.60
CA ARG B 785 -0.01 12.62 8.65
C ARG B 785 -0.36 11.15 8.45
N VAL B 786 -0.65 10.75 7.21
CA VAL B 786 -0.97 9.36 6.93
C VAL B 786 0.22 8.46 7.27
N GLU B 787 1.42 8.88 6.88
CA GLU B 787 2.62 8.10 7.18
C GLU B 787 2.80 7.94 8.68
N ASN B 788 2.62 9.02 9.44
CA ASN B 788 2.79 8.93 10.90
C ASN B 788 1.76 7.98 11.52
N ARG B 789 0.52 8.04 11.04
CA ARG B 789 -0.52 7.15 11.56
C ARG B 789 -0.16 5.69 11.34
N LYS B 790 0.26 5.36 10.11
CA LYS B 790 0.63 3.98 9.82
C LYS B 790 1.83 3.55 10.66
N LYS B 791 2.79 4.44 10.86
CA LYS B 791 3.93 4.12 11.72
C LYS B 791 3.48 3.76 13.12
N ASN B 792 2.59 4.57 13.71
CA ASN B 792 2.14 4.29 15.07
C ASN B 792 1.43 2.95 15.17
N PHE B 793 0.55 2.66 14.21
CA PHE B 793 -0.20 1.40 14.29
C PHE B 793 0.72 0.20 14.10
N GLU B 794 1.69 0.30 13.20
CA GLU B 794 2.66 -0.79 13.05
C GLU B 794 3.43 -1.01 14.34
N ALA B 795 3.86 0.07 15.00
CA ALA B 795 4.58 -0.07 16.26
C ALA B 795 3.74 -0.78 17.31
N PHE B 796 2.46 -0.40 17.41
CA PHE B 796 1.59 -1.02 18.41
C PHE B 796 1.42 -2.52 18.15
N ARG B 797 1.16 -2.89 16.89
CA ARG B 797 0.96 -4.30 16.59
C ARG B 797 2.22 -5.11 16.86
N THR B 798 3.39 -4.55 16.50
CA THR B 798 4.64 -5.28 16.73
C THR B 798 4.90 -5.46 18.22
N ASN B 799 4.65 -4.42 19.03
CA ASN B 799 4.85 -4.57 20.47
C ASN B 799 3.94 -5.64 21.04
N VAL B 800 2.66 -5.66 20.63
CA VAL B 800 1.75 -6.67 21.16
C VAL B 800 2.20 -8.07 20.77
N LEU B 801 2.59 -8.26 19.51
CA LEU B 801 3.02 -9.58 19.06
C LEU B 801 4.26 -10.05 19.79
N LEU B 802 5.25 -9.15 19.97
CA LEU B 802 6.44 -9.52 20.70
C LEU B 802 6.13 -9.92 22.13
N THR B 803 5.27 -9.14 22.80
CA THR B 803 4.91 -9.47 24.18
C THR B 803 4.27 -10.85 24.26
N TRP B 804 3.32 -11.12 23.37
CA TRP B 804 2.62 -12.40 23.40
C TRP B 804 3.58 -13.57 23.17
N ALA B 805 4.37 -13.50 22.09
CA ALA B 805 5.24 -14.61 21.75
C ALA B 805 6.30 -14.85 22.82
N PHE B 806 6.91 -13.78 23.33
CA PHE B 806 7.95 -13.96 24.33
C PHE B 806 7.39 -14.43 25.66
N SER B 807 6.19 -13.97 26.04
CA SER B 807 5.57 -14.50 27.25
C SER B 807 5.34 -16.00 27.14
N ASN B 808 4.80 -16.44 26.00
CA ASN B 808 4.56 -17.87 25.83
C ASN B 808 5.86 -18.67 25.87
N LEU B 809 6.89 -18.19 25.16
CA LEU B 809 8.16 -18.92 25.13
C LEU B 809 8.79 -19.00 26.50
N ILE B 810 8.83 -17.88 27.23
CA ILE B 810 9.44 -17.87 28.56
C ILE B 810 8.67 -18.79 29.51
N PHE B 811 7.34 -18.74 29.47
CA PHE B 811 6.55 -19.63 30.31
C PHE B 811 6.87 -21.09 30.02
N ALA B 812 6.89 -21.46 28.74
CA ALA B 812 7.15 -22.85 28.38
C ALA B 812 8.53 -23.30 28.84
N LEU B 813 9.55 -22.46 28.61
CA LEU B 813 10.90 -22.85 29.00
C LEU B 813 11.02 -22.99 30.52
N PHE B 814 10.52 -22.02 31.27
CA PHE B 814 10.64 -22.07 32.72
C PHE B 814 9.89 -23.27 33.29
N VAL B 815 8.72 -23.60 32.74
CA VAL B 815 7.99 -24.75 33.26
C VAL B 815 8.61 -26.07 32.82
N VAL B 816 9.30 -26.11 31.67
CA VAL B 816 9.90 -27.37 31.24
C VAL B 816 11.27 -27.60 31.85
N TYR B 817 11.92 -26.58 32.40
CA TYR B 817 13.21 -26.76 33.04
C TYR B 817 13.15 -26.92 34.55
N PHE B 818 12.32 -26.13 35.23
CA PHE B 818 12.27 -26.13 36.68
C PHE B 818 11.11 -26.92 37.26
N ALA B 819 10.32 -27.59 36.44
CA ALA B 819 9.17 -28.34 36.92
C ALA B 819 9.10 -29.69 36.23
N SER B 820 8.50 -30.65 36.91
CA SER B 820 8.35 -32.01 36.41
C SER B 820 6.91 -32.24 36.00
N SER B 821 6.68 -33.36 35.32
CA SER B 821 5.32 -33.70 34.90
C SER B 821 4.42 -33.98 36.09
N SER B 822 4.95 -34.64 37.12
CA SER B 822 4.14 -35.00 38.28
C SER B 822 3.72 -33.79 39.08
N THR B 823 4.54 -32.74 39.10
CA THR B 823 4.25 -31.54 39.84
C THR B 823 3.58 -30.46 38.99
N TYR B 824 3.28 -30.74 37.73
CA TYR B 824 2.64 -29.78 36.86
C TYR B 824 1.31 -30.23 36.29
N MET B 825 1.21 -31.49 35.86
CA MET B 825 -0.03 -31.96 35.25
C MET B 825 -1.25 -31.83 36.14
N PRO B 826 -1.20 -32.14 37.45
CA PRO B 826 -2.41 -31.94 38.27
C PRO B 826 -2.96 -30.54 38.24
N VAL B 827 -2.10 -29.52 38.19
CA VAL B 827 -2.58 -28.15 38.14
C VAL B 827 -3.35 -27.89 36.85
N LEU B 828 -2.82 -28.36 35.71
CA LEU B 828 -3.52 -28.18 34.44
C LEU B 828 -4.85 -28.92 34.45
N TYR B 829 -4.87 -30.14 35.00
CA TYR B 829 -6.12 -30.88 35.08
C TYR B 829 -7.15 -30.14 35.92
N ILE B 830 -6.72 -29.58 37.06
CA ILE B 830 -7.64 -28.85 37.92
C ILE B 830 -8.19 -27.62 37.19
N PHE B 831 -7.32 -26.89 36.49
CA PHE B 831 -7.77 -25.69 35.80
C PHE B 831 -8.80 -26.02 34.72
N VAL B 832 -8.50 -27.01 33.88
CA VAL B 832 -9.42 -27.39 32.81
C VAL B 832 -10.73 -27.89 33.39
N ALA B 833 -10.66 -28.72 34.44
CA ALA B 833 -11.88 -29.24 35.05
C ALA B 833 -12.73 -28.13 35.64
N SER B 834 -12.11 -27.14 36.28
CA SER B 834 -12.86 -26.03 36.83
C SER B 834 -13.58 -25.24 35.74
N LEU B 835 -12.86 -24.92 34.66
CA LEU B 835 -13.48 -24.16 33.57
C LEU B 835 -14.65 -24.92 32.96
N ASN B 836 -14.46 -26.21 32.68
CA ASN B 836 -15.53 -26.97 32.05
C ASN B 836 -16.69 -27.21 33.00
N THR B 837 -16.43 -27.33 34.31
CA THR B 837 -17.52 -27.45 35.26
C THR B 837 -18.35 -26.17 35.28
N CYS B 838 -17.69 -25.01 35.25
CA CYS B 838 -18.44 -23.75 35.21
C CYS B 838 -19.29 -23.66 33.94
N ARG B 839 -18.72 -24.04 32.80
CA ARG B 839 -19.47 -23.99 31.55
C ARG B 839 -20.67 -24.94 31.57
N LEU B 840 -20.48 -26.15 32.11
CA LEU B 840 -21.58 -27.10 32.19
C LEU B 840 -22.68 -26.60 33.11
N LEU B 841 -22.31 -26.00 34.25
CA LEU B 841 -23.32 -25.43 35.12
C LEU B 841 -24.10 -24.32 34.43
N GLY B 842 -23.39 -23.48 33.66
CA GLY B 842 -24.09 -22.45 32.91
C GLY B 842 -25.07 -23.01 31.90
N SER B 843 -24.66 -24.03 31.15
CA SER B 843 -25.55 -24.63 30.16
C SER B 843 -26.78 -25.25 30.83
N ILE B 844 -26.58 -25.96 31.95
CA ILE B 844 -27.70 -26.56 32.66
C ILE B 844 -28.65 -25.48 33.16
N GLY B 845 -28.10 -24.40 33.71
CA GLY B 845 -28.96 -23.32 34.17
C GLY B 845 -29.77 -22.69 33.06
N HIS B 846 -29.15 -22.49 31.89
CA HIS B 846 -29.89 -21.94 30.76
C HIS B 846 -31.01 -22.88 30.32
N TRP B 847 -30.74 -24.18 30.26
CA TRP B 847 -31.80 -25.13 29.89
C TRP B 847 -32.93 -25.09 30.90
N VAL B 848 -32.60 -25.06 32.19
CA VAL B 848 -33.62 -25.02 33.22
C VAL B 848 -34.47 -23.77 33.08
N TYR B 849 -33.83 -22.63 32.84
CA TYR B 849 -34.58 -21.39 32.64
C TYR B 849 -35.51 -21.49 31.44
N ILE B 850 -34.98 -21.92 30.30
CA ILE B 850 -35.78 -21.94 29.08
C ILE B 850 -36.91 -22.95 29.15
N HIS B 851 -36.81 -23.97 30.01
CA HIS B 851 -37.88 -24.94 30.14
C HIS B 851 -38.79 -24.69 31.35
N THR B 852 -38.42 -23.78 32.24
CA THR B 852 -39.21 -23.51 33.44
C THR B 852 -39.90 -22.16 33.44
N GLU B 853 -39.22 -21.10 33.03
CA GLU B 853 -39.76 -19.75 33.15
C GLU B 853 -41.08 -19.61 32.39
N GLY B 854 -41.22 -20.29 31.26
CA GLY B 854 -42.48 -20.22 30.52
C GLY B 854 -43.67 -20.67 31.34
N LEU B 855 -43.51 -21.76 32.09
CA LEU B 855 -44.58 -22.23 32.96
C LEU B 855 -44.68 -21.41 34.24
N ARG B 856 -43.55 -20.95 34.78
CA ARG B 856 -43.51 -20.35 36.12
C ARG B 856 -43.68 -18.83 36.10
N GLY B 857 -43.86 -18.21 34.94
CA GLY B 857 -44.09 -16.77 34.90
C GLY B 857 -45.37 -16.34 35.60
N ARG B 858 -46.32 -17.25 35.77
CA ARG B 858 -47.56 -16.93 36.49
C ARG B 858 -47.28 -16.56 37.94
N VAL B 859 -46.33 -17.25 38.57
CA VAL B 859 -46.02 -16.99 39.97
C VAL B 859 -45.46 -15.59 40.16
N ILE B 860 -44.47 -15.22 39.35
CA ILE B 860 -43.83 -13.91 39.49
C ILE B 860 -43.66 -13.27 38.12
C13 BGI C . 22.90 8.78 -2.25
C17 BGI C . 20.77 9.58 -5.09
C20 BGI C . 18.93 9.87 -6.53
C24 BGI C . 16.03 8.51 -4.70
C28 BGI C . 16.63 9.51 -7.12
C01 BGI C . 24.22 6.52 -0.87
C02 BGI C . 24.97 7.40 -1.89
C03 BGI C . 26.46 7.40 -1.55
C04 BGI C . 27.05 6.09 -2.04
C06 BGI C . 27.05 4.40 -3.58
C07 BGI C . 28.08 3.73 -2.92
C08 BGI C . 28.60 4.27 -1.77
C09 BGI C . 28.06 5.48 -1.31
C12 BGI C . 24.40 8.82 -1.86
C16 BGI C . 21.08 8.52 -4.05
C18 BGI C . 20.11 10.59 -4.53
C19 BGI C . 19.29 11.13 -5.68
C23 BGI C . 17.32 8.93 -5.02
C25 BGI C . 15.05 8.61 -5.69
C32 BGI C . 20.79 7.17 -4.63
N05 BGI C . 26.58 5.55 -3.13
N15 BGI C . 22.51 8.57 -3.66
N22 BGI C . 17.58 9.42 -6.21
N27 BGI C . 15.38 9.11 -6.88
N35 BGI C . 24.57 9.41 -0.58
O10 BGI C . 28.58 2.51 -3.42
O11 BGI C . 27.09 8.47 -2.21
O14 BGI C . 22.08 8.92 -1.44
O21 BGI C . 19.81 8.96 -6.21
O26 BGI C . 13.71 8.19 -5.43
O29 BGI C . 16.89 9.95 -8.20
O30 BGI C . 20.09 11.94 -6.41
O31 BGI C . 21.03 11.66 -4.04
O33 BGI C . 19.65 6.67 -4.53
O34 BGI C . 21.69 6.54 -5.22
C13 BGI D . -20.16 -12.87 5.74
C17 BGI D . -20.89 -9.40 4.93
C20 BGI D . -20.73 -7.16 4.22
C24 BGI D . -17.22 -6.70 3.17
C28 BGI D . -19.45 -5.25 3.49
C01 BGI D . -18.85 -14.59 7.76
C02 BGI D . -20.36 -14.31 7.79
C03 BGI D . -21.06 -15.49 8.46
C04 BGI D . -20.86 -15.36 9.95
C06 BGI D . -20.65 -14.01 11.80
C07 BGI D . -20.50 -15.11 12.63
C08 BGI D . -20.52 -16.39 12.11
C09 BGI D . -20.71 -16.50 10.73
C12 BGI D . -20.87 -14.10 6.37
C16 BGI D . -19.88 -10.32 5.58
C18 BGI D . -20.81 -9.50 3.60
C19 BGI D . -21.27 -8.15 3.14
C23 BGI D . -18.41 -7.29 3.61
C25 BGI D . -17.23 -5.34 2.90
C32 BGI D . -19.18 -9.57 6.69
N05 BGI D . -20.82 -14.16 10.50
N15 BGI D . -20.55 -11.50 6.17
N22 BGI D . -19.49 -6.54 3.75
N27 BGI D . -18.34 -4.65 3.07
N35 BGI D . -20.66 -15.25 5.57
O10 BGI D . -20.31 -14.92 14.02
O11 BGI D . -22.44 -15.45 8.16
O14 BGI D . -19.34 -13.01 4.93
O21 BGI D . -20.53 -7.88 5.29
O26 BGI D . -16.04 -4.68 2.45
O29 BGI D . -20.45 -4.59 3.62
O30 BGI D . -22.62 -8.13 3.14
O31 BGI D . -21.76 -10.55 3.09
O33 BGI D . -18.14 -8.91 6.45
O34 BGI D . -19.64 -9.61 7.85
#